data_8E4I
#
_entry.id   8E4I
#
_cell.length_a   135.884
_cell.length_b   178.740
_cell.length_c   179.823
_cell.angle_alpha   90.000
_cell.angle_beta   90.000
_cell.angle_gamma   90.000
#
_symmetry.space_group_name_H-M   'I 2 2 2'
#
loop_
_entity.id
_entity.type
_entity.pdbx_description
1 polymer 'Chaetomium alpha glucosidase'
2 non-polymer (2R,3R,4R,5S)-2-(hydroxymethyl)-1-(6-{[(4P)-4-(5-methyl-1,2,4-oxadiazol-3-yl)-2-nitrophenyl]amino}hexyl)piperidine-3,4,5-triol
3 non-polymer GLYCEROL
4 non-polymer 'SULFATE ION'
5 non-polymer 2-acetamido-2-deoxy-beta-D-glucopyranose
6 non-polymer 2-[BIS-(2-HYDROXY-ETHYL)-AMINO]-2-HYDROXYMETHYL-PROPANE-1,3-DIOL
7 water water
#
_entity_poly.entity_id   1
_entity_poly.type   'polypeptide(L)'
_entity_poly.pdbx_seq_one_letter_code
;MGILPSPGMPALLSLVSLLSVLLMGCVAETGVEGESILHSEIGRLNNQSLLWGPYRPNIYFGTRPRIGKSLMTGLMWGKI
ESYTDFQHTVRYTCEQNEGMKGYGWDEYDPRRGGIQSIHDIQNGLDITTSFVKIPGGAHGGSWAARIKGTLNDDAPKDQK
TIVVFYVSQEGENSELEAVPSENEFGYEGDVILKGRSEALGNYKLVVTKGKGVIPQSDHDLSRLRGPGQTVVQSLTYPDE
VLWQAKPILFQQLKAGIDWLVENKYDVADPPPPWQVYLLANKPGSGNVHIVQKVFEGDFEFDILFSSESAGKEVTSKDLE
REVKQATEVFGERFARVFDLKAPFQGDNYKKFGKSMFSNLIGGIGYFYGHSLVDRSYAPEYDEENEGFWEDAAEARARHQ
EALEGPYELFTSIPSRPFFPRGFLWDEGFHLLPIADWDIDLALEIIKSWYNLMDEDGWIAREQILGAEARSKVPKEFQTQ
YPHYANPPTLFLVLDNFVERLRKNNASQPVVKDNLSLDETLSTASVDNPEVGLEYLRRLYPLLRRQFDWFRKTQAGDIKS
YDREAYSTKEAYRWRGRTVSHCLTSGLDDYPRPQPPHPGELHVDLMSWVGVMVKSLISIGSLLGATEDVEFYTKVLDAIE
HNLDDLHWSEKEGCYCDATIDEFEEHKLVCHKGYISLFPFLTGLLKPDSPKLGKLLALIGDESELWSPYGLRSLSKKDEF
YGTAENYWRSPVWININYLAIVQLYNIATQDGPYKETARDLYTRLRKNIVETVYRNWEETGFAWEQYNPETGKGQRTQHF
TGWTSLVVKIMSGHHHHHH
;
_entity_poly.pdbx_strand_id   A,B
#
# COMPACT_ATOMS: atom_id res chain seq x y z
N LEU A 38 17.22 -23.97 -18.88
CA LEU A 38 16.76 -23.65 -20.28
C LEU A 38 15.55 -22.71 -20.24
N HIS A 39 14.72 -22.83 -19.20
CA HIS A 39 13.64 -21.87 -19.04
C HIS A 39 14.24 -20.50 -18.76
N SER A 40 15.28 -20.47 -17.92
CA SER A 40 16.08 -19.29 -17.62
C SER A 40 16.66 -18.68 -18.89
N GLU A 41 17.18 -19.53 -19.76
CA GLU A 41 17.75 -19.16 -21.05
C GLU A 41 16.71 -18.50 -21.98
N ILE A 42 15.55 -19.14 -22.20
CA ILE A 42 14.54 -18.60 -23.11
C ILE A 42 14.03 -17.25 -22.59
N GLY A 43 13.97 -17.12 -21.25
CA GLY A 43 13.60 -15.91 -20.53
C GLY A 43 14.53 -14.72 -20.81
N ARG A 44 15.86 -14.97 -20.77
CA ARG A 44 16.86 -13.94 -21.06
C ARG A 44 16.80 -13.50 -22.53
N LEU A 45 16.63 -14.48 -23.43
CA LEU A 45 16.49 -14.23 -24.86
C LEU A 45 15.22 -13.41 -25.14
N ASN A 46 14.13 -13.70 -24.41
CA ASN A 46 12.89 -12.93 -24.53
C ASN A 46 13.11 -11.48 -24.10
N ASN A 47 13.72 -11.32 -22.92
CA ASN A 47 14.11 -10.06 -22.33
C ASN A 47 14.91 -9.24 -23.35
N GLN A 48 15.94 -9.84 -23.96
CA GLN A 48 16.83 -9.15 -24.88
C GLN A 48 16.08 -8.75 -26.14
N SER A 49 15.15 -9.64 -26.55
CA SER A 49 14.40 -9.45 -27.78
C SER A 49 13.39 -8.30 -27.63
N LEU A 50 12.78 -8.18 -26.43
CA LEU A 50 11.64 -7.29 -26.31
C LEU A 50 12.02 -5.96 -25.68
N LEU A 51 13.30 -5.78 -25.32
CA LEU A 51 13.67 -4.65 -24.49
C LEU A 51 13.25 -3.31 -25.11
N TRP A 52 13.64 -3.05 -26.36
CA TRP A 52 13.37 -1.80 -27.04
C TRP A 52 12.06 -1.81 -27.81
N GLY A 53 11.42 -0.65 -27.89
CA GLY A 53 10.25 -0.56 -28.74
C GLY A 53 9.73 0.87 -28.80
N PRO A 54 8.74 1.14 -29.66
CA PRO A 54 8.15 2.48 -29.70
C PRO A 54 7.05 2.41 -28.64
N TYR A 55 7.46 2.12 -27.40
CA TYR A 55 6.57 1.65 -26.34
C TYR A 55 5.92 2.84 -25.63
N ARG A 56 5.65 3.90 -26.40
CA ARG A 56 5.01 5.10 -25.90
C ARG A 56 3.73 5.34 -26.69
N PRO A 57 2.73 4.44 -26.64
CA PRO A 57 1.55 4.60 -27.49
C PRO A 57 0.70 5.81 -27.11
N ASN A 58 0.98 6.46 -25.97
CA ASN A 58 0.24 7.65 -25.62
C ASN A 58 0.68 8.82 -26.50
N ILE A 59 1.77 8.67 -27.26
CA ILE A 59 2.18 9.76 -28.13
C ILE A 59 2.23 9.24 -29.57
N TYR A 60 2.28 10.17 -30.55
CA TYR A 60 2.26 9.75 -31.94
C TYR A 60 3.45 8.84 -32.24
N PHE A 61 4.64 9.28 -31.85
CA PHE A 61 5.82 8.48 -32.10
C PHE A 61 6.91 8.84 -31.10
N GLY A 62 7.38 7.81 -30.40
CA GLY A 62 8.52 7.92 -29.51
C GLY A 62 8.95 6.52 -29.11
N THR A 63 10.13 6.39 -28.52
CA THR A 63 10.64 5.10 -28.10
C THR A 63 11.03 5.16 -26.63
N ARG A 64 11.09 3.97 -26.02
CA ARG A 64 11.63 3.76 -24.69
C ARG A 64 11.89 2.27 -24.51
N PRO A 65 12.88 1.88 -23.68
CA PRO A 65 13.08 0.48 -23.36
C PRO A 65 12.23 0.09 -22.16
N ARG A 66 12.15 -1.22 -21.89
CA ARG A 66 11.40 -1.69 -20.74
C ARG A 66 12.26 -1.56 -19.49
N ILE A 67 12.58 -0.30 -19.14
CA ILE A 67 13.32 0.08 -17.93
C ILE A 67 12.66 1.35 -17.42
N GLY A 68 12.27 1.36 -16.15
CA GLY A 68 11.62 2.54 -15.60
C GLY A 68 12.35 3.86 -15.86
N LYS A 69 13.66 3.90 -15.56
CA LYS A 69 14.40 5.17 -15.55
C LYS A 69 15.54 5.07 -16.55
N SER A 70 15.33 5.60 -17.77
CA SER A 70 16.24 5.36 -18.88
C SER A 70 16.02 6.40 -19.98
N LEU A 71 16.38 6.02 -21.20
CA LEU A 71 16.41 6.90 -22.36
C LEU A 71 15.06 6.80 -23.07
N MET A 72 14.44 7.96 -23.31
CA MET A 72 13.17 8.06 -24.03
C MET A 72 13.28 9.10 -25.16
N THR A 73 12.59 8.82 -26.27
CA THR A 73 12.56 9.81 -27.34
C THR A 73 11.09 10.13 -27.70
N GLY A 74 10.84 11.30 -28.31
CA GLY A 74 9.53 11.56 -28.88
C GLY A 74 9.54 12.60 -30.01
N LEU A 75 8.60 12.46 -30.95
CA LEU A 75 8.50 13.30 -32.12
C LEU A 75 7.44 14.36 -31.91
N MET A 76 7.70 15.59 -32.39
CA MET A 76 6.73 16.66 -32.50
C MET A 76 6.87 17.30 -33.88
N TRP A 77 5.75 17.82 -34.42
CA TRP A 77 5.75 18.55 -35.69
C TRP A 77 4.54 19.46 -35.70
N GLY A 78 4.68 20.58 -36.41
CA GLY A 78 3.52 21.39 -36.74
C GLY A 78 3.88 22.45 -37.78
N LYS A 79 2.91 22.83 -38.62
CA LYS A 79 3.11 23.93 -39.55
C LYS A 79 3.22 25.23 -38.76
N ILE A 80 3.93 26.20 -39.35
CA ILE A 80 3.96 27.55 -38.81
C ILE A 80 3.65 28.51 -39.96
N GLU A 81 2.63 29.33 -39.75
CA GLU A 81 2.11 30.24 -40.76
C GLU A 81 2.07 31.65 -40.20
N SER A 82 2.20 31.77 -38.89
CA SER A 82 2.04 33.06 -38.24
C SER A 82 2.93 33.10 -37.02
N TYR A 83 2.86 34.21 -36.28
CA TYR A 83 3.63 34.39 -35.05
C TYR A 83 2.97 33.69 -33.86
N THR A 84 1.76 33.12 -34.03
CA THR A 84 1.06 32.60 -32.86
C THR A 84 0.44 31.21 -33.07
N ASP A 85 0.65 30.60 -34.22
CA ASP A 85 -0.12 29.43 -34.60
C ASP A 85 0.56 28.15 -34.12
N PHE A 86 1.90 28.13 -34.02
CA PHE A 86 2.60 26.87 -33.82
C PHE A 86 2.22 26.25 -32.48
N GLN A 87 1.89 27.07 -31.47
CA GLN A 87 1.44 26.54 -30.19
C GLN A 87 0.14 25.73 -30.36
N HIS A 88 -0.65 26.04 -31.40
CA HIS A 88 -1.94 25.40 -31.62
C HIS A 88 -1.83 24.24 -32.63
N THR A 89 -0.84 24.25 -33.53
CA THR A 89 -0.71 23.23 -34.56
C THR A 89 0.20 22.09 -34.09
N VAL A 90 1.08 22.34 -33.10
CA VAL A 90 2.08 21.33 -32.80
C VAL A 90 1.42 20.04 -32.30
N ARG A 91 1.96 18.90 -32.74
CA ARG A 91 1.47 17.58 -32.42
C ARG A 91 2.48 16.86 -31.51
N TYR A 92 1.95 16.12 -30.52
CA TYR A 92 2.83 15.30 -29.69
C TYR A 92 2.05 14.14 -29.09
N THR A 93 1.17 14.40 -28.10
CA THR A 93 0.36 13.33 -27.52
C THR A 93 -0.82 13.00 -28.44
N CYS A 94 -1.28 11.74 -28.45
CA CYS A 94 -2.32 11.31 -29.37
C CYS A 94 -3.67 11.97 -29.05
N GLU A 95 -4.39 12.44 -30.09
CA GLU A 95 -5.76 12.92 -29.97
C GLU A 95 -6.51 12.43 -31.21
N GLN A 96 -7.82 12.67 -31.23
CA GLN A 96 -8.63 12.38 -32.39
C GLN A 96 -9.77 13.38 -32.40
N ASN A 97 -9.80 14.22 -33.43
CA ASN A 97 -10.77 15.30 -33.60
C ASN A 97 -10.79 15.62 -35.09
N GLU A 98 -11.50 16.71 -35.47
CA GLU A 98 -11.72 17.06 -36.87
C GLU A 98 -10.41 17.37 -37.61
N GLY A 99 -9.38 17.80 -36.89
CA GLY A 99 -8.11 18.20 -37.50
C GLY A 99 -7.23 17.01 -37.91
N MET A 100 -7.67 15.78 -37.59
CA MET A 100 -6.88 14.58 -37.84
C MET A 100 -7.73 13.53 -38.56
N LYS A 101 -7.36 13.22 -39.80
CA LYS A 101 -8.12 12.24 -40.56
C LYS A 101 -8.06 10.87 -39.88
N GLY A 102 -6.87 10.49 -39.41
CA GLY A 102 -6.66 9.18 -38.86
C GLY A 102 -5.18 8.86 -38.74
N TYR A 103 -4.87 7.75 -38.07
CA TYR A 103 -3.48 7.35 -37.93
C TYR A 103 -3.48 5.94 -37.37
N GLY A 104 -2.37 5.22 -37.56
CA GLY A 104 -2.26 3.90 -36.96
C GLY A 104 -1.12 3.13 -37.57
N TRP A 105 -0.92 1.90 -37.09
CA TRP A 105 0.16 1.04 -37.56
C TRP A 105 -0.31 0.26 -38.78
N ASP A 106 0.50 0.25 -39.85
CA ASP A 106 0.12 -0.57 -40.99
C ASP A 106 0.63 -2.00 -40.79
N GLU A 107 1.78 -2.12 -40.13
CA GLU A 107 2.38 -3.39 -39.80
C GLU A 107 3.07 -3.18 -38.47
N TYR A 108 3.10 -4.21 -37.64
CA TYR A 108 3.87 -4.06 -36.41
C TYR A 108 4.11 -5.43 -35.81
N ASP A 109 5.32 -5.60 -35.28
CA ASP A 109 5.67 -6.74 -34.46
C ASP A 109 6.69 -6.20 -33.48
N PRO A 110 6.44 -6.26 -32.17
CA PRO A 110 7.33 -5.61 -31.22
C PRO A 110 8.73 -6.21 -31.20
N ARG A 111 8.95 -7.41 -31.74
CA ARG A 111 10.31 -7.91 -31.85
C ARG A 111 11.06 -7.23 -32.99
N ARG A 112 10.36 -6.83 -34.07
CA ARG A 112 11.04 -6.39 -35.30
C ARG A 112 10.90 -4.88 -35.56
N GLY A 113 9.73 -4.34 -35.18
CA GLY A 113 9.38 -2.97 -35.50
C GLY A 113 8.15 -2.93 -36.39
N GLY A 114 7.97 -1.82 -37.12
CA GLY A 114 6.84 -1.70 -38.02
C GLY A 114 6.79 -0.34 -38.68
N ILE A 115 5.64 -0.01 -39.28
CA ILE A 115 5.45 1.24 -40.00
C ILE A 115 4.11 1.82 -39.59
N GLN A 116 4.13 3.11 -39.24
CA GLN A 116 2.94 3.83 -38.85
C GLN A 116 2.68 4.93 -39.89
N SER A 117 1.38 5.16 -40.16
CA SER A 117 0.90 6.20 -41.07
C SER A 117 0.05 7.20 -40.28
N ILE A 118 0.30 8.51 -40.50
CA ILE A 118 -0.40 9.58 -39.82
C ILE A 118 -0.94 10.55 -40.87
N HIS A 119 -2.26 10.81 -40.83
CA HIS A 119 -2.93 11.64 -41.82
C HIS A 119 -3.49 12.87 -41.11
N ASP A 120 -2.73 13.98 -41.21
CA ASP A 120 -2.96 15.15 -40.38
C ASP A 120 -3.52 16.26 -41.26
N ILE A 121 -4.80 16.60 -41.04
CA ILE A 121 -5.47 17.61 -41.86
C ILE A 121 -4.97 18.99 -41.47
N GLN A 122 -4.98 19.27 -40.16
CA GLN A 122 -4.60 20.55 -39.65
C GLN A 122 -3.23 20.95 -40.19
N ASN A 123 -2.28 20.02 -40.23
CA ASN A 123 -0.93 20.36 -40.62
C ASN A 123 -0.65 19.99 -42.07
N GLY A 124 -1.69 19.60 -42.81
CA GLY A 124 -1.64 19.33 -44.24
C GLY A 124 -0.57 18.31 -44.61
N LEU A 125 -0.38 17.30 -43.75
CA LEU A 125 0.78 16.43 -43.85
C LEU A 125 0.37 14.97 -43.75
N ASP A 126 0.93 14.16 -44.66
CA ASP A 126 0.92 12.70 -44.54
C ASP A 126 2.31 12.26 -44.09
N ILE A 127 2.33 11.65 -42.90
CA ILE A 127 3.56 11.27 -42.25
C ILE A 127 3.63 9.74 -42.12
N THR A 128 4.85 9.22 -42.26
CA THR A 128 5.22 7.84 -42.08
C THR A 128 6.36 7.79 -41.04
N THR A 129 6.27 6.86 -40.08
CA THR A 129 7.33 6.65 -39.11
C THR A 129 7.61 5.15 -39.13
N SER A 130 8.79 4.76 -39.64
CA SER A 130 9.19 3.38 -39.78
C SER A 130 10.18 3.10 -38.67
N PHE A 131 9.96 2.03 -37.90
CA PHE A 131 10.85 1.74 -36.79
C PHE A 131 11.35 0.30 -36.94
N VAL A 132 12.62 0.07 -36.59
CA VAL A 132 13.21 -1.23 -36.83
C VAL A 132 14.26 -1.47 -35.77
N LYS A 133 14.31 -2.72 -35.29
CA LYS A 133 15.26 -3.10 -34.27
C LYS A 133 16.32 -3.98 -34.93
N ILE A 134 17.58 -3.85 -34.47
CA ILE A 134 18.70 -4.60 -35.00
C ILE A 134 19.41 -5.27 -33.84
N PRO A 135 19.18 -6.59 -33.65
CA PRO A 135 19.77 -7.35 -32.52
C PRO A 135 21.29 -7.24 -32.47
N GLY A 136 21.86 -7.42 -31.27
CA GLY A 136 23.31 -7.41 -31.15
C GLY A 136 23.75 -6.76 -29.85
N GLY A 137 24.97 -7.13 -29.41
CA GLY A 137 25.52 -6.63 -28.16
C GLY A 137 24.83 -7.27 -26.96
N ALA A 138 24.91 -6.59 -25.81
CA ALA A 138 24.46 -7.18 -24.56
C ALA A 138 23.39 -6.33 -23.93
N HIS A 139 22.88 -5.31 -24.66
CA HIS A 139 22.09 -4.28 -24.00
C HIS A 139 20.72 -4.12 -24.67
N GLY A 140 20.32 -5.13 -25.44
CA GLY A 140 19.01 -5.18 -26.01
C GLY A 140 19.01 -4.66 -27.44
N GLY A 141 20.21 -4.55 -28.02
CA GLY A 141 20.31 -4.27 -29.44
C GLY A 141 20.15 -2.78 -29.76
N SER A 142 20.09 -2.50 -31.06
CA SER A 142 20.06 -1.19 -31.67
C SER A 142 18.69 -1.02 -32.32
N TRP A 143 18.44 0.19 -32.86
CA TRP A 143 17.17 0.46 -33.53
C TRP A 143 17.32 1.73 -34.34
N ALA A 144 16.41 1.90 -35.30
CA ALA A 144 16.46 3.08 -36.15
C ALA A 144 15.04 3.47 -36.54
N ALA A 145 14.87 4.73 -36.95
CA ALA A 145 13.55 5.17 -37.37
C ALA A 145 13.74 6.14 -38.53
N ARG A 146 12.84 6.06 -39.50
CA ARG A 146 12.76 7.07 -40.54
C ARG A 146 11.47 7.83 -40.35
N ILE A 147 11.56 9.16 -40.30
CA ILE A 147 10.39 10.01 -40.24
C ILE A 147 10.20 10.68 -41.61
N LYS A 148 9.10 10.41 -42.30
CA LYS A 148 8.89 11.01 -43.62
C LYS A 148 7.63 11.86 -43.63
N GLY A 149 7.74 13.13 -44.04
CA GLY A 149 6.53 13.93 -44.16
C GLY A 149 6.26 14.35 -45.60
N THR A 150 5.06 14.07 -46.10
CA THR A 150 4.68 14.47 -47.45
C THR A 150 3.51 15.44 -47.34
N LEU A 151 3.64 16.67 -47.87
CA LEU A 151 2.52 17.57 -47.84
C LEU A 151 1.38 16.98 -48.69
N ASN A 152 0.13 17.14 -48.22
CA ASN A 152 -1.04 16.70 -48.96
C ASN A 152 -1.36 17.72 -50.06
N ASP A 153 -2.39 17.42 -50.86
CA ASP A 153 -2.66 18.26 -52.03
C ASP A 153 -3.20 19.62 -51.61
N ASP A 154 -3.75 19.69 -50.38
CA ASP A 154 -4.38 20.92 -49.94
C ASP A 154 -3.36 21.89 -49.37
N ALA A 155 -2.23 21.38 -48.86
CA ALA A 155 -1.25 22.22 -48.19
C ALA A 155 -0.62 23.20 -49.18
N PRO A 156 -0.24 24.44 -48.76
CA PRO A 156 0.59 25.31 -49.58
C PRO A 156 1.93 24.62 -49.85
N LYS A 157 2.39 24.66 -51.10
CA LYS A 157 3.59 23.96 -51.56
C LYS A 157 4.82 24.47 -50.79
N ASP A 158 4.72 25.67 -50.21
CA ASP A 158 5.86 26.25 -49.52
C ASP A 158 5.64 26.27 -47.98
N GLN A 159 4.71 25.45 -47.49
CA GLN A 159 4.53 25.28 -46.06
C GLN A 159 5.88 25.12 -45.34
N LYS A 160 5.99 25.84 -44.24
CA LYS A 160 7.04 25.61 -43.26
C LYS A 160 6.50 24.69 -42.16
N THR A 161 7.18 23.55 -41.94
CA THR A 161 6.89 22.63 -40.85
C THR A 161 8.08 22.59 -39.88
N ILE A 162 7.81 22.86 -38.60
CA ILE A 162 8.77 22.64 -37.52
C ILE A 162 8.71 21.18 -37.11
N VAL A 163 9.89 20.54 -37.02
CA VAL A 163 10.00 19.17 -36.54
C VAL A 163 10.99 19.17 -35.38
N VAL A 164 10.62 18.49 -34.29
CA VAL A 164 11.46 18.37 -33.11
C VAL A 164 11.63 16.88 -32.78
N PHE A 165 12.88 16.50 -32.51
CA PHE A 165 13.15 15.21 -31.90
C PHE A 165 13.64 15.48 -30.48
N TYR A 166 12.84 15.05 -29.50
CA TYR A 166 13.08 15.34 -28.09
C TYR A 166 13.65 14.08 -27.43
N VAL A 167 14.78 14.24 -26.71
CA VAL A 167 15.47 13.12 -26.08
C VAL A 167 15.69 13.42 -24.59
N SER A 168 15.37 12.44 -23.74
CA SER A 168 15.57 12.62 -22.32
C SER A 168 16.20 11.36 -21.72
N GLN A 169 16.94 11.51 -20.61
CA GLN A 169 17.46 10.36 -19.89
C GLN A 169 17.33 10.55 -18.38
N GLU A 170 16.69 9.55 -17.76
CA GLU A 170 16.46 9.49 -16.32
C GLU A 170 17.46 8.52 -15.71
N GLY A 171 17.96 8.86 -14.52
CA GLY A 171 18.95 8.06 -13.81
C GLY A 171 20.07 8.94 -13.20
N GLU A 172 20.58 8.53 -12.02
CA GLU A 172 21.57 9.31 -11.29
C GLU A 172 22.96 9.27 -11.94
N ASN A 173 23.40 8.08 -12.39
CA ASN A 173 24.78 7.86 -12.83
C ASN A 173 24.83 7.58 -14.32
N SER A 174 24.25 8.51 -15.10
CA SER A 174 24.18 8.30 -16.53
C SER A 174 24.45 9.61 -17.27
N GLU A 175 24.81 9.49 -18.53
CA GLU A 175 25.30 10.69 -19.17
C GLU A 175 24.84 10.65 -20.62
N LEU A 176 24.65 11.87 -21.16
CA LEU A 176 24.24 12.04 -22.53
C LEU A 176 24.73 13.40 -23.00
N GLU A 177 25.42 13.42 -24.14
CA GLU A 177 26.00 14.67 -24.61
C GLU A 177 25.85 14.82 -26.13
N ALA A 178 25.39 15.99 -26.58
CA ALA A 178 25.40 16.38 -27.99
C ALA A 178 26.80 16.84 -28.37
N VAL A 179 27.42 16.16 -29.36
CA VAL A 179 28.69 16.64 -29.88
C VAL A 179 28.45 17.96 -30.62
N PRO A 180 29.19 19.06 -30.30
CA PRO A 180 29.01 20.35 -30.97
C PRO A 180 29.24 20.25 -32.48
N SER A 181 28.60 21.12 -33.26
CA SER A 181 28.84 21.15 -34.70
C SER A 181 30.14 21.92 -34.96
N GLU A 182 30.63 21.86 -36.20
CA GLU A 182 31.80 22.63 -36.62
C GLU A 182 31.33 24.05 -36.88
N ASN A 183 30.15 24.16 -37.52
CA ASN A 183 29.54 25.39 -37.96
C ASN A 183 29.09 26.25 -36.78
N GLU A 184 28.79 27.52 -37.06
CA GLU A 184 28.71 28.53 -36.02
C GLU A 184 27.36 28.50 -35.28
N PHE A 185 26.26 28.32 -36.02
CA PHE A 185 24.94 28.62 -35.50
C PHE A 185 24.06 27.37 -35.39
N GLY A 186 24.64 26.18 -35.59
CA GLY A 186 23.83 24.99 -35.76
C GLY A 186 24.54 23.96 -36.63
N TYR A 187 23.79 22.98 -37.15
CA TYR A 187 24.36 21.80 -37.77
C TYR A 187 24.02 21.77 -39.26
N GLU A 188 25.05 21.57 -40.08
CA GLU A 188 24.87 21.40 -41.52
C GLU A 188 24.54 19.95 -41.78
N GLY A 189 25.09 19.05 -40.95
CA GLY A 189 24.91 17.62 -41.17
C GLY A 189 24.15 16.96 -40.03
N ASP A 190 24.66 15.79 -39.58
CA ASP A 190 23.98 14.94 -38.63
C ASP A 190 24.22 15.47 -37.22
N VAL A 191 23.28 15.19 -36.32
CA VAL A 191 23.46 15.52 -34.91
C VAL A 191 23.81 14.21 -34.20
N ILE A 192 24.92 14.19 -33.44
CA ILE A 192 25.34 12.97 -32.77
C ILE A 192 25.20 13.16 -31.26
N LEU A 193 24.45 12.25 -30.60
CA LEU A 193 24.41 12.25 -29.15
C LEU A 193 25.17 11.00 -28.71
N LYS A 194 26.13 11.22 -27.81
CA LYS A 194 26.89 10.16 -27.16
C LYS A 194 26.37 10.08 -25.71
N GLY A 195 26.00 8.88 -25.27
CA GLY A 195 25.58 8.72 -23.90
C GLY A 195 25.95 7.36 -23.31
N ARG A 196 25.62 7.21 -22.01
CA ARG A 196 26.00 6.03 -21.27
C ARG A 196 25.09 5.89 -20.05
N SER A 197 24.74 4.62 -19.74
CA SER A 197 24.10 4.28 -18.48
C SER A 197 24.40 2.81 -18.11
N GLU A 198 24.20 2.47 -16.81
CA GLU A 198 24.32 1.09 -16.35
C GLU A 198 23.45 0.14 -17.19
N ALA A 199 22.22 0.55 -17.47
CA ALA A 199 21.27 -0.34 -18.14
C ALA A 199 21.61 -0.53 -19.62
N LEU A 200 22.07 0.55 -20.29
CA LEU A 200 22.25 0.53 -21.74
C LEU A 200 23.73 0.45 -22.13
N GLY A 201 24.64 0.55 -21.16
CA GLY A 201 26.05 0.63 -21.51
C GLY A 201 26.27 1.91 -22.31
N ASN A 202 27.27 1.90 -23.21
CA ASN A 202 27.56 3.04 -24.06
C ASN A 202 26.68 2.96 -25.30
N TYR A 203 26.26 4.13 -25.82
CA TYR A 203 25.47 4.19 -27.06
C TYR A 203 25.68 5.53 -27.77
N LYS A 204 25.30 5.56 -29.05
CA LYS A 204 25.14 6.84 -29.69
C LYS A 204 23.79 6.88 -30.40
N LEU A 205 23.21 8.09 -30.42
CA LEU A 205 21.91 8.31 -31.02
C LEU A 205 22.11 9.45 -32.01
N VAL A 206 21.93 9.13 -33.30
CA VAL A 206 22.15 10.12 -34.35
C VAL A 206 20.83 10.57 -34.99
N VAL A 207 20.69 11.89 -35.19
CA VAL A 207 19.59 12.41 -35.99
C VAL A 207 20.20 12.96 -37.28
N THR A 208 19.95 12.24 -38.38
CA THR A 208 20.61 12.53 -39.65
C THR A 208 20.17 13.89 -40.18
N LYS A 209 20.93 14.42 -41.15
CA LYS A 209 20.63 15.73 -41.73
C LYS A 209 19.25 15.69 -42.39
N GLY A 210 18.96 14.55 -43.01
CA GLY A 210 17.71 14.34 -43.73
C GLY A 210 17.69 15.04 -45.10
N LYS A 211 16.52 14.97 -45.75
CA LYS A 211 16.30 15.47 -47.09
C LYS A 211 15.12 16.45 -47.02
N GLY A 212 15.27 17.62 -47.68
CA GLY A 212 14.20 18.57 -47.92
C GLY A 212 14.75 20.01 -47.88
N VAL A 213 14.00 20.94 -48.45
CA VAL A 213 14.44 22.32 -48.47
C VAL A 213 14.44 22.86 -47.04
N ILE A 214 15.55 23.52 -46.69
CA ILE A 214 15.59 24.19 -45.42
C ILE A 214 15.56 25.70 -45.66
N PRO A 215 14.51 26.42 -45.21
CA PRO A 215 14.35 27.84 -45.53
C PRO A 215 15.50 28.68 -44.98
N GLN A 216 15.78 29.79 -45.66
CA GLN A 216 16.90 30.63 -45.26
C GLN A 216 16.36 32.03 -45.03
N SER A 217 16.76 32.66 -43.93
CA SER A 217 16.30 34.00 -43.64
C SER A 217 17.35 35.03 -44.03
N ASP A 218 16.91 36.12 -44.69
CA ASP A 218 17.81 37.18 -45.09
C ASP A 218 17.79 38.28 -44.03
N HIS A 219 17.08 38.05 -42.92
CA HIS A 219 16.94 39.06 -41.89
C HIS A 219 18.28 39.32 -41.19
N ASP A 220 18.41 40.52 -40.63
CA ASP A 220 19.49 40.87 -39.71
C ASP A 220 19.73 39.83 -38.62
N LEU A 221 18.67 39.22 -38.10
CA LEU A 221 18.79 38.23 -37.03
C LEU A 221 19.74 37.11 -37.44
N SER A 222 19.79 36.80 -38.75
CA SER A 222 20.60 35.67 -39.22
C SER A 222 22.08 35.88 -38.90
N ARG A 223 22.51 37.13 -38.75
CA ARG A 223 23.86 37.47 -38.28
C ARG A 223 24.14 36.83 -36.92
N LEU A 224 23.12 36.72 -36.05
CA LEU A 224 23.35 36.19 -34.71
C LEU A 224 22.82 34.78 -34.53
N ARG A 225 21.82 34.40 -35.34
N ARG A 225 21.84 34.38 -35.34
CA ARG A 225 21.11 33.13 -35.17
CA ARG A 225 21.20 33.09 -35.10
C ARG A 225 21.43 32.18 -36.31
C ARG A 225 21.37 32.20 -36.34
N GLY A 226 22.13 32.70 -37.32
CA GLY A 226 22.36 31.95 -38.55
C GLY A 226 21.17 32.08 -39.50
N PRO A 227 21.31 31.76 -40.80
CA PRO A 227 20.23 31.95 -41.77
C PRO A 227 19.11 30.93 -41.65
N GLY A 228 19.38 29.82 -40.96
CA GLY A 228 18.41 28.74 -40.81
C GLY A 228 19.12 27.39 -40.97
N GLN A 229 19.04 26.54 -39.95
CA GLN A 229 19.78 25.28 -39.87
C GLN A 229 19.22 24.46 -38.70
N THR A 230 19.54 23.15 -38.67
CA THR A 230 19.23 22.28 -37.54
C THR A 230 19.91 22.84 -36.31
N VAL A 231 19.19 22.89 -35.18
CA VAL A 231 19.78 23.32 -33.92
C VAL A 231 19.55 22.27 -32.83
N VAL A 232 20.38 22.31 -31.77
CA VAL A 232 20.26 21.45 -30.60
C VAL A 232 20.37 22.28 -29.33
N GLN A 233 19.40 22.11 -28.42
CA GLN A 233 19.59 22.63 -27.06
C GLN A 233 19.70 21.46 -26.09
N SER A 234 20.75 21.52 -25.26
CA SER A 234 20.94 20.50 -24.24
C SER A 234 20.69 21.11 -22.88
N LEU A 235 19.84 20.47 -22.06
CA LEU A 235 19.32 21.08 -20.85
C LEU A 235 19.29 20.05 -19.74
N THR A 236 19.11 20.51 -18.50
CA THR A 236 18.77 19.58 -17.42
CA THR A 236 18.78 19.58 -17.42
C THR A 236 17.62 20.10 -16.57
N TYR A 237 16.77 19.15 -16.18
CA TYR A 237 15.66 19.32 -15.27
C TYR A 237 15.72 18.14 -14.30
N PRO A 238 15.09 18.23 -13.12
CA PRO A 238 14.98 17.06 -12.25
C PRO A 238 14.28 15.96 -13.03
N ASP A 239 14.82 14.75 -12.96
CA ASP A 239 14.34 13.55 -13.64
C ASP A 239 12.81 13.44 -13.70
N GLU A 240 12.10 13.80 -12.63
CA GLU A 240 10.73 13.35 -12.56
C GLU A 240 9.86 14.15 -13.54
N VAL A 241 10.41 15.21 -14.15
CA VAL A 241 9.60 16.06 -15.01
C VAL A 241 10.01 16.01 -16.47
N LEU A 242 10.95 15.12 -16.83
CA LEU A 242 11.50 15.14 -18.17
C LEU A 242 10.43 14.74 -19.20
N TRP A 243 9.38 14.02 -18.75
CA TRP A 243 8.30 13.55 -19.60
C TRP A 243 7.52 14.73 -20.18
N GLN A 244 7.58 15.89 -19.51
CA GLN A 244 6.76 17.03 -19.93
C GLN A 244 7.39 17.78 -21.11
N ALA A 245 7.45 17.09 -22.24
CA ALA A 245 8.24 17.56 -23.37
C ALA A 245 7.65 18.83 -23.98
N LYS A 246 6.32 18.92 -24.09
CA LYS A 246 5.71 20.10 -24.69
C LYS A 246 6.05 21.38 -23.89
N PRO A 247 5.73 21.42 -22.57
CA PRO A 247 6.07 22.60 -21.77
C PRO A 247 7.57 22.94 -21.76
N ILE A 248 8.43 21.91 -21.74
CA ILE A 248 9.87 22.14 -21.69
C ILE A 248 10.29 22.82 -23.00
N LEU A 249 9.79 22.29 -24.12
CA LEU A 249 10.11 22.89 -25.39
C LEU A 249 9.62 24.34 -25.39
N PHE A 250 8.35 24.53 -25.02
CA PHE A 250 7.74 25.86 -25.12
C PHE A 250 8.47 26.88 -24.24
N GLN A 251 8.97 26.41 -23.10
CA GLN A 251 9.70 27.29 -22.21
C GLN A 251 10.92 27.81 -22.96
N GLN A 252 11.58 26.94 -23.76
CA GLN A 252 12.75 27.34 -24.53
C GLN A 252 12.37 28.31 -25.66
N LEU A 253 11.26 28.04 -26.34
CA LEU A 253 10.76 28.89 -27.42
C LEU A 253 10.49 30.28 -26.86
N LYS A 254 9.79 30.31 -25.72
CA LYS A 254 9.46 31.57 -25.09
C LYS A 254 10.72 32.34 -24.69
N ALA A 255 11.76 31.65 -24.22
CA ALA A 255 13.01 32.32 -23.84
C ALA A 255 13.65 32.99 -25.07
N GLY A 256 13.68 32.26 -26.21
CA GLY A 256 14.14 32.82 -27.47
C GLY A 256 13.35 34.07 -27.87
N ILE A 257 12.02 34.02 -27.74
CA ILE A 257 11.22 35.17 -28.12
C ILE A 257 11.50 36.34 -27.19
N ASP A 258 11.68 36.08 -25.89
CA ASP A 258 12.00 37.15 -24.96
C ASP A 258 13.32 37.81 -25.33
N TRP A 259 14.31 36.99 -25.72
CA TRP A 259 15.59 37.49 -26.16
C TRP A 259 15.41 38.41 -27.38
N LEU A 260 14.59 38.00 -28.36
CA LEU A 260 14.30 38.85 -29.48
C LEU A 260 13.85 40.22 -28.99
N VAL A 261 12.87 40.23 -28.07
CA VAL A 261 12.29 41.47 -27.56
C VAL A 261 13.38 42.31 -26.90
N GLU A 262 14.25 41.69 -26.10
CA GLU A 262 15.22 42.45 -25.32
C GLU A 262 16.24 43.09 -26.26
N ASN A 263 16.44 42.47 -27.44
CA ASN A 263 17.52 42.84 -28.35
C ASN A 263 16.99 43.62 -29.55
N LYS A 264 15.78 44.18 -29.45
CA LYS A 264 15.28 45.21 -30.34
C LYS A 264 14.84 44.62 -31.68
N TYR A 265 14.54 43.30 -31.71
CA TYR A 265 13.85 42.73 -32.87
C TYR A 265 12.33 42.84 -32.67
N ASP A 266 11.65 43.66 -33.49
CA ASP A 266 10.30 44.16 -33.20
C ASP A 266 9.41 44.20 -34.44
N VAL A 267 8.23 44.85 -34.30
CA VAL A 267 7.17 44.74 -35.30
C VAL A 267 7.42 45.72 -36.44
N ALA A 268 8.41 46.59 -36.27
CA ALA A 268 8.78 47.48 -37.36
C ALA A 268 9.44 46.67 -38.48
N ASP A 269 10.17 45.61 -38.11
CA ASP A 269 10.93 44.78 -39.03
C ASP A 269 11.15 43.39 -38.42
N PRO A 270 10.11 42.53 -38.37
CA PRO A 270 10.19 41.29 -37.61
C PRO A 270 10.82 40.17 -38.44
N PRO A 271 11.61 39.25 -37.83
CA PRO A 271 12.13 38.10 -38.56
C PRO A 271 10.92 37.25 -38.97
N PRO A 272 11.06 36.33 -39.96
CA PRO A 272 9.95 35.46 -40.33
C PRO A 272 9.52 34.56 -39.16
N PRO A 273 8.24 34.11 -39.11
CA PRO A 273 7.80 33.26 -38.00
C PRO A 273 8.72 32.08 -37.71
N TRP A 274 9.13 31.38 -38.77
CA TRP A 274 9.82 30.12 -38.57
C TRP A 274 11.19 30.36 -37.94
N GLN A 275 11.68 31.61 -38.07
CA GLN A 275 12.98 31.94 -37.53
C GLN A 275 12.79 32.42 -36.09
N VAL A 276 11.67 33.11 -35.84
CA VAL A 276 11.28 33.50 -34.49
C VAL A 276 11.16 32.26 -33.61
N TYR A 277 10.66 31.14 -34.17
CA TYR A 277 10.44 29.89 -33.47
C TYR A 277 11.58 28.87 -33.65
N LEU A 278 12.77 29.33 -34.11
CA LEU A 278 13.92 28.42 -34.20
C LEU A 278 14.87 28.69 -33.05
N LEU A 279 15.14 27.65 -32.26
CA LEU A 279 15.88 27.82 -31.01
C LEU A 279 17.30 28.23 -31.35
N ALA A 280 17.92 29.07 -30.48
CA ALA A 280 19.36 29.32 -30.54
C ALA A 280 20.09 28.01 -30.24
N ASN A 281 21.05 27.63 -31.06
CA ASN A 281 21.81 26.41 -30.91
C ASN A 281 22.65 26.49 -29.63
N LYS A 282 22.51 25.51 -28.72
CA LYS A 282 23.36 25.45 -27.53
C LYS A 282 23.53 24.01 -27.09
N PRO A 283 24.21 23.15 -27.90
CA PRO A 283 24.39 21.74 -27.54
C PRO A 283 25.35 21.65 -26.37
N GLY A 284 25.29 20.50 -25.67
CA GLY A 284 26.03 20.28 -24.44
C GLY A 284 25.70 18.93 -23.82
N SER A 285 25.99 18.82 -22.54
CA SER A 285 25.57 17.65 -21.81
C SER A 285 24.32 18.03 -21.03
N GLY A 286 23.45 17.05 -20.77
CA GLY A 286 22.26 17.30 -19.99
C GLY A 286 21.40 16.04 -19.99
N ASN A 287 20.26 16.10 -19.29
CA ASN A 287 19.33 14.98 -19.32
C ASN A 287 18.18 15.25 -20.28
N VAL A 288 18.16 16.46 -20.92
CA VAL A 288 17.23 16.72 -22.01
C VAL A 288 17.96 17.26 -23.25
N HIS A 289 17.61 16.75 -24.44
CA HIS A 289 18.23 17.25 -25.67
C HIS A 289 17.15 17.50 -26.70
N ILE A 290 17.00 18.77 -27.14
CA ILE A 290 15.97 19.11 -28.11
C ILE A 290 16.65 19.29 -29.47
N VAL A 291 16.24 18.48 -30.45
CA VAL A 291 16.78 18.59 -31.80
C VAL A 291 15.67 19.16 -32.70
N GLN A 292 15.89 20.34 -33.28
CA GLN A 292 14.87 21.07 -34.03
C GLN A 292 15.34 21.27 -35.47
N LYS A 293 14.43 21.02 -36.43
CA LYS A 293 14.57 21.27 -37.86
C LYS A 293 13.32 22.00 -38.35
N VAL A 294 13.52 22.90 -39.32
CA VAL A 294 12.45 23.53 -40.06
C VAL A 294 12.64 23.11 -41.51
N PHE A 295 11.55 22.70 -42.14
CA PHE A 295 11.58 22.33 -43.53
C PHE A 295 10.50 23.11 -44.28
N GLU A 296 10.77 23.34 -45.57
CA GLU A 296 9.77 23.87 -46.48
C GLU A 296 9.45 22.74 -47.46
N GLY A 297 8.17 22.40 -47.60
CA GLY A 297 7.82 21.29 -48.48
C GLY A 297 8.09 19.92 -47.84
N ASP A 298 8.24 18.88 -48.65
CA ASP A 298 8.37 17.52 -48.15
C ASP A 298 9.70 17.37 -47.42
N PHE A 299 9.77 16.42 -46.49
CA PHE A 299 11.00 16.22 -45.73
C PHE A 299 11.11 14.77 -45.29
N GLU A 300 12.33 14.35 -44.90
CA GLU A 300 12.54 13.11 -44.17
C GLU A 300 13.89 13.16 -43.46
N PHE A 301 14.00 12.40 -42.37
CA PHE A 301 15.24 12.29 -41.63
C PHE A 301 15.19 10.96 -40.87
N ASP A 302 16.36 10.49 -40.45
CA ASP A 302 16.51 9.21 -39.78
C ASP A 302 16.95 9.41 -38.33
N ILE A 303 16.63 8.45 -37.48
CA ILE A 303 17.16 8.43 -36.15
C ILE A 303 17.84 7.08 -36.03
N LEU A 304 19.12 7.06 -35.64
CA LEU A 304 19.91 5.84 -35.61
C LEU A 304 20.49 5.65 -34.21
N PHE A 305 19.97 4.63 -33.51
CA PHE A 305 20.42 4.32 -32.17
C PHE A 305 21.40 3.14 -32.27
N SER A 306 22.64 3.39 -31.86
CA SER A 306 23.70 2.40 -32.02
C SER A 306 24.18 1.96 -30.65
N SER A 307 23.86 0.72 -30.30
CA SER A 307 24.34 0.13 -29.05
C SER A 307 25.82 -0.20 -29.18
N GLU A 308 26.66 0.35 -28.29
CA GLU A 308 28.09 0.23 -28.53
C GLU A 308 28.55 -1.22 -28.42
N SER A 309 28.01 -1.95 -27.43
CA SER A 309 28.33 -3.35 -27.22
C SER A 309 28.03 -4.22 -28.43
N ALA A 310 27.36 -3.70 -29.48
CA ALA A 310 26.95 -4.49 -30.63
C ALA A 310 28.00 -4.48 -31.74
N GLY A 311 28.98 -3.58 -31.60
CA GLY A 311 30.00 -3.43 -32.63
C GLY A 311 29.61 -2.38 -33.66
N LYS A 312 29.53 -2.77 -34.95
CA LYS A 312 29.39 -1.80 -36.03
C LYS A 312 28.10 -1.01 -35.81
N GLU A 313 28.22 0.30 -35.94
CA GLU A 313 27.11 1.22 -35.70
C GLU A 313 26.10 1.15 -36.84
N VAL A 314 24.85 1.56 -36.54
CA VAL A 314 23.73 1.46 -37.46
C VAL A 314 23.80 2.60 -38.47
N THR A 315 23.54 2.28 -39.74
CA THR A 315 23.55 3.29 -40.78
C THR A 315 22.14 3.39 -41.36
N SER A 316 21.90 4.42 -42.18
CA SER A 316 20.63 4.59 -42.87
C SER A 316 20.39 3.46 -43.87
N LYS A 317 21.47 2.90 -44.44
CA LYS A 317 21.31 1.79 -45.36
C LYS A 317 20.88 0.56 -44.56
N ASP A 318 21.41 0.39 -43.34
CA ASP A 318 20.93 -0.67 -42.48
C ASP A 318 19.41 -0.53 -42.26
N LEU A 319 18.96 0.73 -42.10
CA LEU A 319 17.58 1.00 -41.73
C LEU A 319 16.69 0.54 -42.88
N GLU A 320 17.05 0.96 -44.10
CA GLU A 320 16.23 0.65 -45.26
C GLU A 320 16.11 -0.88 -45.41
N ARG A 321 17.23 -1.59 -45.26
CA ARG A 321 17.24 -3.04 -45.44
C ARG A 321 16.38 -3.68 -44.37
N GLU A 322 16.59 -3.29 -43.11
CA GLU A 322 15.84 -3.93 -42.04
C GLU A 322 14.33 -3.64 -42.21
N VAL A 323 13.96 -2.46 -42.72
CA VAL A 323 12.57 -2.12 -42.93
C VAL A 323 11.96 -3.04 -43.98
N LYS A 324 12.69 -3.29 -45.10
CA LYS A 324 12.16 -4.14 -46.17
C LYS A 324 11.97 -5.55 -45.63
N GLN A 325 12.92 -6.00 -44.80
CA GLN A 325 12.94 -7.36 -44.32
C GLN A 325 11.77 -7.56 -43.34
N ALA A 326 11.56 -6.61 -42.42
CA ALA A 326 10.50 -6.75 -41.44
C ALA A 326 9.13 -6.88 -42.10
N THR A 327 8.89 -6.12 -43.19
CA THR A 327 7.65 -6.19 -43.95
C THR A 327 7.45 -7.59 -44.52
N GLU A 328 8.54 -8.18 -45.03
CA GLU A 328 8.44 -9.47 -45.68
C GLU A 328 8.04 -10.50 -44.62
N VAL A 329 8.73 -10.47 -43.48
CA VAL A 329 8.45 -11.36 -42.37
C VAL A 329 7.05 -11.09 -41.84
N PHE A 330 6.64 -9.80 -41.75
CA PHE A 330 5.30 -9.50 -41.28
C PHE A 330 4.29 -10.21 -42.20
N GLY A 331 4.45 -9.99 -43.51
CA GLY A 331 3.64 -10.61 -44.55
C GLY A 331 3.48 -12.12 -44.38
N GLU A 332 4.61 -12.83 -44.19
CA GLU A 332 4.64 -14.29 -44.18
C GLU A 332 3.90 -14.80 -42.93
N ARG A 333 4.18 -14.19 -41.78
CA ARG A 333 3.55 -14.60 -40.53
C ARG A 333 2.03 -14.37 -40.60
N PHE A 334 1.60 -13.25 -41.18
CA PHE A 334 0.17 -12.95 -41.15
C PHE A 334 -0.60 -14.05 -41.89
N ALA A 335 -0.09 -14.46 -43.06
CA ALA A 335 -0.81 -15.36 -43.95
C ALA A 335 -0.94 -16.74 -43.30
N ARG A 336 0.02 -17.05 -42.41
CA ARG A 336 0.05 -18.33 -41.73
C ARG A 336 -0.86 -18.26 -40.49
N VAL A 337 -0.72 -17.19 -39.70
CA VAL A 337 -1.34 -17.11 -38.39
C VAL A 337 -2.80 -16.66 -38.49
N PHE A 338 -3.05 -15.68 -39.38
CA PHE A 338 -4.38 -15.16 -39.63
C PHE A 338 -4.81 -15.45 -41.06
N ASP A 339 -5.09 -16.74 -41.33
CA ASP A 339 -5.53 -17.13 -42.65
C ASP A 339 -7.04 -16.97 -42.72
N LEU A 340 -7.52 -15.90 -43.37
CA LEU A 340 -8.93 -15.54 -43.29
C LEU A 340 -9.75 -16.51 -44.13
N LYS A 341 -10.82 -17.08 -43.54
CA LYS A 341 -11.68 -18.04 -44.21
C LYS A 341 -12.85 -17.32 -44.88
N ALA A 342 -13.56 -18.05 -45.77
CA ALA A 342 -14.67 -17.54 -46.55
C ALA A 342 -15.72 -16.99 -45.59
N PRO A 343 -16.47 -15.92 -45.97
CA PRO A 343 -16.29 -15.24 -47.25
C PRO A 343 -15.38 -14.02 -47.18
N PHE A 344 -14.29 -14.12 -46.37
CA PHE A 344 -13.39 -13.01 -46.12
C PHE A 344 -11.97 -13.27 -46.63
N GLN A 345 -11.80 -14.08 -47.69
CA GLN A 345 -10.46 -14.43 -48.14
C GLN A 345 -9.92 -13.32 -49.01
N GLY A 346 -10.81 -12.44 -49.48
CA GLY A 346 -10.43 -11.39 -50.42
C GLY A 346 -9.39 -10.42 -49.85
N ASP A 347 -8.71 -9.69 -50.75
CA ASP A 347 -7.62 -8.79 -50.40
C ASP A 347 -8.10 -7.59 -49.59
N ASN A 348 -9.37 -7.21 -49.75
CA ASN A 348 -9.91 -6.07 -49.03
C ASN A 348 -10.00 -6.44 -47.55
N TYR A 349 -10.40 -7.69 -47.28
CA TYR A 349 -10.49 -8.22 -45.93
C TYR A 349 -9.11 -8.44 -45.32
N LYS A 350 -8.11 -8.80 -46.15
CA LYS A 350 -6.76 -9.04 -45.63
C LYS A 350 -6.20 -7.71 -45.14
N LYS A 351 -6.41 -6.65 -45.94
CA LYS A 351 -5.90 -5.34 -45.62
C LYS A 351 -6.56 -4.87 -44.33
N PHE A 352 -7.88 -5.12 -44.25
CA PHE A 352 -8.67 -4.77 -43.10
C PHE A 352 -8.07 -5.50 -41.90
N GLY A 353 -7.88 -6.81 -42.03
CA GLY A 353 -7.38 -7.64 -40.95
C GLY A 353 -6.01 -7.17 -40.46
N LYS A 354 -5.14 -6.78 -41.39
CA LYS A 354 -3.78 -6.35 -41.07
C LYS A 354 -3.81 -5.03 -40.31
N SER A 355 -4.75 -4.14 -40.67
CA SER A 355 -4.87 -2.87 -39.98
C SER A 355 -5.40 -3.08 -38.56
N MET A 356 -6.46 -3.89 -38.43
CA MET A 356 -7.06 -4.17 -37.13
C MET A 356 -6.04 -4.86 -36.24
N PHE A 357 -5.28 -5.82 -36.79
CA PHE A 357 -4.29 -6.53 -35.97
C PHE A 357 -3.11 -5.64 -35.61
N SER A 358 -2.59 -4.94 -36.62
CA SER A 358 -1.39 -4.14 -36.37
C SER A 358 -1.65 -3.07 -35.32
N ASN A 359 -2.84 -2.46 -35.34
CA ASN A 359 -3.21 -1.41 -34.40
C ASN A 359 -3.31 -1.99 -32.99
N LEU A 360 -3.82 -3.22 -32.87
CA LEU A 360 -3.91 -3.86 -31.58
C LEU A 360 -2.53 -4.09 -30.99
N ILE A 361 -1.63 -4.73 -31.75
CA ILE A 361 -0.37 -5.19 -31.18
C ILE A 361 0.56 -3.99 -31.11
N GLY A 362 0.35 -3.05 -32.03
CA GLY A 362 1.06 -1.77 -32.06
C GLY A 362 0.75 -0.86 -30.86
N GLY A 363 -0.33 -1.10 -30.14
CA GLY A 363 -0.64 -0.32 -28.93
C GLY A 363 0.20 -0.71 -27.71
N ILE A 364 1.04 -1.76 -27.83
CA ILE A 364 1.75 -2.24 -26.67
C ILE A 364 2.59 -1.09 -26.11
N GLY A 365 2.49 -0.85 -24.80
CA GLY A 365 3.34 0.15 -24.19
C GLY A 365 4.07 -0.38 -22.96
N TYR A 366 5.08 0.38 -22.53
CA TYR A 366 5.72 0.15 -21.25
C TYR A 366 5.43 1.35 -20.32
N PHE A 367 4.81 1.08 -19.17
CA PHE A 367 4.42 2.12 -18.24
C PHE A 367 5.15 1.90 -16.91
N TYR A 368 5.49 3.00 -16.22
CA TYR A 368 6.31 2.91 -15.01
C TYR A 368 5.98 4.08 -14.11
N GLY A 369 5.81 3.82 -12.81
CA GLY A 369 5.63 4.91 -11.85
C GLY A 369 4.75 4.52 -10.65
N HIS A 370 4.42 5.51 -9.83
CA HIS A 370 3.48 5.34 -8.74
C HIS A 370 2.04 5.33 -9.25
N SER A 371 1.19 4.61 -8.50
CA SER A 371 -0.23 4.46 -8.72
C SER A 371 -0.96 5.01 -7.49
N LEU A 372 -2.19 5.52 -7.65
CA LEU A 372 -2.95 6.11 -6.55
C LEU A 372 -3.99 5.12 -6.00
N VAL A 373 -3.83 4.76 -4.72
CA VAL A 373 -4.59 3.67 -4.09
C VAL A 373 -5.09 4.08 -2.71
N ASP A 374 -6.36 3.76 -2.46
CA ASP A 374 -6.94 3.89 -1.14
C ASP A 374 -6.66 2.58 -0.40
N ARG A 375 -5.80 2.63 0.62
CA ARG A 375 -5.42 1.45 1.38
C ARG A 375 -6.03 1.54 2.78
N SER A 376 -7.12 2.28 2.93
CA SER A 376 -7.79 2.36 4.22
C SER A 376 -8.47 1.05 4.61
N TYR A 377 -8.87 0.25 3.62
CA TYR A 377 -9.84 -0.82 3.81
C TYR A 377 -10.95 -0.37 4.77
N ALA A 378 -11.49 0.83 4.57
CA ALA A 378 -12.60 1.32 5.36
C ALA A 378 -13.72 0.27 5.42
N PRO A 379 -14.35 0.07 6.60
CA PRO A 379 -15.37 -0.98 6.74
C PRO A 379 -16.61 -0.75 5.85
N GLU A 380 -16.88 0.53 5.53
CA GLU A 380 -17.93 0.88 4.61
C GLU A 380 -17.73 0.18 3.27
N TYR A 381 -16.50 -0.23 2.95
CA TYR A 381 -16.24 -0.82 1.64
C TYR A 381 -16.70 -2.27 1.61
N ASP A 382 -17.14 -2.80 2.77
CA ASP A 382 -17.63 -4.17 2.82
C ASP A 382 -19.04 -4.27 2.21
N GLU A 383 -19.76 -3.13 2.18
CA GLU A 383 -21.08 -3.05 1.55
C GLU A 383 -21.97 -4.12 2.18
N GLU A 384 -22.12 -4.08 3.52
CA GLU A 384 -22.82 -5.16 4.19
C GLU A 384 -24.26 -4.77 4.51
N ASN A 385 -24.53 -3.46 4.56
CA ASN A 385 -25.83 -2.89 4.84
C ASN A 385 -26.56 -2.45 3.55
N GLU A 386 -27.88 -2.29 3.68
CA GLU A 386 -28.71 -1.61 2.71
C GLU A 386 -28.26 -0.16 2.60
N GLY A 387 -28.21 0.35 1.37
CA GLY A 387 -27.82 1.74 1.15
C GLY A 387 -26.30 1.91 1.22
N PHE A 388 -25.57 0.81 1.00
CA PHE A 388 -24.12 0.76 1.16
C PHE A 388 -23.40 1.80 0.32
N TRP A 389 -24.03 2.27 -0.77
CA TRP A 389 -23.32 3.14 -1.70
C TRP A 389 -23.05 4.50 -1.07
N GLU A 390 -23.98 4.94 -0.21
CA GLU A 390 -23.82 6.21 0.49
C GLU A 390 -22.71 6.12 1.53
N ASP A 391 -22.58 4.96 2.19
CA ASP A 391 -21.54 4.72 3.18
C ASP A 391 -20.19 4.70 2.47
N ALA A 392 -20.10 3.96 1.36
CA ALA A 392 -18.91 3.90 0.53
C ALA A 392 -18.49 5.29 0.03
N ALA A 393 -19.47 6.14 -0.34
CA ALA A 393 -19.16 7.51 -0.76
C ALA A 393 -18.54 8.29 0.40
N GLU A 394 -19.06 8.09 1.61
CA GLU A 394 -18.54 8.76 2.79
C GLU A 394 -17.07 8.40 3.00
N ALA A 395 -16.73 7.10 2.90
CA ALA A 395 -15.36 6.63 3.09
C ALA A 395 -14.43 7.25 2.04
N ARG A 396 -14.87 7.23 0.77
CA ARG A 396 -14.10 7.85 -0.29
C ARG A 396 -13.86 9.34 0.02
N ALA A 397 -14.84 10.00 0.67
CA ALA A 397 -14.70 11.42 0.95
C ALA A 397 -13.73 11.70 2.10
N ARG A 398 -13.22 10.64 2.74
CA ARG A 398 -12.14 10.80 3.73
C ARG A 398 -10.80 11.01 3.01
N HIS A 399 -10.72 10.67 1.71
CA HIS A 399 -9.55 10.81 0.85
C HIS A 399 -8.25 10.29 1.47
N GLN A 400 -8.24 9.03 1.90
CA GLN A 400 -7.04 8.42 2.47
C GLN A 400 -6.09 7.92 1.39
N GLU A 401 -6.50 8.00 0.12
CA GLU A 401 -5.68 7.42 -0.94
C GLU A 401 -4.30 8.07 -0.94
N ALA A 402 -3.26 7.30 -1.23
CA ALA A 402 -1.90 7.83 -1.39
C ALA A 402 -1.16 7.11 -2.51
N LEU A 403 -0.14 7.75 -3.08
CA LEU A 403 0.71 7.13 -4.12
C LEU A 403 1.51 5.97 -3.55
N GLU A 404 1.65 4.91 -4.33
CA GLU A 404 2.48 3.78 -3.96
C GLU A 404 3.11 3.20 -5.23
N GLY A 405 4.10 2.33 -5.00
CA GLY A 405 4.90 1.70 -6.04
C GLY A 405 6.38 2.04 -5.83
N PRO A 406 7.18 2.29 -6.90
CA PRO A 406 6.66 2.35 -8.26
C PRO A 406 6.38 0.96 -8.81
N TYR A 407 5.52 0.88 -9.82
CA TYR A 407 5.21 -0.35 -10.51
C TYR A 407 5.61 -0.21 -11.98
N GLU A 408 5.72 -1.32 -12.69
CA GLU A 408 5.86 -1.23 -14.12
C GLU A 408 4.80 -2.10 -14.77
N LEU A 409 4.48 -1.82 -16.03
CA LEU A 409 3.60 -2.74 -16.72
C LEU A 409 3.89 -2.69 -18.21
N PHE A 410 3.93 -3.88 -18.79
CA PHE A 410 4.06 -4.05 -20.23
C PHE A 410 2.74 -4.66 -20.71
N THR A 411 1.97 -3.85 -21.43
CA THR A 411 0.61 -4.23 -21.81
C THR A 411 0.20 -3.54 -23.11
N SER A 412 -0.74 -4.17 -23.82
CA SER A 412 -1.50 -3.48 -24.85
C SER A 412 -2.61 -2.65 -24.20
N ILE A 413 -3.32 -1.83 -24.98
CA ILE A 413 -4.21 -0.83 -24.40
C ILE A 413 -5.48 -0.75 -25.26
N PRO A 414 -6.60 -0.21 -24.74
CA PRO A 414 -7.78 -0.02 -25.56
C PRO A 414 -7.70 1.17 -26.52
N SER A 415 -7.16 2.31 -26.10
CA SER A 415 -7.37 3.57 -26.84
C SER A 415 -6.15 4.51 -26.75
N ARG A 416 -5.38 4.65 -27.84
CA ARG A 416 -4.27 5.58 -27.90
C ARG A 416 -4.72 7.01 -27.58
N PRO A 417 -5.71 7.62 -28.27
CA PRO A 417 -6.12 9.00 -27.95
C PRO A 417 -6.82 9.22 -26.62
N PHE A 418 -7.59 8.25 -26.11
CA PHE A 418 -8.46 8.55 -24.99
C PHE A 418 -8.14 7.83 -23.68
N PHE A 419 -7.56 6.61 -23.70
CA PHE A 419 -7.22 5.97 -22.44
C PHE A 419 -6.08 4.98 -22.66
N PRO A 420 -4.86 5.49 -22.94
CA PRO A 420 -3.76 4.64 -23.36
C PRO A 420 -3.12 3.99 -22.14
N ARG A 421 -3.79 2.97 -21.59
CA ARG A 421 -3.25 2.36 -20.39
C ARG A 421 -3.96 1.02 -20.17
N GLY A 422 -3.39 0.24 -19.24
CA GLY A 422 -3.80 -1.13 -19.04
C GLY A 422 -5.15 -1.18 -18.33
N PHE A 423 -6.10 -1.95 -18.90
CA PHE A 423 -7.36 -2.30 -18.26
C PHE A 423 -7.43 -3.82 -18.17
N LEU A 424 -7.82 -4.34 -17.00
CA LEU A 424 -7.55 -5.74 -16.66
C LEU A 424 -8.40 -6.69 -17.52
N TRP A 425 -9.73 -6.50 -17.60
CA TRP A 425 -10.47 -7.46 -18.44
C TRP A 425 -10.33 -7.22 -19.95
N ASP A 426 -10.08 -5.96 -20.36
CA ASP A 426 -9.77 -5.71 -21.77
C ASP A 426 -8.57 -6.55 -22.17
N GLU A 427 -7.57 -6.64 -21.28
CA GLU A 427 -6.32 -7.25 -21.73
C GLU A 427 -6.48 -8.74 -22.04
N GLY A 428 -7.43 -9.39 -21.36
CA GLY A 428 -7.81 -10.76 -21.69
C GLY A 428 -8.22 -10.89 -23.16
N PHE A 429 -8.96 -9.91 -23.70
CA PHE A 429 -9.41 -9.97 -25.08
C PHE A 429 -8.28 -9.60 -26.03
N HIS A 430 -7.49 -8.57 -25.68
CA HIS A 430 -6.36 -8.11 -26.47
C HIS A 430 -5.42 -9.28 -26.78
N LEU A 431 -5.16 -10.15 -25.81
CA LEU A 431 -4.10 -11.14 -25.97
C LEU A 431 -4.59 -12.36 -26.78
N LEU A 432 -5.90 -12.45 -27.06
CA LEU A 432 -6.28 -13.64 -27.81
C LEU A 432 -5.68 -13.59 -29.22
N PRO A 433 -5.81 -12.50 -30.00
CA PRO A 433 -5.12 -12.43 -31.28
C PRO A 433 -3.60 -12.33 -31.10
N ILE A 434 -3.15 -11.67 -30.02
CA ILE A 434 -1.71 -11.48 -29.89
C ILE A 434 -1.02 -12.83 -29.62
N ALA A 435 -1.67 -13.71 -28.85
CA ALA A 435 -1.09 -15.01 -28.47
C ALA A 435 -0.93 -15.87 -29.72
N ASP A 436 -1.91 -15.78 -30.63
CA ASP A 436 -1.81 -16.44 -31.91
C ASP A 436 -0.52 -16.03 -32.62
N TRP A 437 -0.29 -14.71 -32.67
CA TRP A 437 0.85 -14.12 -33.33
C TRP A 437 2.15 -14.55 -32.66
N ASP A 438 2.18 -14.53 -31.32
CA ASP A 438 3.42 -14.61 -30.55
C ASP A 438 3.05 -14.97 -29.12
N ILE A 439 2.98 -16.29 -28.87
CA ILE A 439 2.53 -16.77 -27.56
C ILE A 439 3.49 -16.27 -26.47
N ASP A 440 4.79 -16.21 -26.78
CA ASP A 440 5.75 -15.82 -25.75
C ASP A 440 5.57 -14.35 -25.36
N LEU A 441 5.21 -13.53 -26.36
CA LEU A 441 4.86 -12.16 -26.06
C LEU A 441 3.64 -12.11 -25.13
N ALA A 442 2.56 -12.85 -25.45
CA ALA A 442 1.36 -12.83 -24.64
C ALA A 442 1.66 -13.21 -23.19
N LEU A 443 2.49 -14.25 -23.02
CA LEU A 443 2.89 -14.75 -21.71
C LEU A 443 3.68 -13.70 -20.95
N GLU A 444 4.51 -12.93 -21.68
CA GLU A 444 5.24 -11.83 -21.08
C GLU A 444 4.25 -10.83 -20.48
N ILE A 445 3.16 -10.55 -21.20
CA ILE A 445 2.21 -9.53 -20.79
C ILE A 445 1.42 -10.05 -19.60
N ILE A 446 0.96 -11.30 -19.66
CA ILE A 446 0.30 -11.91 -18.52
C ILE A 446 1.21 -11.82 -17.30
N LYS A 447 2.48 -12.21 -17.49
CA LYS A 447 3.42 -12.18 -16.38
C LYS A 447 3.51 -10.77 -15.83
N SER A 448 3.66 -9.79 -16.74
CA SER A 448 3.74 -8.41 -16.30
C SER A 448 2.49 -8.03 -15.48
N TRP A 449 1.30 -8.48 -15.93
CA TRP A 449 0.11 -8.11 -15.18
C TRP A 449 0.13 -8.79 -13.81
N TYR A 450 0.61 -10.03 -13.76
CA TYR A 450 0.45 -10.75 -12.50
C TYR A 450 1.48 -10.27 -11.50
N ASN A 451 2.53 -9.60 -11.99
CA ASN A 451 3.55 -9.08 -11.10
C ASN A 451 3.03 -7.88 -10.32
N LEU A 452 1.83 -7.36 -10.67
CA LEU A 452 1.27 -6.26 -9.91
C LEU A 452 0.49 -6.76 -8.71
N MET A 453 0.15 -8.06 -8.69
CA MET A 453 -0.82 -8.51 -7.70
C MET A 453 -0.24 -8.35 -6.30
N ASP A 454 -1.05 -7.80 -5.38
CA ASP A 454 -0.59 -7.58 -4.01
C ASP A 454 -0.71 -8.88 -3.20
N GLU A 455 -0.44 -8.79 -1.90
CA GLU A 455 -0.36 -9.95 -1.00
C GLU A 455 -1.74 -10.62 -0.85
N ASP A 456 -2.82 -9.86 -1.09
CA ASP A 456 -4.19 -10.30 -0.88
C ASP A 456 -4.74 -11.06 -2.10
N GLY A 457 -4.15 -10.85 -3.29
CA GLY A 457 -4.66 -11.36 -4.55
C GLY A 457 -5.33 -10.31 -5.46
N TRP A 458 -5.17 -9.01 -5.14
CA TRP A 458 -5.79 -7.92 -5.90
C TRP A 458 -4.80 -7.32 -6.91
N ILE A 459 -5.33 -7.10 -8.11
CA ILE A 459 -4.69 -6.37 -9.23
C ILE A 459 -5.65 -5.24 -9.54
N ALA A 460 -5.20 -4.00 -9.56
CA ALA A 460 -6.10 -2.88 -9.91
C ALA A 460 -6.60 -3.06 -11.35
N ARG A 461 -7.90 -2.84 -11.57
CA ARG A 461 -8.54 -3.02 -12.90
C ARG A 461 -8.03 -1.99 -13.92
N GLU A 462 -7.61 -0.82 -13.46
CA GLU A 462 -7.12 0.30 -14.30
C GLU A 462 -5.74 0.70 -13.78
N GLN A 463 -4.71 0.59 -14.61
CA GLN A 463 -3.36 0.85 -14.18
C GLN A 463 -2.88 2.21 -14.73
N ILE A 464 -2.77 3.20 -13.83
CA ILE A 464 -2.31 4.55 -14.10
C ILE A 464 -0.96 4.78 -13.40
N LEU A 465 0.12 4.43 -14.11
CA LEU A 465 1.45 4.35 -13.51
C LEU A 465 2.26 5.59 -13.90
N GLY A 466 2.57 6.45 -12.92
CA GLY A 466 3.46 7.58 -13.17
C GLY A 466 2.72 8.85 -13.58
N ALA A 467 3.38 9.98 -13.39
CA ALA A 467 2.79 11.29 -13.63
C ALA A 467 2.40 11.40 -15.10
N GLU A 468 3.17 10.81 -16.02
CA GLU A 468 2.81 10.91 -17.43
C GLU A 468 1.41 10.30 -17.64
N ALA A 469 1.18 9.08 -17.15
CA ALA A 469 -0.09 8.37 -17.30
C ALA A 469 -1.23 9.13 -16.61
N ARG A 470 -0.95 9.66 -15.40
CA ARG A 470 -1.91 10.42 -14.61
C ARG A 470 -2.38 11.67 -15.35
N SER A 471 -1.52 12.24 -16.20
CA SER A 471 -1.83 13.51 -16.85
C SER A 471 -3.09 13.35 -17.70
N LYS A 472 -3.39 12.09 -18.08
CA LYS A 472 -4.47 11.80 -19.01
C LYS A 472 -5.78 11.52 -18.26
N VAL A 473 -5.78 11.68 -16.92
CA VAL A 473 -6.86 11.14 -16.10
C VAL A 473 -7.26 12.16 -15.03
N PRO A 474 -8.55 12.58 -14.98
CA PRO A 474 -8.99 13.49 -13.92
C PRO A 474 -8.74 12.85 -12.55
N LYS A 475 -8.31 13.66 -11.57
CA LYS A 475 -7.81 13.21 -10.30
C LYS A 475 -8.88 12.39 -9.56
N GLU A 476 -10.15 12.78 -9.75
CA GLU A 476 -11.31 12.07 -9.22
C GLU A 476 -11.40 10.61 -9.72
N PHE A 477 -10.78 10.31 -10.87
CA PHE A 477 -10.94 8.99 -11.45
C PHE A 477 -9.65 8.16 -11.36
N GLN A 478 -8.64 8.66 -10.63
CA GLN A 478 -7.34 8.00 -10.57
C GLN A 478 -7.33 6.88 -9.51
N THR A 479 -7.98 7.13 -8.36
CA THR A 479 -7.86 6.27 -7.19
C THR A 479 -8.32 4.84 -7.46
N GLN A 480 -7.48 3.86 -7.14
CA GLN A 480 -7.92 2.47 -7.22
C GLN A 480 -8.31 1.95 -5.82
N TYR A 481 -9.24 0.98 -5.82
CA TYR A 481 -9.87 0.43 -4.63
C TYR A 481 -9.63 -1.07 -4.56
N PRO A 482 -8.93 -1.56 -3.51
CA PRO A 482 -8.57 -2.96 -3.36
C PRO A 482 -9.74 -3.96 -3.28
N HIS A 483 -10.98 -3.48 -3.12
CA HIS A 483 -12.17 -4.35 -3.16
C HIS A 483 -12.84 -4.35 -4.54
N TYR A 484 -12.28 -3.64 -5.54
CA TYR A 484 -12.84 -3.61 -6.89
C TYR A 484 -12.20 -4.67 -7.79
N ALA A 485 -12.99 -5.68 -8.21
CA ALA A 485 -12.51 -6.69 -9.13
C ALA A 485 -12.77 -6.22 -10.56
N ASN A 486 -12.50 -7.12 -11.52
CA ASN A 486 -12.82 -6.94 -12.93
C ASN A 486 -12.82 -8.36 -13.50
N PRO A 487 -13.51 -8.67 -14.63
CA PRO A 487 -13.54 -10.05 -15.10
C PRO A 487 -12.14 -10.61 -15.33
N PRO A 488 -11.91 -11.88 -14.92
CA PRO A 488 -10.62 -12.55 -15.11
C PRO A 488 -10.38 -13.12 -16.50
N THR A 489 -10.51 -12.28 -17.54
CA THR A 489 -10.41 -12.75 -18.91
C THR A 489 -8.98 -13.18 -19.25
N LEU A 490 -7.99 -12.76 -18.45
CA LEU A 490 -6.65 -13.26 -18.73
C LEU A 490 -6.58 -14.78 -18.65
N PHE A 491 -7.44 -15.43 -17.84
CA PHE A 491 -7.50 -16.88 -17.81
C PHE A 491 -7.88 -17.45 -19.17
N LEU A 492 -8.66 -16.71 -19.98
CA LEU A 492 -9.02 -17.24 -21.30
C LEU A 492 -7.76 -17.45 -22.13
N VAL A 493 -6.79 -16.53 -22.00
CA VAL A 493 -5.56 -16.59 -22.77
C VAL A 493 -4.75 -17.79 -22.30
N LEU A 494 -4.72 -17.96 -20.97
CA LEU A 494 -4.05 -19.07 -20.34
C LEU A 494 -4.62 -20.39 -20.84
N ASP A 495 -5.95 -20.49 -20.89
CA ASP A 495 -6.66 -21.65 -21.43
C ASP A 495 -6.19 -21.99 -22.84
N ASN A 496 -5.85 -20.97 -23.64
CA ASN A 496 -5.50 -21.24 -25.03
C ASN A 496 -4.08 -21.75 -25.08
N PHE A 497 -3.25 -21.20 -24.19
CA PHE A 497 -1.86 -21.59 -24.08
C PHE A 497 -1.80 -23.07 -23.68
N VAL A 498 -2.61 -23.45 -22.67
CA VAL A 498 -2.70 -24.80 -22.17
C VAL A 498 -3.04 -25.78 -23.29
N GLU A 499 -4.10 -25.51 -24.08
CA GLU A 499 -4.46 -26.39 -25.20
C GLU A 499 -3.29 -26.49 -26.18
N ARG A 500 -2.61 -25.36 -26.46
CA ARG A 500 -1.49 -25.39 -27.39
C ARG A 500 -0.36 -26.24 -26.81
N LEU A 501 -0.06 -26.07 -25.52
CA LEU A 501 0.98 -26.83 -24.83
C LEU A 501 0.68 -28.32 -24.87
N ARG A 502 -0.60 -28.71 -24.68
CA ARG A 502 -1.04 -30.11 -24.70
C ARG A 502 -0.88 -30.70 -26.12
N LYS A 503 -1.38 -30.03 -27.16
CA LYS A 503 -1.14 -30.46 -28.55
C LYS A 503 0.14 -29.84 -29.12
N LEU A 515 13.46 -21.25 -39.42
CA LEU A 515 13.03 -20.26 -38.39
C LEU A 515 14.19 -19.32 -38.03
N SER A 516 13.92 -18.01 -37.98
CA SER A 516 14.79 -16.99 -37.40
C SER A 516 14.79 -17.10 -35.87
N LEU A 517 15.65 -16.33 -35.18
CA LEU A 517 15.63 -16.40 -33.73
C LEU A 517 14.30 -15.85 -33.20
N ASP A 518 13.79 -14.80 -33.85
CA ASP A 518 12.52 -14.16 -33.52
C ASP A 518 11.37 -15.14 -33.70
N GLU A 519 11.37 -15.86 -34.83
CA GLU A 519 10.33 -16.87 -35.08
C GLU A 519 10.37 -17.94 -33.99
N THR A 520 11.59 -18.39 -33.64
CA THR A 520 11.79 -19.44 -32.65
C THR A 520 11.32 -18.96 -31.27
N LEU A 521 11.79 -17.79 -30.85
CA LEU A 521 11.42 -17.20 -29.58
C LEU A 521 9.90 -17.06 -29.45
N SER A 522 9.22 -16.71 -30.55
CA SER A 522 7.79 -16.43 -30.47
C SER A 522 7.02 -17.66 -30.01
N THR A 523 7.57 -18.87 -30.20
CA THR A 523 6.86 -20.07 -29.77
C THR A 523 7.68 -20.95 -28.80
N ALA A 524 8.76 -20.42 -28.24
CA ALA A 524 9.61 -21.22 -27.37
C ALA A 524 8.85 -21.83 -26.19
N SER A 525 7.79 -21.15 -25.72
CA SER A 525 7.17 -21.62 -24.50
C SER A 525 6.15 -22.71 -24.79
N VAL A 526 5.84 -22.93 -26.07
CA VAL A 526 5.05 -24.10 -26.44
C VAL A 526 5.96 -25.21 -26.98
N ASP A 527 6.95 -24.86 -27.80
CA ASP A 527 7.80 -25.82 -28.49
C ASP A 527 8.70 -26.57 -27.50
N ASN A 528 8.95 -25.96 -26.34
CA ASN A 528 9.73 -26.58 -25.28
C ASN A 528 8.83 -26.80 -24.07
N PRO A 529 8.23 -27.99 -23.91
CA PRO A 529 7.14 -28.17 -22.94
C PRO A 529 7.60 -27.86 -21.52
N GLU A 530 8.89 -28.13 -21.25
CA GLU A 530 9.45 -27.96 -19.92
C GLU A 530 9.47 -26.47 -19.58
N VAL A 531 9.76 -25.65 -20.60
CA VAL A 531 9.67 -24.20 -20.49
C VAL A 531 8.24 -23.77 -20.11
N GLY A 532 7.26 -24.25 -20.89
CA GLY A 532 5.83 -23.95 -20.69
C GLY A 532 5.37 -24.26 -19.27
N LEU A 533 5.78 -25.45 -18.79
CA LEU A 533 5.37 -25.99 -17.51
C LEU A 533 5.95 -25.11 -16.39
N GLU A 534 7.21 -24.72 -16.55
CA GLU A 534 7.86 -23.91 -15.53
C GLU A 534 7.13 -22.57 -15.42
N TYR A 535 6.73 -22.00 -16.58
CA TYR A 535 6.02 -20.74 -16.55
C TYR A 535 4.74 -20.91 -15.73
N LEU A 536 4.00 -21.99 -15.99
CA LEU A 536 2.77 -22.24 -15.27
C LEU A 536 3.02 -22.47 -13.77
N ARG A 537 4.09 -23.22 -13.45
N ARG A 537 4.08 -23.22 -13.45
CA ARG A 537 4.47 -23.53 -12.09
CA ARG A 537 4.45 -23.51 -12.06
C ARG A 537 4.62 -22.23 -11.29
C ARG A 537 4.60 -22.21 -11.28
N ARG A 538 5.27 -21.24 -11.88
CA ARG A 538 5.58 -19.99 -11.21
C ARG A 538 4.36 -19.08 -11.15
N LEU A 539 3.46 -19.15 -12.15
CA LEU A 539 2.31 -18.26 -12.20
C LEU A 539 1.18 -18.82 -11.33
N TYR A 540 1.14 -20.16 -11.26
CA TYR A 540 0.07 -20.95 -10.67
C TYR A 540 -0.36 -20.42 -9.30
N PRO A 541 0.55 -20.19 -8.33
CA PRO A 541 0.12 -19.69 -7.02
C PRO A 541 -0.55 -18.31 -7.08
N LEU A 542 -0.18 -17.48 -8.05
CA LEU A 542 -0.81 -16.18 -8.15
C LEU A 542 -2.22 -16.35 -8.71
N LEU A 543 -2.40 -17.28 -9.66
CA LEU A 543 -3.75 -17.55 -10.16
C LEU A 543 -4.61 -18.04 -8.99
N ARG A 544 -4.05 -18.92 -8.17
CA ARG A 544 -4.81 -19.49 -7.07
C ARG A 544 -5.13 -18.38 -6.07
N ARG A 545 -4.14 -17.52 -5.80
CA ARG A 545 -4.36 -16.38 -4.92
C ARG A 545 -5.52 -15.51 -5.42
N GLN A 546 -5.60 -15.30 -6.75
CA GLN A 546 -6.64 -14.44 -7.29
C GLN A 546 -8.01 -15.10 -7.12
N PHE A 547 -8.06 -16.41 -7.39
CA PHE A 547 -9.24 -17.22 -7.19
C PHE A 547 -9.75 -17.01 -5.76
N ASP A 548 -8.84 -17.16 -4.79
CA ASP A 548 -9.20 -17.08 -3.38
C ASP A 548 -9.68 -15.67 -3.07
N TRP A 549 -9.02 -14.68 -3.69
CA TRP A 549 -9.38 -13.29 -3.46
C TRP A 549 -10.83 -13.02 -3.90
N PHE A 550 -11.24 -13.55 -5.06
CA PHE A 550 -12.60 -13.43 -5.57
C PHE A 550 -13.59 -13.96 -4.53
N ARG A 551 -13.29 -15.15 -4.00
CA ARG A 551 -14.18 -15.85 -3.07
C ARG A 551 -14.20 -15.16 -1.70
N LYS A 552 -13.09 -14.54 -1.29
CA LYS A 552 -13.07 -13.79 -0.04
C LYS A 552 -13.71 -12.41 -0.23
N THR A 553 -13.45 -11.73 -1.36
CA THR A 553 -13.87 -10.33 -1.38
C THR A 553 -15.18 -10.10 -2.12
N GLN A 554 -15.52 -10.98 -3.08
CA GLN A 554 -16.68 -10.75 -3.95
C GLN A 554 -17.79 -11.78 -3.67
N ALA A 555 -17.88 -12.25 -2.41
CA ALA A 555 -18.79 -13.29 -1.95
C ALA A 555 -20.23 -12.77 -1.84
N GLY A 556 -21.18 -13.58 -2.33
CA GLY A 556 -22.57 -13.26 -2.05
C GLY A 556 -23.07 -14.07 -0.85
N ASP A 557 -24.25 -13.67 -0.37
CA ASP A 557 -24.88 -14.18 0.84
C ASP A 557 -26.04 -15.13 0.51
N ILE A 558 -25.78 -16.44 0.65
CA ILE A 558 -26.84 -17.44 0.70
C ILE A 558 -27.43 -17.58 2.12
N LYS A 559 -26.56 -17.85 3.12
CA LYS A 559 -26.96 -18.42 4.40
C LYS A 559 -27.83 -17.46 5.23
N SER A 560 -27.80 -16.16 4.93
CA SER A 560 -28.50 -15.22 5.79
C SER A 560 -29.95 -14.97 5.36
N TYR A 561 -30.40 -15.63 4.28
CA TYR A 561 -31.73 -15.34 3.75
C TYR A 561 -32.51 -16.65 3.59
N ASP A 562 -33.79 -16.53 3.16
CA ASP A 562 -34.55 -17.69 2.69
C ASP A 562 -34.03 -18.12 1.31
N ARG A 563 -32.84 -18.75 1.27
CA ARG A 563 -32.21 -19.17 0.03
C ARG A 563 -31.85 -20.65 0.15
N GLU A 564 -32.29 -21.43 -0.82
CA GLU A 564 -32.01 -22.86 -0.88
C GLU A 564 -31.25 -23.13 -2.17
N ALA A 565 -30.25 -24.00 -2.08
CA ALA A 565 -29.38 -24.26 -3.22
C ALA A 565 -28.50 -25.45 -2.88
N TYR A 566 -28.07 -26.16 -3.91
CA TYR A 566 -27.18 -27.30 -3.75
C TYR A 566 -25.99 -26.98 -2.86
N SER A 567 -25.34 -25.83 -3.10
CA SER A 567 -24.16 -25.46 -2.33
C SER A 567 -24.52 -24.26 -1.46
N THR A 568 -23.98 -24.24 -0.23
CA THR A 568 -24.21 -23.11 0.66
C THR A 568 -23.12 -22.05 0.43
N LYS A 569 -22.09 -22.42 -0.34
CA LYS A 569 -20.89 -21.62 -0.54
C LYS A 569 -20.99 -20.76 -1.81
N GLU A 570 -21.43 -21.35 -2.94
CA GLU A 570 -21.18 -20.75 -4.25
C GLU A 570 -22.21 -19.67 -4.57
N ALA A 571 -21.82 -18.40 -4.37
CA ALA A 571 -22.66 -17.24 -4.65
C ALA A 571 -21.77 -15.99 -4.66
N TYR A 572 -21.99 -15.09 -5.63
CA TYR A 572 -21.08 -13.97 -5.83
C TYR A 572 -21.82 -12.66 -6.06
N ARG A 573 -21.22 -11.56 -5.57
CA ARG A 573 -21.75 -10.23 -5.81
C ARG A 573 -20.57 -9.28 -6.01
N TRP A 574 -20.62 -8.53 -7.11
CA TRP A 574 -19.61 -7.51 -7.49
C TRP A 574 -19.64 -6.39 -6.45
N ARG A 575 -18.50 -6.08 -5.88
CA ARG A 575 -18.43 -4.91 -4.99
C ARG A 575 -18.27 -3.67 -5.87
N GLY A 576 -18.71 -2.52 -5.39
CA GLY A 576 -18.50 -1.25 -6.10
C GLY A 576 -19.69 -0.75 -6.90
N ARG A 577 -20.84 -1.33 -6.65
CA ARG A 577 -22.05 -0.94 -7.39
C ARG A 577 -22.62 0.39 -6.87
N THR A 578 -23.07 1.24 -7.77
CA THR A 578 -23.82 2.48 -7.44
C THR A 578 -25.27 2.32 -7.92
N VAL A 579 -26.15 3.30 -7.63
CA VAL A 579 -27.52 3.20 -8.05
C VAL A 579 -27.55 2.88 -9.55
N SER A 580 -26.71 3.53 -10.36
CA SER A 580 -26.92 3.38 -11.79
C SER A 580 -25.90 2.48 -12.48
N HIS A 581 -24.86 2.03 -11.77
CA HIS A 581 -23.70 1.48 -12.43
C HIS A 581 -23.20 0.23 -11.72
N CYS A 582 -22.47 -0.60 -12.46
CA CYS A 582 -21.59 -1.64 -11.92
C CYS A 582 -20.27 -1.70 -12.71
N LEU A 583 -19.33 -0.78 -12.39
CA LEU A 583 -18.16 -0.57 -13.25
C LEU A 583 -17.24 -1.78 -13.26
N THR A 584 -17.19 -2.49 -12.11
CA THR A 584 -16.25 -3.58 -11.88
C THR A 584 -16.63 -4.77 -12.76
N SER A 585 -17.93 -4.92 -13.08
CA SER A 585 -18.37 -6.03 -13.90
C SER A 585 -17.88 -5.84 -15.34
N GLY A 586 -17.52 -4.59 -15.68
CA GLY A 586 -17.14 -4.31 -17.06
C GLY A 586 -18.31 -3.86 -17.94
N LEU A 587 -19.55 -4.11 -17.50
CA LEU A 587 -20.74 -3.69 -18.26
C LEU A 587 -21.40 -2.53 -17.53
N ASP A 588 -20.82 -1.34 -17.73
CA ASP A 588 -20.96 -0.21 -16.83
C ASP A 588 -22.40 -0.05 -16.35
N ASP A 589 -23.34 0.12 -17.29
CA ASP A 589 -24.70 0.53 -16.96
C ASP A 589 -25.72 -0.51 -17.43
N TYR A 590 -25.29 -1.76 -17.64
CA TYR A 590 -26.25 -2.83 -17.86
C TYR A 590 -27.17 -2.81 -16.65
N PRO A 591 -28.51 -2.89 -16.84
CA PRO A 591 -29.45 -2.79 -15.71
C PRO A 591 -29.26 -3.96 -14.74
N ARG A 592 -29.30 -3.62 -13.45
CA ARG A 592 -29.03 -4.55 -12.37
C ARG A 592 -30.19 -4.40 -11.38
N PRO A 593 -30.39 -5.32 -10.39
CA PRO A 593 -31.43 -5.12 -9.38
C PRO A 593 -31.45 -3.70 -8.83
N GLN A 594 -32.67 -3.16 -8.66
CA GLN A 594 -32.86 -1.88 -8.03
C GLN A 594 -33.71 -2.10 -6.78
N PRO A 595 -33.30 -1.54 -5.62
CA PRO A 595 -32.04 -0.81 -5.52
C PRO A 595 -30.88 -1.80 -5.38
N PRO A 596 -29.60 -1.37 -5.41
CA PRO A 596 -28.51 -2.30 -5.16
C PRO A 596 -28.72 -2.79 -3.73
N HIS A 597 -28.13 -3.94 -3.38
CA HIS A 597 -28.53 -4.55 -2.12
C HIS A 597 -27.50 -5.60 -1.76
N PRO A 598 -27.13 -5.72 -0.46
CA PRO A 598 -26.07 -6.66 -0.07
C PRO A 598 -26.49 -8.09 -0.38
N GLY A 599 -27.77 -8.28 -0.70
CA GLY A 599 -28.25 -9.62 -1.00
C GLY A 599 -28.25 -9.93 -2.51
N GLU A 600 -27.80 -8.95 -3.33
CA GLU A 600 -27.64 -9.19 -4.75
C GLU A 600 -26.73 -10.37 -4.99
N LEU A 601 -26.99 -11.09 -6.09
CA LEU A 601 -26.11 -12.08 -6.68
C LEU A 601 -26.07 -11.81 -8.17
N HIS A 602 -24.87 -11.88 -8.77
CA HIS A 602 -24.64 -11.52 -10.15
C HIS A 602 -24.20 -12.75 -10.90
N VAL A 603 -24.87 -13.07 -12.02
CA VAL A 603 -24.69 -14.39 -12.61
C VAL A 603 -23.43 -14.38 -13.46
N ASP A 604 -23.12 -13.21 -14.02
CA ASP A 604 -21.88 -13.05 -14.78
C ASP A 604 -20.69 -13.35 -13.87
N LEU A 605 -20.69 -12.79 -12.65
CA LEU A 605 -19.56 -12.96 -11.75
C LEU A 605 -19.40 -14.44 -11.38
N MET A 606 -20.51 -15.13 -11.06
CA MET A 606 -20.39 -16.56 -10.78
C MET A 606 -19.85 -17.31 -11.98
N SER A 607 -20.31 -16.94 -13.18
CA SER A 607 -19.79 -17.57 -14.39
C SER A 607 -18.28 -17.34 -14.49
N TRP A 608 -17.82 -16.13 -14.16
CA TRP A 608 -16.38 -15.89 -14.25
C TRP A 608 -15.60 -16.83 -13.31
N VAL A 609 -16.15 -17.03 -12.09
CA VAL A 609 -15.52 -17.91 -11.11
C VAL A 609 -15.44 -19.33 -11.67
N GLY A 610 -16.48 -19.72 -12.43
CA GLY A 610 -16.47 -20.99 -13.15
C GLY A 610 -15.38 -21.06 -14.20
N VAL A 611 -15.17 -19.95 -14.92
CA VAL A 611 -14.07 -19.93 -15.87
C VAL A 611 -12.77 -20.22 -15.12
N MET A 612 -12.57 -19.53 -14.00
CA MET A 612 -11.32 -19.60 -13.27
C MET A 612 -11.08 -21.02 -12.74
N VAL A 613 -12.12 -21.65 -12.17
CA VAL A 613 -11.94 -22.99 -11.61
C VAL A 613 -11.50 -23.96 -12.69
N LYS A 614 -12.08 -23.84 -13.88
CA LYS A 614 -11.81 -24.81 -14.92
C LYS A 614 -10.36 -24.69 -15.32
N SER A 615 -9.85 -23.45 -15.35
CA SER A 615 -8.48 -23.16 -15.76
C SER A 615 -7.54 -23.75 -14.72
N LEU A 616 -7.95 -23.62 -13.45
CA LEU A 616 -7.15 -24.11 -12.34
C LEU A 616 -7.14 -25.63 -12.31
N ILE A 617 -8.30 -26.28 -12.62
CA ILE A 617 -8.34 -27.72 -12.90
C ILE A 617 -7.27 -28.09 -13.92
N SER A 618 -7.29 -27.49 -15.12
CA SER A 618 -6.32 -27.85 -16.16
C SER A 618 -4.89 -27.63 -15.69
N ILE A 619 -4.62 -26.51 -15.01
CA ILE A 619 -3.23 -26.14 -14.75
C ILE A 619 -2.70 -26.93 -13.55
N GLY A 620 -3.46 -26.90 -12.44
CA GLY A 620 -3.31 -27.85 -11.35
C GLY A 620 -2.93 -29.24 -11.86
N SER A 621 -3.79 -29.85 -12.69
CA SER A 621 -3.51 -31.18 -13.25
C SER A 621 -2.12 -31.23 -13.86
N LEU A 622 -1.75 -30.21 -14.64
CA LEU A 622 -0.47 -30.25 -15.35
C LEU A 622 0.68 -30.30 -14.34
N LEU A 623 0.45 -29.70 -13.18
CA LEU A 623 1.48 -29.55 -12.17
C LEU A 623 1.38 -30.64 -11.11
N GLY A 624 0.38 -31.53 -11.26
CA GLY A 624 0.08 -32.58 -10.31
C GLY A 624 -0.27 -32.06 -8.92
N ALA A 625 -0.98 -30.92 -8.83
CA ALA A 625 -1.44 -30.45 -7.52
C ALA A 625 -2.76 -31.14 -7.17
N THR A 626 -2.66 -32.45 -6.93
CA THR A 626 -3.76 -33.38 -6.71
C THR A 626 -4.80 -32.82 -5.73
N GLU A 627 -4.32 -32.33 -4.57
CA GLU A 627 -5.22 -31.90 -3.50
C GLU A 627 -6.04 -30.70 -3.95
N ASP A 628 -5.39 -29.79 -4.67
CA ASP A 628 -5.99 -28.59 -5.23
C ASP A 628 -7.07 -28.95 -6.24
N VAL A 629 -6.73 -29.88 -7.14
CA VAL A 629 -7.61 -30.28 -8.22
C VAL A 629 -8.90 -30.92 -7.69
N GLU A 630 -8.83 -31.60 -6.52
CA GLU A 630 -10.01 -32.19 -5.91
C GLU A 630 -10.93 -31.08 -5.40
N PHE A 631 -10.34 -30.08 -4.75
CA PHE A 631 -11.10 -28.93 -4.27
C PHE A 631 -11.77 -28.18 -5.42
N TYR A 632 -11.00 -27.88 -6.48
CA TYR A 632 -11.53 -27.22 -7.66
C TYR A 632 -12.73 -27.99 -8.23
N THR A 633 -12.57 -29.32 -8.37
CA THR A 633 -13.61 -30.17 -8.91
C THR A 633 -14.92 -29.99 -8.11
N LYS A 634 -14.82 -29.96 -6.77
CA LYS A 634 -15.99 -29.79 -5.93
C LYS A 634 -16.63 -28.41 -6.14
N VAL A 635 -15.80 -27.36 -6.24
CA VAL A 635 -16.29 -26.01 -6.49
C VAL A 635 -17.02 -25.93 -7.84
N LEU A 636 -16.44 -26.50 -8.89
CA LEU A 636 -17.06 -26.46 -10.21
C LEU A 636 -18.45 -27.09 -10.16
N ASP A 637 -18.51 -28.31 -9.61
CA ASP A 637 -19.75 -29.05 -9.47
C ASP A 637 -20.76 -28.17 -8.74
N ALA A 638 -20.30 -27.45 -7.69
CA ALA A 638 -21.24 -26.64 -6.93
C ALA A 638 -21.74 -25.43 -7.74
N ILE A 639 -20.86 -24.84 -8.56
CA ILE A 639 -21.24 -23.67 -9.33
C ILE A 639 -22.26 -24.10 -10.38
N GLU A 640 -22.01 -25.26 -10.97
CA GLU A 640 -22.93 -25.82 -11.94
C GLU A 640 -24.35 -25.93 -11.37
N HIS A 641 -24.51 -26.45 -10.16
CA HIS A 641 -25.85 -26.60 -9.61
C HIS A 641 -26.40 -25.22 -9.25
N ASN A 642 -25.53 -24.37 -8.70
CA ASN A 642 -25.98 -23.13 -8.09
C ASN A 642 -26.34 -22.11 -9.15
N LEU A 643 -25.69 -22.21 -10.32
CA LEU A 643 -26.10 -21.33 -11.42
C LEU A 643 -27.58 -21.58 -11.69
N ASP A 644 -27.98 -22.85 -11.68
CA ASP A 644 -29.37 -23.21 -11.93
C ASP A 644 -30.23 -22.79 -10.74
N ASP A 645 -29.82 -23.20 -9.52
CA ASP A 645 -30.67 -23.03 -8.35
C ASP A 645 -30.85 -21.56 -8.04
N LEU A 646 -29.81 -20.74 -8.29
CA LEU A 646 -29.91 -19.36 -7.85
C LEU A 646 -30.24 -18.41 -9.01
N HIS A 647 -29.90 -18.81 -10.26
CA HIS A 647 -29.92 -17.85 -11.36
C HIS A 647 -30.86 -18.23 -12.51
N TRP A 648 -31.25 -19.51 -12.65
CA TRP A 648 -32.09 -19.88 -13.79
C TRP A 648 -33.54 -19.45 -13.60
N SER A 649 -34.08 -18.71 -14.59
CA SER A 649 -35.51 -18.42 -14.63
C SER A 649 -36.19 -19.29 -15.68
N GLU A 650 -36.98 -20.27 -15.19
CA GLU A 650 -37.83 -21.10 -16.05
C GLU A 650 -38.87 -20.22 -16.76
N LYS A 651 -39.50 -19.29 -16.03
CA LYS A 651 -40.50 -18.42 -16.60
C LYS A 651 -39.92 -17.64 -17.78
N GLU A 652 -38.66 -17.17 -17.66
CA GLU A 652 -38.12 -16.24 -18.64
C GLU A 652 -37.33 -16.99 -19.72
N GLY A 653 -36.94 -18.24 -19.42
CA GLY A 653 -36.08 -18.99 -20.33
C GLY A 653 -34.66 -18.40 -20.46
N CYS A 654 -34.08 -17.86 -19.37
CA CYS A 654 -32.69 -17.44 -19.36
C CYS A 654 -32.17 -17.28 -17.92
N TYR A 655 -30.87 -17.01 -17.79
CA TYR A 655 -30.29 -16.68 -16.49
C TYR A 655 -30.59 -15.23 -16.15
N CYS A 656 -30.69 -14.97 -14.84
CA CYS A 656 -30.90 -13.63 -14.32
C CYS A 656 -30.07 -13.45 -13.05
N ASP A 657 -29.66 -12.22 -12.75
CA ASP A 657 -29.15 -11.87 -11.44
C ASP A 657 -30.32 -11.97 -10.46
N ALA A 658 -30.01 -11.89 -9.17
CA ALA A 658 -31.00 -12.10 -8.12
C ALA A 658 -30.80 -11.03 -7.08
N THR A 659 -31.87 -10.64 -6.38
CA THR A 659 -31.69 -9.86 -5.17
C THR A 659 -32.46 -10.49 -4.02
N ILE A 660 -32.74 -9.63 -3.05
CA ILE A 660 -33.60 -9.92 -1.93
C ILE A 660 -34.66 -8.82 -1.91
N ASP A 661 -35.92 -9.26 -1.95
CA ASP A 661 -37.18 -8.52 -1.87
C ASP A 661 -37.23 -7.57 -0.69
N GLU A 662 -38.20 -6.64 -0.78
CA GLU A 662 -38.80 -5.86 0.30
C GLU A 662 -39.30 -6.79 1.41
N PHE A 663 -39.65 -8.03 1.05
CA PHE A 663 -40.20 -9.01 1.98
C PHE A 663 -39.12 -10.01 2.40
N GLU A 664 -37.87 -9.74 2.03
CA GLU A 664 -36.69 -10.50 2.45
C GLU A 664 -36.59 -11.85 1.74
N GLU A 665 -37.27 -11.99 0.59
CA GLU A 665 -37.14 -13.21 -0.19
C GLU A 665 -36.29 -12.98 -1.43
N HIS A 666 -35.61 -14.05 -1.84
CA HIS A 666 -34.91 -14.16 -3.11
C HIS A 666 -35.85 -13.86 -4.27
N LYS A 667 -35.49 -12.87 -5.11
CA LYS A 667 -36.19 -12.57 -6.35
C LYS A 667 -35.16 -12.56 -7.49
N LEU A 668 -35.51 -13.19 -8.62
CA LEU A 668 -34.75 -13.05 -9.85
C LEU A 668 -35.10 -11.71 -10.46
N VAL A 669 -34.10 -11.04 -11.07
CA VAL A 669 -34.35 -9.80 -11.78
C VAL A 669 -33.80 -9.97 -13.19
N CYS A 670 -34.71 -10.19 -14.15
CA CYS A 670 -34.28 -10.58 -15.48
C CYS A 670 -34.24 -9.38 -16.42
N HIS A 671 -33.10 -9.19 -17.06
CA HIS A 671 -33.04 -8.17 -18.09
C HIS A 671 -32.33 -8.85 -19.25
N LYS A 672 -33.10 -9.22 -20.28
CA LYS A 672 -32.59 -10.09 -21.33
C LYS A 672 -31.53 -9.34 -22.10
N GLY A 673 -30.32 -9.90 -22.12
CA GLY A 673 -29.19 -9.27 -22.78
C GLY A 673 -27.94 -10.10 -22.51
N TYR A 674 -26.76 -9.49 -22.63
CA TYR A 674 -25.51 -10.22 -22.45
C TYR A 674 -25.51 -10.97 -21.12
N ILE A 675 -25.91 -10.28 -20.03
CA ILE A 675 -25.82 -10.86 -18.70
C ILE A 675 -26.51 -12.22 -18.72
N SER A 676 -27.74 -12.25 -19.30
CA SER A 676 -28.62 -13.41 -19.41
C SER A 676 -27.97 -14.65 -19.99
N LEU A 677 -26.96 -14.45 -20.86
CA LEU A 677 -26.32 -15.54 -21.62
C LEU A 677 -25.05 -16.06 -20.94
N PHE A 678 -24.69 -15.49 -19.78
CA PHE A 678 -23.32 -15.61 -19.32
C PHE A 678 -22.84 -17.05 -19.16
N PRO A 679 -23.61 -18.00 -18.59
CA PRO A 679 -23.07 -19.36 -18.43
C PRO A 679 -22.70 -19.97 -19.79
N PHE A 680 -23.46 -19.59 -20.83
CA PHE A 680 -23.16 -19.97 -22.19
C PHE A 680 -21.88 -19.27 -22.71
N LEU A 681 -21.78 -17.94 -22.54
CA LEU A 681 -20.64 -17.22 -23.06
C LEU A 681 -19.33 -17.77 -22.50
N THR A 682 -19.35 -18.26 -21.24
CA THR A 682 -18.14 -18.60 -20.53
C THR A 682 -17.85 -20.10 -20.59
N GLY A 683 -18.63 -20.82 -21.40
CA GLY A 683 -18.37 -22.20 -21.73
C GLY A 683 -18.79 -23.19 -20.64
N LEU A 684 -19.81 -22.82 -19.83
CA LEU A 684 -20.12 -23.61 -18.64
C LEU A 684 -21.24 -24.64 -18.86
N LEU A 685 -22.02 -24.55 -19.96
CA LEU A 685 -23.15 -25.43 -20.18
C LEU A 685 -22.73 -26.63 -21.04
N LYS A 686 -23.40 -27.77 -20.81
CA LYS A 686 -23.16 -28.96 -21.61
C LYS A 686 -23.86 -28.79 -22.97
N PRO A 687 -23.29 -29.35 -24.06
CA PRO A 687 -23.91 -29.22 -25.38
C PRO A 687 -25.35 -29.71 -25.55
N ASP A 688 -25.84 -30.54 -24.60
CA ASP A 688 -27.14 -31.16 -24.74
C ASP A 688 -28.10 -30.48 -23.78
N SER A 689 -27.63 -29.42 -23.11
CA SER A 689 -28.41 -28.78 -22.08
C SER A 689 -29.67 -28.15 -22.67
N PRO A 690 -30.88 -28.50 -22.16
CA PRO A 690 -32.10 -27.78 -22.54
C PRO A 690 -31.97 -26.27 -22.31
N LYS A 691 -31.19 -25.90 -21.29
CA LYS A 691 -31.08 -24.50 -20.94
C LYS A 691 -30.34 -23.81 -22.08
N LEU A 692 -29.28 -24.45 -22.56
CA LEU A 692 -28.52 -23.97 -23.70
C LEU A 692 -29.45 -23.69 -24.88
N GLY A 693 -30.31 -24.67 -25.23
CA GLY A 693 -31.21 -24.54 -26.36
C GLY A 693 -32.15 -23.35 -26.21
N LYS A 694 -32.56 -23.04 -24.97
CA LYS A 694 -33.38 -21.87 -24.74
C LYS A 694 -32.55 -20.59 -24.93
N LEU A 695 -31.27 -20.61 -24.52
CA LEU A 695 -30.41 -19.46 -24.72
C LEU A 695 -30.17 -19.26 -26.21
N LEU A 696 -30.13 -20.36 -26.99
CA LEU A 696 -29.85 -20.23 -28.40
C LEU A 696 -31.03 -19.54 -29.09
N ALA A 697 -32.23 -19.84 -28.58
CA ALA A 697 -33.45 -19.22 -29.08
C ALA A 697 -33.45 -17.72 -28.79
N LEU A 698 -33.03 -17.35 -27.57
CA LEU A 698 -32.94 -15.94 -27.21
C LEU A 698 -31.91 -15.25 -28.12
N ILE A 699 -30.76 -15.87 -28.30
CA ILE A 699 -29.66 -15.30 -29.08
C ILE A 699 -30.15 -15.01 -30.49
N GLY A 700 -30.87 -15.98 -31.09
CA GLY A 700 -31.29 -15.90 -32.49
C GLY A 700 -32.50 -15.01 -32.75
N ASP A 701 -33.18 -14.59 -31.67
CA ASP A 701 -34.47 -13.91 -31.72
C ASP A 701 -34.31 -12.45 -32.10
N GLU A 702 -34.75 -12.10 -33.31
CA GLU A 702 -34.57 -10.76 -33.85
C GLU A 702 -35.26 -9.73 -32.95
N SER A 703 -36.32 -10.15 -32.26
CA SER A 703 -37.15 -9.18 -31.57
C SER A 703 -36.53 -8.89 -30.20
N GLU A 704 -35.52 -9.70 -29.81
CA GLU A 704 -34.80 -9.54 -28.55
C GLU A 704 -33.36 -9.05 -28.80
N LEU A 705 -32.42 -9.99 -29.01
CA LEU A 705 -30.99 -9.69 -29.10
C LEU A 705 -30.46 -9.60 -30.53
N TRP A 706 -31.08 -10.26 -31.51
CA TRP A 706 -30.38 -10.48 -32.79
C TRP A 706 -30.60 -9.28 -33.71
N SER A 707 -29.55 -8.49 -33.96
CA SER A 707 -29.69 -7.41 -34.92
C SER A 707 -28.95 -7.84 -36.17
N PRO A 708 -29.16 -7.18 -37.32
CA PRO A 708 -28.38 -7.48 -38.52
C PRO A 708 -26.90 -7.23 -38.30
N TYR A 709 -26.56 -6.50 -37.23
CA TYR A 709 -25.19 -6.03 -37.07
C TYR A 709 -24.44 -6.81 -35.99
N GLY A 710 -25.11 -7.76 -35.33
CA GLY A 710 -24.56 -8.48 -34.19
C GLY A 710 -25.60 -8.52 -33.06
N LEU A 711 -25.18 -9.11 -31.91
CA LEU A 711 -26.07 -9.20 -30.76
C LEU A 711 -26.06 -7.89 -29.99
N ARG A 712 -27.28 -7.39 -29.70
CA ARG A 712 -27.57 -6.29 -28.82
C ARG A 712 -27.19 -6.62 -27.38
N SER A 713 -26.52 -5.65 -26.73
CA SER A 713 -26.15 -5.76 -25.34
C SER A 713 -27.37 -6.02 -24.44
N LEU A 714 -28.50 -5.37 -24.77
CA LEU A 714 -29.78 -5.49 -24.06
C LEU A 714 -30.91 -5.71 -25.07
N SER A 715 -31.97 -6.46 -24.70
CA SER A 715 -33.12 -6.69 -25.59
C SER A 715 -33.93 -5.41 -25.87
N LYS A 716 -34.48 -5.33 -27.09
CA LYS A 716 -35.38 -4.27 -27.50
C LYS A 716 -36.64 -4.29 -26.62
N LYS A 717 -36.90 -5.42 -25.97
CA LYS A 717 -38.10 -5.65 -25.19
C LYS A 717 -37.88 -5.18 -23.75
N ASP A 718 -36.62 -5.10 -23.33
CA ASP A 718 -36.31 -4.65 -21.99
C ASP A 718 -36.74 -3.19 -21.81
N GLU A 719 -37.34 -2.92 -20.65
CA GLU A 719 -37.74 -1.58 -20.28
C GLU A 719 -36.58 -0.59 -20.30
N PHE A 720 -35.32 -1.06 -20.13
CA PHE A 720 -34.18 -0.14 -20.08
C PHE A 720 -33.44 0.02 -21.40
N TYR A 721 -33.99 -0.56 -22.48
CA TYR A 721 -33.39 -0.45 -23.79
C TYR A 721 -33.27 1.00 -24.24
N GLY A 722 -32.06 1.39 -24.63
CA GLY A 722 -31.83 2.74 -25.13
C GLY A 722 -32.12 3.86 -24.12
N THR A 723 -31.95 3.60 -22.82
CA THR A 723 -32.14 4.64 -21.81
C THR A 723 -30.80 5.16 -21.28
N ALA A 724 -30.83 6.33 -20.62
CA ALA A 724 -29.71 6.95 -19.92
C ALA A 724 -28.56 7.15 -20.90
N GLU A 725 -27.37 6.65 -20.57
CA GLU A 725 -26.23 6.88 -21.43
C GLU A 725 -26.17 5.75 -22.45
N ASN A 726 -27.00 4.73 -22.23
CA ASN A 726 -27.19 3.74 -23.27
C ASN A 726 -25.83 3.15 -23.68
N TYR A 727 -25.00 2.83 -22.68
CA TYR A 727 -23.66 2.36 -22.96
C TYR A 727 -23.71 0.87 -23.24
N TRP A 728 -24.28 0.12 -22.28
CA TRP A 728 -24.47 -1.31 -22.45
C TRP A 728 -25.95 -1.66 -22.48
N ARG A 729 -26.77 -0.77 -23.02
CA ARG A 729 -28.22 -0.95 -22.95
C ARG A 729 -28.84 -1.05 -24.35
N SER A 730 -28.05 -1.56 -25.33
CA SER A 730 -28.53 -1.78 -26.69
C SER A 730 -27.37 -1.95 -27.66
N PRO A 731 -26.28 -1.15 -27.59
CA PRO A 731 -25.24 -1.25 -28.63
C PRO A 731 -24.56 -2.62 -28.72
N VAL A 732 -23.97 -2.90 -29.90
CA VAL A 732 -23.26 -4.13 -30.19
C VAL A 732 -21.79 -3.98 -29.78
N TRP A 733 -21.34 -4.86 -28.89
CA TRP A 733 -19.98 -4.82 -28.41
C TRP A 733 -19.25 -6.04 -28.95
N ILE A 734 -18.07 -5.83 -29.51
CA ILE A 734 -17.36 -6.90 -30.17
C ILE A 734 -16.90 -7.99 -29.19
N ASN A 735 -16.51 -7.63 -27.95
CA ASN A 735 -15.87 -8.63 -27.08
C ASN A 735 -16.86 -9.74 -26.69
N ILE A 736 -18.09 -9.36 -26.37
CA ILE A 736 -19.09 -10.31 -25.95
C ILE A 736 -19.60 -11.11 -27.15
N ASN A 737 -19.75 -10.44 -28.31
CA ASN A 737 -20.10 -11.11 -29.57
C ASN A 737 -19.05 -12.15 -29.92
N TYR A 738 -17.76 -11.85 -29.63
CA TYR A 738 -16.67 -12.78 -29.89
C TYR A 738 -16.83 -14.03 -29.01
N LEU A 739 -17.21 -13.85 -27.74
CA LEU A 739 -17.42 -15.03 -26.90
C LEU A 739 -18.60 -15.85 -27.43
N ALA A 740 -19.69 -15.18 -27.84
CA ALA A 740 -20.83 -15.88 -28.41
C ALA A 740 -20.41 -16.71 -29.63
N ILE A 741 -19.63 -16.09 -30.51
CA ILE A 741 -19.23 -16.70 -31.77
C ILE A 741 -18.44 -17.97 -31.53
N VAL A 742 -17.55 -17.90 -30.53
CA VAL A 742 -16.66 -18.99 -30.19
C VAL A 742 -17.48 -20.14 -29.57
N GLN A 743 -18.44 -19.80 -28.69
CA GLN A 743 -19.27 -20.82 -28.09
C GLN A 743 -20.24 -21.42 -29.10
N LEU A 744 -20.75 -20.62 -30.06
CA LEU A 744 -21.62 -21.19 -31.07
C LEU A 744 -20.83 -22.22 -31.88
N TYR A 745 -19.57 -21.88 -32.19
CA TYR A 745 -18.70 -22.74 -32.98
C TYR A 745 -18.40 -24.05 -32.24
N ASN A 746 -18.33 -23.99 -30.91
CA ASN A 746 -18.02 -25.16 -30.11
C ASN A 746 -19.15 -26.19 -30.25
N ILE A 747 -20.37 -25.71 -30.05
CA ILE A 747 -21.58 -26.50 -30.23
C ILE A 747 -21.73 -26.92 -31.69
N ALA A 748 -21.31 -26.07 -32.63
CA ALA A 748 -21.52 -26.42 -34.04
C ALA A 748 -20.61 -27.57 -34.47
N THR A 749 -19.50 -27.85 -33.76
CA THR A 749 -18.54 -28.80 -34.30
C THR A 749 -18.45 -30.05 -33.43
N GLN A 750 -19.62 -30.50 -32.97
CA GLN A 750 -19.77 -31.51 -31.94
C GLN A 750 -21.17 -32.09 -32.07
N ASP A 751 -21.30 -33.40 -31.81
CA ASP A 751 -22.59 -34.06 -31.82
C ASP A 751 -23.49 -33.50 -30.71
N GLY A 752 -24.76 -33.28 -31.05
CA GLY A 752 -25.78 -32.94 -30.07
C GLY A 752 -27.03 -32.35 -30.73
N PRO A 753 -28.07 -32.05 -29.94
CA PRO A 753 -29.35 -31.57 -30.48
C PRO A 753 -29.37 -30.17 -31.10
N TYR A 754 -28.31 -29.39 -30.88
CA TYR A 754 -28.32 -27.98 -31.26
C TYR A 754 -27.21 -27.70 -32.28
N LYS A 755 -26.44 -28.75 -32.62
CA LYS A 755 -25.39 -28.65 -33.62
C LYS A 755 -25.81 -27.72 -34.78
N GLU A 756 -26.95 -28.02 -35.43
CA GLU A 756 -27.34 -27.37 -36.67
C GLU A 756 -27.79 -25.92 -36.42
N THR A 757 -28.59 -25.67 -35.36
CA THR A 757 -28.92 -24.31 -34.95
C THR A 757 -27.64 -23.50 -34.66
N ALA A 758 -26.73 -24.09 -33.88
CA ALA A 758 -25.48 -23.44 -33.55
C ALA A 758 -24.69 -23.10 -34.82
N ARG A 759 -24.67 -24.03 -35.79
CA ARG A 759 -23.92 -23.84 -37.00
C ARG A 759 -24.51 -22.66 -37.78
N ASP A 760 -25.83 -22.61 -37.89
CA ASP A 760 -26.45 -21.52 -38.61
C ASP A 760 -26.15 -20.18 -37.94
N LEU A 761 -26.35 -20.09 -36.62
CA LEU A 761 -26.09 -18.88 -35.85
C LEU A 761 -24.60 -18.49 -35.93
N TYR A 762 -23.70 -19.47 -35.86
CA TYR A 762 -22.28 -19.19 -35.98
C TYR A 762 -21.99 -18.46 -37.30
N THR A 763 -22.46 -19.06 -38.39
CA THR A 763 -22.24 -18.59 -39.75
C THR A 763 -22.70 -17.14 -39.87
N ARG A 764 -23.94 -16.88 -39.43
CA ARG A 764 -24.59 -15.58 -39.57
C ARG A 764 -23.92 -14.54 -38.65
N LEU A 765 -23.67 -14.88 -37.38
CA LEU A 765 -23.16 -13.91 -36.43
C LEU A 765 -21.76 -13.48 -36.86
N ARG A 766 -20.90 -14.45 -37.19
CA ARG A 766 -19.55 -14.19 -37.67
C ARG A 766 -19.58 -13.20 -38.86
N LYS A 767 -20.46 -13.49 -39.82
CA LYS A 767 -20.60 -12.64 -40.98
C LYS A 767 -21.04 -11.25 -40.55
N ASN A 768 -22.11 -11.17 -39.72
CA ASN A 768 -22.69 -9.90 -39.29
C ASN A 768 -21.64 -9.01 -38.60
N ILE A 769 -20.94 -9.57 -37.59
CA ILE A 769 -19.94 -8.85 -36.80
C ILE A 769 -18.78 -8.42 -37.68
N VAL A 770 -18.19 -9.33 -38.46
CA VAL A 770 -17.09 -8.95 -39.32
C VAL A 770 -17.49 -7.81 -40.27
N GLU A 771 -18.65 -7.96 -40.93
CA GLU A 771 -19.05 -7.03 -41.98
C GLU A 771 -19.31 -5.64 -41.40
N THR A 772 -19.94 -5.57 -40.23
CA THR A 772 -20.21 -4.30 -39.57
C THR A 772 -18.89 -3.58 -39.24
N VAL A 773 -17.93 -4.32 -38.70
CA VAL A 773 -16.68 -3.71 -38.32
C VAL A 773 -15.92 -3.33 -39.58
N TYR A 774 -15.97 -4.20 -40.59
CA TYR A 774 -15.33 -3.89 -41.85
C TYR A 774 -15.93 -2.65 -42.54
N ARG A 775 -17.27 -2.59 -42.69
CA ARG A 775 -17.90 -1.49 -43.41
C ARG A 775 -17.50 -0.18 -42.75
N ASN A 776 -17.51 -0.18 -41.39
CA ASN A 776 -17.17 1.02 -40.67
C ASN A 776 -15.73 1.45 -40.91
N TRP A 777 -14.81 0.48 -40.87
CA TRP A 777 -13.39 0.74 -41.09
C TRP A 777 -13.20 1.30 -42.51
N GLU A 778 -13.90 0.71 -43.48
CA GLU A 778 -13.80 1.14 -44.85
C GLU A 778 -14.23 2.61 -44.94
N GLU A 779 -15.38 2.94 -44.32
CA GLU A 779 -15.95 4.27 -44.43
C GLU A 779 -15.13 5.30 -43.64
N THR A 780 -14.61 4.93 -42.45
CA THR A 780 -14.14 5.96 -41.51
C THR A 780 -12.64 5.83 -41.23
N GLY A 781 -12.05 4.69 -41.61
CA GLY A 781 -10.68 4.34 -41.24
C GLY A 781 -10.54 3.87 -39.79
N PHE A 782 -11.65 3.77 -39.03
CA PHE A 782 -11.50 3.50 -37.61
C PHE A 782 -12.13 2.19 -37.19
N ALA A 783 -11.53 1.61 -36.15
CA ALA A 783 -12.19 0.67 -35.27
C ALA A 783 -12.97 1.45 -34.23
N TRP A 784 -14.22 1.05 -33.94
CA TRP A 784 -14.99 1.75 -32.94
C TRP A 784 -15.23 0.87 -31.70
N GLU A 785 -15.61 1.51 -30.58
CA GLU A 785 -15.84 0.89 -29.28
C GLU A 785 -17.08 -0.01 -29.29
N GLN A 786 -18.11 0.40 -30.04
CA GLN A 786 -19.39 -0.31 -30.07
C GLN A 786 -20.10 0.09 -31.37
N TYR A 787 -21.13 -0.67 -31.77
CA TYR A 787 -21.82 -0.43 -33.03
C TYR A 787 -23.33 -0.34 -32.81
N ASN A 788 -23.95 0.57 -33.54
CA ASN A 788 -25.35 0.91 -33.40
C ASN A 788 -26.18 -0.21 -34.03
N PRO A 789 -27.08 -0.88 -33.26
CA PRO A 789 -27.83 -2.02 -33.81
C PRO A 789 -28.93 -1.66 -34.81
N GLU A 790 -29.36 -0.39 -34.86
CA GLU A 790 -30.36 0.07 -35.83
C GLU A 790 -29.69 0.48 -37.13
N THR A 791 -28.57 1.21 -37.04
CA THR A 791 -27.96 1.77 -38.22
C THR A 791 -26.70 1.01 -38.61
N GLY A 792 -26.06 0.28 -37.68
CA GLY A 792 -24.80 -0.36 -38.02
C GLY A 792 -23.57 0.54 -37.86
N LYS A 793 -23.80 1.81 -37.48
CA LYS A 793 -22.71 2.80 -37.42
C LYS A 793 -21.82 2.57 -36.18
N GLY A 794 -20.51 2.78 -36.36
CA GLY A 794 -19.62 2.84 -35.21
C GLY A 794 -19.95 4.08 -34.38
N GLN A 795 -19.94 3.95 -33.05
CA GLN A 795 -20.22 5.11 -32.20
C GLN A 795 -19.41 4.98 -30.91
N ARG A 796 -19.50 6.00 -30.02
CA ARG A 796 -18.52 6.20 -28.96
C ARG A 796 -17.15 6.38 -29.59
N THR A 797 -16.09 5.84 -28.98
CA THR A 797 -14.75 6.29 -29.36
C THR A 797 -14.20 5.50 -30.55
N GLN A 798 -13.41 6.23 -31.37
CA GLN A 798 -12.60 5.68 -32.44
C GLN A 798 -11.25 5.21 -31.87
N HIS A 799 -10.44 4.55 -32.72
CA HIS A 799 -9.14 4.00 -32.31
C HIS A 799 -9.31 2.96 -31.21
N PHE A 800 -10.41 2.21 -31.22
CA PHE A 800 -10.62 1.25 -30.15
C PHE A 800 -10.01 -0.10 -30.55
N THR A 801 -8.69 -0.23 -30.37
CA THR A 801 -7.97 -1.45 -30.73
C THR A 801 -7.02 -1.84 -29.58
N GLY A 802 -7.57 -2.33 -28.46
CA GLY A 802 -9.00 -2.42 -28.21
C GLY A 802 -9.57 -3.73 -28.71
N TRP A 803 -10.55 -4.28 -27.98
CA TRP A 803 -11.03 -5.63 -28.28
C TRP A 803 -11.83 -5.68 -29.60
N THR A 804 -12.13 -4.52 -30.21
CA THR A 804 -12.76 -4.57 -31.50
C THR A 804 -11.92 -5.36 -32.49
N SER A 805 -10.58 -5.32 -32.31
CA SER A 805 -9.61 -6.04 -33.12
C SER A 805 -9.75 -7.57 -33.08
N LEU A 806 -10.59 -8.11 -32.17
CA LEU A 806 -10.89 -9.55 -32.13
C LEU A 806 -11.37 -10.03 -33.51
N VAL A 807 -11.88 -9.08 -34.29
CA VAL A 807 -12.43 -9.40 -35.60
CA VAL A 807 -12.42 -9.37 -35.60
C VAL A 807 -11.40 -10.15 -36.45
N VAL A 808 -10.09 -9.92 -36.23
CA VAL A 808 -9.08 -10.68 -36.96
CA VAL A 808 -9.12 -10.68 -36.99
C VAL A 808 -9.22 -12.17 -36.70
N LYS A 809 -9.41 -12.55 -35.42
CA LYS A 809 -9.48 -13.94 -35.04
C LYS A 809 -10.82 -14.52 -35.47
N ILE A 810 -11.88 -13.70 -35.43
CA ILE A 810 -13.17 -14.16 -35.91
C ILE A 810 -13.06 -14.54 -37.39
N MET A 811 -12.35 -13.72 -38.18
CA MET A 811 -12.25 -13.99 -39.61
C MET A 811 -11.44 -15.26 -39.85
N SER A 812 -10.38 -15.45 -39.06
CA SER A 812 -9.45 -16.55 -39.32
C SER A 812 -9.99 -17.87 -38.79
N GLY A 813 -10.93 -17.82 -37.83
CA GLY A 813 -11.77 -18.95 -37.43
C GLY A 813 -11.01 -20.11 -36.77
N HIS A 814 -11.53 -21.34 -36.98
CA HIS A 814 -10.96 -22.61 -36.54
C HIS A 814 -10.60 -22.58 -35.05
N HIS A 815 -11.61 -22.44 -34.19
CA HIS A 815 -11.41 -22.29 -32.74
C HIS A 815 -11.03 -23.60 -32.04
N GLU B 35 -14.74 14.51 42.10
CA GLU B 35 -16.12 14.63 42.71
C GLU B 35 -16.04 15.27 44.11
N SER B 36 -15.15 14.78 44.99
CA SER B 36 -14.69 15.63 46.07
C SER B 36 -13.89 16.79 45.48
N ILE B 37 -13.94 17.96 46.13
CA ILE B 37 -13.15 19.10 45.73
C ILE B 37 -11.67 18.72 45.59
N LEU B 38 -11.12 17.97 46.55
CA LEU B 38 -9.69 17.70 46.51
C LEU B 38 -9.34 16.77 45.34
N HIS B 39 -10.10 15.69 45.16
CA HIS B 39 -9.85 14.76 44.07
C HIS B 39 -9.92 15.49 42.72
N SER B 40 -10.94 16.33 42.49
CA SER B 40 -10.99 17.12 41.26
C SER B 40 -9.75 17.96 41.10
N GLU B 41 -9.36 18.66 42.18
CA GLU B 41 -8.28 19.64 42.07
C GLU B 41 -6.99 18.91 41.69
N ILE B 42 -6.75 17.77 42.33
CA ILE B 42 -5.57 16.97 41.99
C ILE B 42 -5.63 16.52 40.52
N GLY B 43 -6.81 16.05 40.09
CA GLY B 43 -6.95 15.63 38.70
C GLY B 43 -6.65 16.80 37.77
N ARG B 44 -7.13 18.00 38.15
CA ARG B 44 -6.89 19.17 37.34
C ARG B 44 -5.39 19.48 37.28
N LEU B 45 -4.67 19.27 38.39
CA LEU B 45 -3.26 19.64 38.44
C LEU B 45 -2.42 18.64 37.65
N ASN B 46 -2.82 17.37 37.77
CA ASN B 46 -2.19 16.29 37.01
C ASN B 46 -2.38 16.49 35.51
N ASN B 47 -3.58 16.91 35.13
CA ASN B 47 -4.01 17.12 33.77
C ASN B 47 -3.13 18.23 33.16
N GLN B 48 -2.97 19.34 33.90
CA GLN B 48 -2.20 20.47 33.40
C GLN B 48 -0.73 20.09 33.35
N SER B 49 -0.29 19.26 34.31
N SER B 49 -0.30 19.26 34.32
CA SER B 49 1.10 18.85 34.38
CA SER B 49 1.10 18.85 34.39
C SER B 49 1.46 17.95 33.19
C SER B 49 1.44 17.96 33.19
N LEU B 50 0.50 17.08 32.79
CA LEU B 50 0.79 16.03 31.83
C LEU B 50 0.41 16.39 30.38
N LEU B 51 -0.24 17.54 30.17
CA LEU B 51 -0.91 17.86 28.92
C LEU B 51 0.02 17.78 27.70
N TRP B 52 1.24 18.34 27.82
CA TRP B 52 2.13 18.41 26.69
C TRP B 52 3.19 17.32 26.81
N GLY B 53 3.57 16.73 25.67
CA GLY B 53 4.75 15.91 25.69
C GLY B 53 5.14 15.56 24.27
N PRO B 54 6.24 14.79 24.09
CA PRO B 54 6.55 14.23 22.77
C PRO B 54 5.69 12.97 22.57
N TYR B 55 4.38 13.12 22.65
CA TYR B 55 3.51 11.98 22.83
C TYR B 55 3.16 11.34 21.47
N ARG B 56 4.15 11.24 20.59
CA ARG B 56 4.03 10.69 19.25
C ARG B 56 5.18 9.69 19.07
N PRO B 57 5.20 8.58 19.84
CA PRO B 57 6.31 7.61 19.79
C PRO B 57 6.42 6.89 18.45
N ASN B 58 5.36 6.95 17.60
CA ASN B 58 5.43 6.29 16.30
C ASN B 58 6.43 6.99 15.37
N ILE B 59 6.79 8.25 15.67
CA ILE B 59 7.78 8.96 14.83
C ILE B 59 9.04 9.29 15.64
N TYR B 60 10.16 9.54 14.95
CA TYR B 60 11.41 9.92 15.61
C TYR B 60 11.20 11.08 16.59
N PHE B 61 10.50 12.13 16.17
CA PHE B 61 10.36 13.27 17.06
C PHE B 61 9.19 14.15 16.67
N GLY B 62 8.31 14.40 17.63
CA GLY B 62 7.24 15.36 17.44
C GLY B 62 6.44 15.50 18.73
N THR B 63 5.57 16.51 18.79
CA THR B 63 4.84 16.71 20.01
C THR B 63 3.35 16.75 19.69
N ARG B 64 2.53 16.48 20.71
CA ARG B 64 1.13 16.88 20.72
C ARG B 64 0.66 16.97 22.18
N PRO B 65 -0.42 17.70 22.50
CA PRO B 65 -1.02 17.61 23.82
C PRO B 65 -2.00 16.44 23.90
N ARG B 66 -2.45 16.12 25.11
CA ARG B 66 -3.45 15.08 25.29
C ARG B 66 -4.82 15.65 24.94
N ILE B 67 -4.99 16.07 23.68
CA ILE B 67 -6.22 16.65 23.15
C ILE B 67 -6.39 16.03 21.76
N GLY B 68 -7.58 15.49 21.52
CA GLY B 68 -7.84 14.73 20.30
C GLY B 68 -7.55 15.57 19.05
N LYS B 69 -8.15 16.76 19.01
CA LYS B 69 -8.02 17.60 17.84
C LYS B 69 -7.30 18.86 18.25
N SER B 70 -6.01 18.96 17.93
CA SER B 70 -5.25 20.11 18.40
C SER B 70 -3.97 20.25 17.57
N LEU B 71 -2.97 20.89 18.18
CA LEU B 71 -1.74 21.26 17.48
C LEU B 71 -0.77 20.09 17.58
N MET B 72 -0.20 19.62 16.46
CA MET B 72 0.76 18.53 16.49
C MET B 72 2.03 18.91 15.73
N THR B 73 3.19 18.38 16.13
CA THR B 73 4.39 18.68 15.37
C THR B 73 5.10 17.39 14.98
N GLY B 74 5.99 17.46 13.99
CA GLY B 74 6.86 16.35 13.66
C GLY B 74 8.09 16.81 12.87
N LEU B 75 9.22 16.09 13.03
CA LEU B 75 10.52 16.42 12.45
C LEU B 75 10.87 15.43 11.34
N MET B 76 11.33 15.95 10.20
CA MET B 76 11.89 15.06 9.18
C MET B 76 13.29 15.58 8.78
N TRP B 77 14.16 14.66 8.37
CA TRP B 77 15.48 15.05 7.88
C TRP B 77 15.91 14.01 6.87
N GLY B 78 16.81 14.43 5.97
CA GLY B 78 17.44 13.49 5.06
C GLY B 78 18.53 14.24 4.27
N LYS B 79 19.58 13.50 3.91
CA LYS B 79 20.60 14.03 3.02
C LYS B 79 20.04 14.13 1.61
N ILE B 80 20.60 15.06 0.82
CA ILE B 80 20.21 15.11 -0.58
C ILE B 80 21.45 15.24 -1.46
N GLU B 81 21.61 14.32 -2.40
CA GLU B 81 22.74 14.28 -3.31
C GLU B 81 22.27 14.29 -4.77
N SER B 82 21.01 13.97 -5.06
CA SER B 82 20.58 13.84 -6.44
C SER B 82 19.17 14.38 -6.60
N TYR B 83 18.65 14.35 -7.83
CA TYR B 83 17.29 14.83 -8.05
C TYR B 83 16.26 13.82 -7.55
N THR B 84 16.70 12.62 -7.15
CA THR B 84 15.77 11.54 -6.90
C THR B 84 16.00 10.82 -5.56
N ASP B 85 16.97 11.27 -4.74
CA ASP B 85 17.39 10.44 -3.61
C ASP B 85 16.59 10.78 -2.34
N PHE B 86 16.11 12.01 -2.21
CA PHE B 86 15.57 12.49 -0.96
C PHE B 86 14.40 11.61 -0.50
N GLN B 87 13.62 11.10 -1.46
CA GLN B 87 12.47 10.25 -1.21
C GLN B 87 12.91 8.98 -0.47
N HIS B 88 14.17 8.54 -0.64
CA HIS B 88 14.71 7.33 -0.03
C HIS B 88 15.44 7.61 1.29
N THR B 89 15.94 8.84 1.48
CA THR B 89 16.83 9.12 2.60
C THR B 89 16.03 9.71 3.76
N VAL B 90 14.88 10.31 3.45
CA VAL B 90 14.14 11.12 4.40
C VAL B 90 13.63 10.25 5.56
N ARG B 91 13.69 10.79 6.78
CA ARG B 91 13.27 10.14 8.00
C ARG B 91 12.05 10.86 8.55
N TYR B 92 11.07 10.07 9.03
CA TYR B 92 9.85 10.54 9.68
C TYR B 92 9.38 9.51 10.71
N THR B 93 8.74 8.41 10.25
CA THR B 93 8.21 7.37 11.12
C THR B 93 9.35 6.46 11.60
N CYS B 94 9.26 5.98 12.85
CA CYS B 94 10.27 5.08 13.38
C CYS B 94 10.33 3.76 12.59
N GLU B 95 11.55 3.31 12.29
CA GLU B 95 11.88 2.05 11.64
C GLU B 95 13.10 1.45 12.36
N GLN B 96 13.48 0.22 12.01
CA GLN B 96 14.77 -0.29 12.47
C GLN B 96 15.29 -1.28 11.43
N ASN B 97 16.43 -0.94 10.81
CA ASN B 97 17.04 -1.67 9.70
C ASN B 97 18.55 -1.35 9.70
N GLU B 98 19.28 -1.94 8.74
CA GLU B 98 20.70 -1.73 8.47
C GLU B 98 21.06 -0.24 8.46
N GLY B 99 20.20 0.61 7.88
CA GLY B 99 20.54 2.01 7.70
C GLY B 99 20.41 2.83 8.98
N MET B 100 19.95 2.20 10.08
CA MET B 100 19.88 2.92 11.35
C MET B 100 20.69 2.16 12.39
N LYS B 101 21.60 2.85 13.12
CA LYS B 101 22.39 2.21 14.17
C LYS B 101 21.48 1.96 15.37
N GLY B 102 20.76 2.99 15.80
CA GLY B 102 19.87 2.92 16.95
C GLY B 102 19.33 4.31 17.28
N TYR B 103 18.43 4.35 18.27
CA TYR B 103 17.87 5.59 18.80
C TYR B 103 17.11 5.23 20.07
N GLY B 104 16.78 6.26 20.85
CA GLY B 104 16.10 6.06 22.11
C GLY B 104 16.30 7.26 23.02
N TRP B 105 15.62 7.22 24.17
CA TRP B 105 15.70 8.28 25.14
C TRP B 105 16.85 7.97 26.10
N ASP B 106 17.76 8.94 26.29
CA ASP B 106 18.88 8.77 27.20
C ASP B 106 18.36 8.97 28.61
N GLU B 107 17.38 9.85 28.71
CA GLU B 107 16.71 10.19 29.94
C GLU B 107 15.34 10.77 29.58
N TYR B 108 14.35 10.62 30.47
CA TYR B 108 13.04 11.14 30.17
C TYR B 108 12.17 11.06 31.41
N ASP B 109 11.36 12.12 31.55
CA ASP B 109 10.28 12.20 32.50
C ASP B 109 9.18 13.01 31.84
N PRO B 110 7.96 12.46 31.74
CA PRO B 110 6.84 13.12 31.07
C PRO B 110 6.46 14.46 31.69
N ARG B 111 6.77 14.68 32.97
CA ARG B 111 6.45 15.97 33.59
C ARG B 111 7.48 17.04 33.19
N ARG B 112 8.69 16.63 32.80
CA ARG B 112 9.81 17.57 32.74
C ARG B 112 10.43 17.60 31.36
N GLY B 113 10.51 16.44 30.70
CA GLY B 113 11.16 16.35 29.40
C GLY B 113 12.29 15.32 29.39
N GLY B 114 13.19 15.45 28.42
CA GLY B 114 14.19 14.41 28.24
C GLY B 114 15.02 14.72 27.01
N ILE B 115 15.87 13.75 26.66
CA ILE B 115 16.84 13.90 25.59
C ILE B 115 16.86 12.57 24.84
N GLN B 116 16.65 12.63 23.52
CA GLN B 116 16.71 11.44 22.70
C GLN B 116 17.95 11.54 21.82
N SER B 117 18.57 10.39 21.53
CA SER B 117 19.72 10.34 20.66
C SER B 117 19.35 9.46 19.47
N ILE B 118 19.65 9.92 18.24
CA ILE B 118 19.36 9.15 17.04
C ILE B 118 20.67 8.93 16.26
N HIS B 119 21.03 7.68 16.01
CA HIS B 119 22.21 7.39 15.21
C HIS B 119 21.80 6.82 13.86
N ASP B 120 21.86 7.70 12.84
CA ASP B 120 21.40 7.42 11.49
C ASP B 120 22.61 7.14 10.61
N ILE B 121 22.77 5.89 10.15
CA ILE B 121 23.90 5.49 9.32
C ILE B 121 23.69 6.04 7.91
N GLN B 122 22.48 5.84 7.38
CA GLN B 122 22.18 6.21 6.00
C GLN B 122 22.47 7.70 5.76
N ASN B 123 22.08 8.57 6.71
CA ASN B 123 22.17 10.01 6.52
C ASN B 123 23.43 10.55 7.22
N GLY B 124 24.21 9.63 7.81
CA GLY B 124 25.55 9.94 8.31
C GLY B 124 25.48 10.98 9.41
N LEU B 125 24.47 10.85 10.28
CA LEU B 125 24.13 11.89 11.24
C LEU B 125 23.88 11.30 12.63
N ASP B 126 24.40 11.99 13.65
CA ASP B 126 24.09 11.73 15.04
C ASP B 126 23.26 12.91 15.53
N ILE B 127 22.00 12.62 15.86
CA ILE B 127 21.05 13.68 16.19
C ILE B 127 20.65 13.55 17.64
N THR B 128 20.38 14.70 18.21
CA THR B 128 19.96 14.81 19.58
C THR B 128 18.71 15.67 19.56
N THR B 129 17.65 15.24 20.27
CA THR B 129 16.45 16.05 20.41
C THR B 129 16.17 16.20 21.91
N SER B 130 16.33 17.41 22.42
CA SER B 130 16.07 17.74 23.81
C SER B 130 14.66 18.29 23.89
N PHE B 131 13.90 17.86 24.89
CA PHE B 131 12.58 18.45 25.04
C PHE B 131 12.42 18.84 26.50
N VAL B 132 11.81 20.00 26.77
CA VAL B 132 11.69 20.45 28.15
C VAL B 132 10.35 21.14 28.26
N LYS B 133 9.70 20.93 29.41
CA LYS B 133 8.43 21.58 29.69
C LYS B 133 8.61 22.66 30.76
N ILE B 134 7.76 23.69 30.69
CA ILE B 134 7.88 24.89 31.50
C ILE B 134 6.49 25.26 31.95
N PRO B 135 6.14 24.99 33.22
CA PRO B 135 4.79 25.25 33.73
C PRO B 135 4.52 26.75 33.75
N GLY B 136 3.22 27.12 33.69
CA GLY B 136 2.85 28.51 33.49
C GLY B 136 1.50 28.66 32.79
N GLY B 137 0.67 29.56 33.31
CA GLY B 137 -0.65 29.82 32.75
C GLY B 137 -1.63 28.68 32.97
N ALA B 138 -2.68 28.66 32.14
CA ALA B 138 -3.88 27.88 32.42
C ALA B 138 -4.09 26.80 31.37
N HIS B 139 -3.11 26.58 30.48
CA HIS B 139 -3.37 25.76 29.30
C HIS B 139 -2.31 24.68 29.13
N GLY B 140 -1.66 24.30 30.24
CA GLY B 140 -0.76 23.16 30.24
C GLY B 140 0.69 23.57 30.00
N GLY B 141 0.90 24.89 30.01
CA GLY B 141 2.23 25.48 30.07
C GLY B 141 2.92 25.53 28.70
N SER B 142 4.25 25.67 28.73
CA SER B 142 5.06 25.94 27.56
C SER B 142 6.05 24.81 27.37
N TRP B 143 6.68 24.75 26.20
CA TRP B 143 7.70 23.74 25.96
C TRP B 143 8.69 24.28 24.95
N ALA B 144 9.86 23.63 24.87
CA ALA B 144 10.89 24.01 23.93
C ALA B 144 11.62 22.72 23.60
N ALA B 145 12.37 22.73 22.51
CA ALA B 145 13.11 21.57 22.02
C ALA B 145 14.31 22.07 21.25
N ARG B 146 15.45 21.42 21.42
CA ARG B 146 16.62 21.75 20.62
C ARG B 146 16.91 20.53 19.76
N ILE B 147 17.15 20.78 18.47
CA ILE B 147 17.45 19.75 17.50
C ILE B 147 18.88 19.95 16.98
N LYS B 148 19.72 18.93 17.18
CA LYS B 148 21.14 19.06 16.89
C LYS B 148 21.63 17.89 16.04
N GLY B 149 22.18 18.22 14.88
CA GLY B 149 22.80 17.23 14.02
C GLY B 149 24.31 17.43 13.88
N THR B 150 25.06 16.34 13.97
CA THR B 150 26.51 16.29 13.87
C THR B 150 26.85 15.15 12.93
N LEU B 151 27.52 15.46 11.80
CA LEU B 151 27.87 14.42 10.84
C LEU B 151 28.86 13.47 11.50
N ASN B 152 28.67 12.17 11.31
CA ASN B 152 29.64 11.19 11.77
C ASN B 152 30.91 11.34 10.93
N ASP B 153 31.93 10.52 11.21
CA ASP B 153 33.24 10.65 10.58
C ASP B 153 33.23 10.16 9.14
N ASP B 154 32.26 9.30 8.78
CA ASP B 154 32.16 8.71 7.45
C ASP B 154 31.49 9.63 6.44
N ALA B 155 30.78 10.67 6.90
CA ALA B 155 29.91 11.46 6.03
C ALA B 155 30.75 12.50 5.30
N PRO B 156 30.42 12.84 4.04
CA PRO B 156 31.10 13.95 3.36
C PRO B 156 30.89 15.22 4.19
N LYS B 157 31.98 15.92 4.51
CA LYS B 157 31.96 17.06 5.42
C LYS B 157 31.05 18.15 4.88
N ASP B 158 30.82 18.13 3.56
CA ASP B 158 30.02 19.17 2.92
C ASP B 158 28.59 18.69 2.68
N GLN B 159 28.17 17.59 3.34
CA GLN B 159 26.88 17.00 3.07
C GLN B 159 25.78 18.04 3.22
N LYS B 160 24.82 18.03 2.28
CA LYS B 160 23.63 18.86 2.43
C LYS B 160 22.52 18.02 3.05
N THR B 161 21.95 18.52 4.17
CA THR B 161 20.85 17.84 4.84
C THR B 161 19.65 18.75 4.85
N ILE B 162 18.50 18.23 4.39
CA ILE B 162 17.24 18.96 4.48
C ILE B 162 16.61 18.61 5.84
N VAL B 163 16.08 19.62 6.52
CA VAL B 163 15.40 19.39 7.78
C VAL B 163 14.02 20.06 7.70
N VAL B 164 12.98 19.29 8.05
CA VAL B 164 11.65 19.86 8.01
C VAL B 164 11.05 19.83 9.41
N PHE B 165 10.43 20.95 9.79
CA PHE B 165 9.56 20.94 10.94
C PHE B 165 8.14 21.19 10.47
N TYR B 166 7.30 20.15 10.63
CA TYR B 166 5.92 20.14 10.18
C TYR B 166 4.97 20.43 11.33
N VAL B 167 4.05 21.38 11.13
CA VAL B 167 3.11 21.74 12.19
C VAL B 167 1.69 21.64 11.63
N SER B 168 0.80 20.99 12.36
CA SER B 168 -0.59 20.95 11.95
C SER B 168 -1.49 21.26 13.14
N GLN B 169 -2.70 21.75 12.84
CA GLN B 169 -3.70 22.02 13.87
C GLN B 169 -5.10 21.67 13.36
N GLU B 170 -5.74 20.75 14.10
CA GLU B 170 -7.06 20.26 13.82
C GLU B 170 -8.04 20.86 14.84
N GLY B 171 -9.29 21.00 14.42
CA GLY B 171 -10.38 21.32 15.33
C GLY B 171 -11.02 22.65 14.97
N GLU B 172 -12.32 22.77 15.20
CA GLU B 172 -13.09 23.99 14.99
C GLU B 172 -12.55 25.14 15.85
N ASN B 173 -12.73 26.36 15.34
CA ASN B 173 -12.51 27.59 16.09
C ASN B 173 -11.06 27.67 16.55
N SER B 174 -10.15 27.46 15.60
CA SER B 174 -8.74 27.56 15.88
C SER B 174 -7.99 28.20 14.71
N GLU B 175 -6.94 28.97 15.00
CA GLU B 175 -6.21 29.69 13.96
C GLU B 175 -4.73 29.39 14.09
N LEU B 176 -4.03 29.47 12.96
CA LEU B 176 -2.58 29.40 13.02
C LEU B 176 -2.03 30.09 11.76
N GLU B 177 -0.97 30.87 11.95
CA GLU B 177 -0.57 31.84 10.96
C GLU B 177 0.94 32.09 11.10
N ALA B 178 1.70 31.86 10.02
CA ALA B 178 3.12 32.23 10.00
C ALA B 178 3.26 33.74 9.73
N VAL B 179 4.04 34.42 10.57
CA VAL B 179 4.30 35.84 10.38
C VAL B 179 5.21 35.98 9.16
N PRO B 180 4.87 36.82 8.12
CA PRO B 180 5.75 37.02 6.97
C PRO B 180 7.18 37.39 7.33
N SER B 181 8.10 36.89 6.51
CA SER B 181 9.48 37.31 6.42
C SER B 181 9.57 38.78 6.04
N GLU B 182 10.73 39.41 6.30
CA GLU B 182 11.02 40.75 5.84
C GLU B 182 11.64 40.67 4.44
N ASN B 183 12.24 39.51 4.13
CA ASN B 183 13.04 39.30 2.93
C ASN B 183 12.23 38.61 1.84
N GLU B 184 12.79 38.63 0.63
CA GLU B 184 12.05 38.38 -0.58
C GLU B 184 11.57 36.93 -0.61
N PHE B 185 12.53 36.00 -0.46
CA PHE B 185 12.35 34.60 -0.79
C PHE B 185 12.31 33.71 0.46
N GLY B 186 12.24 34.30 1.66
CA GLY B 186 12.25 33.48 2.87
C GLY B 186 12.87 34.23 4.05
N TYR B 187 13.39 33.47 5.03
CA TYR B 187 13.68 34.02 6.35
C TYR B 187 15.19 33.99 6.58
N GLU B 188 15.72 35.16 6.97
CA GLU B 188 17.09 35.25 7.48
C GLU B 188 17.13 34.81 8.95
N GLY B 189 16.04 35.07 9.69
CA GLY B 189 15.98 34.85 11.13
C GLY B 189 15.01 33.72 11.52
N ASP B 190 14.23 33.99 12.57
CA ASP B 190 13.37 33.01 13.21
C ASP B 190 12.04 32.97 12.44
N VAL B 191 11.39 31.81 12.40
CA VAL B 191 10.02 31.74 11.92
C VAL B 191 9.13 31.77 13.14
N ILE B 192 8.10 32.63 13.09
CA ILE B 192 7.13 32.76 14.15
C ILE B 192 5.76 32.34 13.65
N LEU B 193 5.13 31.36 14.31
CA LEU B 193 3.73 31.04 14.09
C LEU B 193 2.91 31.55 15.28
N LYS B 194 1.79 32.25 15.01
CA LYS B 194 0.86 32.66 16.03
C LYS B 194 -0.44 31.88 15.87
N GLY B 195 -0.96 31.37 16.98
CA GLY B 195 -2.07 30.43 16.96
C GLY B 195 -3.01 30.66 18.13
N ARG B 196 -4.21 30.11 18.02
CA ARG B 196 -5.22 30.23 19.05
C ARG B 196 -6.13 29.02 18.90
N SER B 197 -6.48 28.37 20.03
CA SER B 197 -7.59 27.45 20.08
C SER B 197 -8.28 27.60 21.45
N GLU B 198 -9.44 26.95 21.62
CA GLU B 198 -10.13 26.97 22.90
C GLU B 198 -9.23 26.26 23.93
N ALA B 199 -8.70 25.11 23.53
CA ALA B 199 -7.93 24.27 24.43
C ALA B 199 -6.60 24.95 24.77
N LEU B 200 -6.00 25.64 23.80
CA LEU B 200 -4.66 26.14 24.03
C LEU B 200 -4.63 27.63 24.39
N GLY B 201 -5.75 28.35 24.21
CA GLY B 201 -5.69 29.81 24.30
C GLY B 201 -4.82 30.35 23.16
N ASN B 202 -4.19 31.51 23.38
CA ASN B 202 -3.23 32.08 22.44
C ASN B 202 -1.88 31.44 22.73
N TYR B 203 -1.10 31.24 21.67
CA TYR B 203 0.26 30.76 21.84
C TYR B 203 1.05 31.20 20.62
N LYS B 204 2.37 31.05 20.75
CA LYS B 204 3.35 31.45 19.78
C LYS B 204 4.22 30.21 19.62
N LEU B 205 4.58 29.85 18.38
CA LEU B 205 5.49 28.73 18.15
C LEU B 205 6.58 29.22 17.21
N VAL B 206 7.82 29.24 17.74
CA VAL B 206 8.95 29.82 17.03
C VAL B 206 9.90 28.69 16.60
N VAL B 207 10.28 28.67 15.31
CA VAL B 207 11.42 27.87 14.91
C VAL B 207 12.61 28.81 14.69
N THR B 208 13.67 28.65 15.49
CA THR B 208 14.74 29.65 15.47
C THR B 208 15.64 29.48 14.26
N LYS B 209 16.43 30.54 13.98
CA LYS B 209 17.34 30.59 12.85
C LYS B 209 18.27 29.39 12.90
N GLY B 210 18.89 29.20 14.07
CA GLY B 210 19.79 28.09 14.36
C GLY B 210 21.23 28.39 13.98
N LYS B 211 22.08 27.38 14.08
CA LYS B 211 23.49 27.51 13.86
C LYS B 211 23.84 26.49 12.79
N GLY B 212 24.70 26.90 11.86
CA GLY B 212 25.23 26.03 10.83
C GLY B 212 25.20 26.73 9.47
N VAL B 213 26.02 26.22 8.56
CA VAL B 213 26.20 26.78 7.24
C VAL B 213 24.95 26.49 6.40
N ILE B 214 24.45 27.55 5.76
CA ILE B 214 23.37 27.45 4.79
C ILE B 214 23.99 27.53 3.38
N PRO B 215 23.97 26.45 2.55
CA PRO B 215 24.58 26.53 1.21
C PRO B 215 23.88 27.57 0.34
N GLN B 216 24.64 28.18 -0.56
CA GLN B 216 24.15 29.28 -1.38
C GLN B 216 24.27 28.83 -2.82
N SER B 217 23.29 29.19 -3.64
CA SER B 217 23.32 28.84 -5.06
C SER B 217 23.54 30.09 -5.90
N ASP B 218 24.39 29.96 -6.91
CA ASP B 218 24.54 31.04 -7.88
C ASP B 218 23.93 30.66 -9.22
N HIS B 219 23.11 29.60 -9.22
CA HIS B 219 22.31 29.23 -10.39
C HIS B 219 21.28 30.30 -10.67
N ASP B 220 20.94 30.46 -11.97
CA ASP B 220 19.92 31.41 -12.42
C ASP B 220 18.59 31.18 -11.69
N LEU B 221 18.31 29.94 -11.25
CA LEU B 221 17.10 29.64 -10.48
C LEU B 221 16.98 30.51 -9.22
N SER B 222 18.14 30.93 -8.66
CA SER B 222 18.21 31.81 -7.51
C SER B 222 17.42 33.11 -7.72
N ARG B 223 17.23 33.53 -8.98
CA ARG B 223 16.54 34.78 -9.26
C ARG B 223 15.08 34.64 -8.85
N LEU B 224 14.60 33.40 -8.92
CA LEU B 224 13.18 33.13 -8.73
C LEU B 224 12.95 32.62 -7.30
N ARG B 225 13.94 31.90 -6.76
CA ARG B 225 13.76 31.09 -5.56
C ARG B 225 14.71 31.54 -4.45
N GLY B 226 15.45 32.65 -4.67
CA GLY B 226 16.43 33.12 -3.71
C GLY B 226 17.66 32.22 -3.69
N PRO B 227 18.80 32.66 -3.14
CA PRO B 227 20.04 31.87 -3.20
C PRO B 227 20.10 30.70 -2.22
N GLY B 228 19.10 30.59 -1.35
CA GLY B 228 19.05 29.53 -0.35
C GLY B 228 18.78 30.11 1.03
N GLN B 229 17.66 29.72 1.64
CA GLN B 229 17.23 30.29 2.91
C GLN B 229 16.12 29.43 3.53
N THR B 230 15.78 29.73 4.79
CA THR B 230 14.67 29.10 5.47
C THR B 230 13.38 29.52 4.77
N VAL B 231 12.44 28.57 4.61
CA VAL B 231 11.17 28.89 3.97
C VAL B 231 10.04 28.25 4.77
N VAL B 232 8.85 28.84 4.61
CA VAL B 232 7.62 28.34 5.20
C VAL B 232 6.55 28.27 4.11
N GLN B 233 5.84 27.13 4.04
CA GLN B 233 4.58 27.07 3.32
C GLN B 233 3.43 26.88 4.29
N SER B 234 2.43 27.76 4.20
CA SER B 234 1.26 27.65 5.04
C SER B 234 0.09 27.23 4.16
N LEU B 235 -0.54 26.09 4.50
CA LEU B 235 -1.44 25.37 3.61
C LEU B 235 -2.68 24.96 4.39
N THR B 236 -3.76 24.68 3.65
CA THR B 236 -4.98 24.16 4.24
C THR B 236 -5.29 22.80 3.61
N TYR B 237 -5.35 21.76 4.43
CA TYR B 237 -5.72 20.44 3.96
C TYR B 237 -6.97 20.01 4.71
N PRO B 238 -7.71 18.97 4.23
CA PRO B 238 -8.81 18.40 5.00
C PRO B 238 -8.27 17.80 6.30
N ASP B 239 -9.04 17.91 7.39
CA ASP B 239 -8.67 17.35 8.68
C ASP B 239 -8.24 15.89 8.60
N GLU B 240 -8.82 15.10 7.70
CA GLU B 240 -8.60 13.65 7.73
C GLU B 240 -7.20 13.29 7.26
N VAL B 241 -6.51 14.23 6.58
CA VAL B 241 -5.21 13.88 6.04
C VAL B 241 -4.08 14.60 6.78
N LEU B 242 -4.37 15.39 7.83
CA LEU B 242 -3.32 16.13 8.53
C LEU B 242 -2.18 15.20 8.97
N TRP B 243 -2.53 13.95 9.32
CA TRP B 243 -1.54 12.99 9.78
C TRP B 243 -0.58 12.55 8.66
N GLN B 244 -1.00 12.63 7.38
CA GLN B 244 -0.18 12.09 6.30
C GLN B 244 0.91 13.09 5.96
N ALA B 245 1.79 13.36 6.93
CA ALA B 245 2.73 14.46 6.86
C ALA B 245 3.73 14.29 5.70
N LYS B 246 4.27 13.08 5.54
CA LYS B 246 5.29 12.84 4.52
C LYS B 246 4.66 12.92 3.11
N PRO B 247 3.52 12.27 2.85
CA PRO B 247 2.82 12.53 1.59
C PRO B 247 2.56 14.00 1.29
N ILE B 248 2.28 14.79 2.34
CA ILE B 248 1.98 16.20 2.13
C ILE B 248 3.26 16.93 1.73
N LEU B 249 4.37 16.62 2.42
CA LEU B 249 5.65 17.19 2.03
C LEU B 249 5.96 16.84 0.57
N PHE B 250 5.75 15.57 0.20
CA PHE B 250 6.15 15.15 -1.13
C PHE B 250 5.31 15.80 -2.22
N GLN B 251 4.05 16.09 -1.88
CA GLN B 251 3.13 16.75 -2.79
C GLN B 251 3.64 18.16 -3.07
N GLN B 252 4.10 18.82 -2.01
CA GLN B 252 4.61 20.18 -2.11
C GLN B 252 5.92 20.17 -2.89
N LEU B 253 6.77 19.16 -2.66
CA LEU B 253 8.07 19.13 -3.30
C LEU B 253 7.86 18.89 -4.80
N LYS B 254 6.92 17.99 -5.13
CA LYS B 254 6.61 17.62 -6.51
C LYS B 254 6.00 18.82 -7.22
N ALA B 255 5.08 19.54 -6.56
CA ALA B 255 4.52 20.74 -7.15
C ALA B 255 5.64 21.74 -7.44
N GLY B 256 6.59 21.87 -6.51
CA GLY B 256 7.67 22.86 -6.63
C GLY B 256 8.60 22.53 -7.79
N ILE B 257 8.59 21.27 -8.22
CA ILE B 257 9.43 20.83 -9.32
C ILE B 257 8.67 20.96 -10.64
N ASP B 258 7.37 20.69 -10.61
CA ASP B 258 6.53 20.91 -11.79
C ASP B 258 6.62 22.36 -12.24
N TRP B 259 6.66 23.26 -11.25
CA TRP B 259 6.72 24.70 -11.40
C TRP B 259 7.93 25.13 -12.23
N LEU B 260 9.01 24.32 -12.24
CA LEU B 260 10.21 24.64 -12.99
C LEU B 260 9.94 24.74 -14.50
N VAL B 261 9.08 23.87 -15.05
CA VAL B 261 8.93 23.81 -16.50
C VAL B 261 7.93 24.86 -17.00
N GLU B 262 7.34 25.64 -16.08
CA GLU B 262 6.37 26.66 -16.44
C GLU B 262 6.94 28.06 -16.16
N ASN B 263 8.22 28.14 -15.78
CA ASN B 263 8.78 29.41 -15.31
C ASN B 263 10.13 29.62 -15.94
N LYS B 264 10.48 30.90 -16.15
CA LYS B 264 11.60 31.36 -16.97
C LYS B 264 12.88 31.45 -16.13
N TYR B 265 13.79 30.51 -16.35
CA TYR B 265 15.15 30.66 -15.84
C TYR B 265 16.00 29.78 -16.76
N ASP B 266 17.32 29.91 -16.66
CA ASP B 266 18.23 29.24 -17.58
C ASP B 266 18.46 27.82 -17.10
N VAL B 267 18.36 26.85 -18.03
CA VAL B 267 18.33 25.44 -17.65
C VAL B 267 19.43 24.68 -18.35
N ALA B 268 20.47 25.39 -18.80
CA ALA B 268 21.62 24.77 -19.45
C ALA B 268 22.50 24.07 -18.39
N ASP B 269 22.62 24.67 -17.19
CA ASP B 269 23.43 24.05 -16.15
C ASP B 269 22.53 23.36 -15.12
N PRO B 270 22.92 22.16 -14.63
CA PRO B 270 22.19 21.49 -13.54
C PRO B 270 22.16 22.37 -12.30
N PRO B 271 20.97 22.68 -11.75
CA PRO B 271 20.87 23.39 -10.47
C PRO B 271 21.24 22.43 -9.34
N PRO B 272 21.58 22.94 -8.12
CA PRO B 272 21.88 22.07 -6.98
C PRO B 272 20.63 21.26 -6.60
N PRO B 273 20.73 19.94 -6.35
CA PRO B 273 19.57 19.18 -5.84
C PRO B 273 18.86 19.83 -4.64
N TRP B 274 19.63 20.33 -3.66
CA TRP B 274 18.98 20.92 -2.51
C TRP B 274 18.10 22.09 -2.92
N GLN B 275 18.50 22.84 -3.96
CA GLN B 275 17.71 24.01 -4.32
C GLN B 275 16.41 23.58 -5.01
N VAL B 276 16.52 22.55 -5.84
CA VAL B 276 15.35 22.05 -6.54
C VAL B 276 14.31 21.49 -5.55
N TYR B 277 14.79 21.01 -4.39
CA TYR B 277 13.98 20.44 -3.31
C TYR B 277 13.72 21.45 -2.20
N LEU B 278 14.06 22.72 -2.45
CA LEU B 278 13.75 23.75 -1.47
C LEU B 278 12.44 24.44 -1.85
N LEU B 279 11.43 24.39 -0.98
CA LEU B 279 10.10 24.87 -1.31
C LEU B 279 10.10 26.39 -1.48
N ALA B 280 9.14 26.87 -2.27
CA ALA B 280 8.91 28.30 -2.44
C ALA B 280 8.24 28.81 -1.17
N ASN B 281 8.70 29.96 -0.71
CA ASN B 281 8.21 30.59 0.50
C ASN B 281 6.80 31.11 0.29
N LYS B 282 5.84 30.60 1.09
CA LYS B 282 4.43 31.01 0.99
C LYS B 282 3.80 31.01 2.38
N PRO B 283 4.31 31.83 3.33
CA PRO B 283 3.73 31.93 4.66
C PRO B 283 2.36 32.60 4.63
N GLY B 284 1.55 32.24 5.64
CA GLY B 284 0.25 32.83 5.89
C GLY B 284 -0.54 31.94 6.83
N SER B 285 -1.85 32.03 6.65
CA SER B 285 -2.81 31.31 7.45
C SER B 285 -2.96 29.88 6.89
N GLY B 286 -3.17 28.90 7.79
CA GLY B 286 -3.51 27.54 7.42
C GLY B 286 -3.49 26.56 8.61
N ASN B 287 -3.73 25.27 8.34
CA ASN B 287 -3.79 24.23 9.34
C ASN B 287 -2.59 23.30 9.13
N VAL B 288 -1.74 23.66 8.17
CA VAL B 288 -0.47 22.99 7.96
C VAL B 288 0.54 24.07 7.66
N HIS B 289 1.65 24.02 8.41
CA HIS B 289 2.83 24.82 8.14
C HIS B 289 4.04 23.91 7.99
N ILE B 290 4.74 24.07 6.86
CA ILE B 290 5.95 23.32 6.64
C ILE B 290 7.12 24.31 6.73
N VAL B 291 7.99 24.13 7.74
CA VAL B 291 9.15 24.99 7.91
C VAL B 291 10.36 24.19 7.45
N GLN B 292 11.08 24.70 6.46
CA GLN B 292 12.13 23.90 5.87
C GLN B 292 13.46 24.67 5.93
N LYS B 293 14.55 23.93 6.22
CA LYS B 293 15.91 24.46 6.26
C LYS B 293 16.82 23.50 5.51
N VAL B 294 17.87 24.05 4.90
CA VAL B 294 18.92 23.22 4.34
C VAL B 294 20.21 23.61 5.05
N PHE B 295 20.96 22.59 5.47
CA PHE B 295 22.22 22.83 6.14
C PHE B 295 23.32 22.09 5.38
N GLU B 296 24.52 22.68 5.42
CA GLU B 296 25.74 22.05 4.96
C GLU B 296 26.58 21.76 6.20
N GLY B 297 27.03 20.50 6.37
CA GLY B 297 27.66 20.10 7.62
C GLY B 297 26.71 20.15 8.83
N ASP B 298 27.28 20.40 10.01
CA ASP B 298 26.60 20.29 11.29
C ASP B 298 25.58 21.41 11.45
N PHE B 299 24.56 21.18 12.28
CA PHE B 299 23.48 22.14 12.40
C PHE B 299 22.81 22.00 13.77
N GLU B 300 22.16 23.08 14.17
CA GLU B 300 21.24 22.99 15.29
C GLU B 300 20.21 24.09 15.12
N PHE B 301 19.00 23.87 15.66
CA PHE B 301 18.02 24.94 15.81
C PHE B 301 17.08 24.58 16.95
N ASP B 302 16.24 25.55 17.35
CA ASP B 302 15.35 25.38 18.49
C ASP B 302 13.90 25.62 18.09
N ILE B 303 13.00 24.99 18.84
CA ILE B 303 11.57 25.18 18.72
C ILE B 303 11.10 25.70 20.07
N LEU B 304 10.48 26.88 20.06
CA LEU B 304 10.08 27.52 21.29
C LEU B 304 8.58 27.69 21.24
N PHE B 305 7.87 27.04 22.15
CA PHE B 305 6.42 27.15 22.25
C PHE B 305 6.08 27.88 23.54
N SER B 306 5.37 29.02 23.42
CA SER B 306 5.07 29.90 24.52
C SER B 306 3.56 30.01 24.69
N SER B 307 3.04 29.45 25.77
CA SER B 307 1.63 29.58 26.09
C SER B 307 1.43 31.03 26.49
N GLU B 308 0.45 31.71 25.88
CA GLU B 308 0.30 33.12 26.21
C GLU B 308 -0.07 33.33 27.68
N SER B 309 -0.89 32.43 28.23
CA SER B 309 -1.43 32.62 29.57
C SER B 309 -0.33 32.53 30.64
N ALA B 310 0.87 32.02 30.27
CA ALA B 310 2.02 31.99 31.16
C ALA B 310 2.63 33.37 31.37
N GLY B 311 2.26 34.34 30.51
CA GLY B 311 2.62 35.74 30.68
C GLY B 311 4.13 35.97 30.56
N LYS B 312 4.81 34.94 30.08
CA LYS B 312 6.24 34.92 29.82
C LYS B 312 6.47 34.15 28.52
N GLU B 313 7.49 34.58 27.76
CA GLU B 313 7.81 33.95 26.49
C GLU B 313 9.09 33.13 26.70
N VAL B 314 9.12 31.91 26.14
CA VAL B 314 10.23 30.98 26.32
C VAL B 314 11.36 31.37 25.38
N THR B 315 12.60 31.33 25.89
CA THR B 315 13.74 31.74 25.09
C THR B 315 14.67 30.53 24.97
N SER B 316 15.62 30.66 24.05
CA SER B 316 16.68 29.68 23.95
C SER B 316 17.47 29.53 25.27
N LYS B 317 17.58 30.63 26.04
CA LYS B 317 18.33 30.57 27.29
C LYS B 317 17.53 29.75 28.28
N ASP B 318 16.22 30.04 28.36
CA ASP B 318 15.28 29.26 29.15
C ASP B 318 15.39 27.77 28.82
N LEU B 319 15.38 27.43 27.52
CA LEU B 319 15.52 26.05 27.06
C LEU B 319 16.81 25.43 27.63
N GLU B 320 17.95 26.15 27.50
CA GLU B 320 19.23 25.56 27.88
C GLU B 320 19.27 25.33 29.39
N ARG B 321 18.77 26.31 30.15
CA ARG B 321 18.79 26.23 31.60
C ARG B 321 17.89 25.07 32.08
N GLU B 322 16.69 24.92 31.47
CA GLU B 322 15.73 23.92 31.93
C GLU B 322 16.19 22.51 31.55
N VAL B 323 16.86 22.37 30.42
CA VAL B 323 17.42 21.08 30.06
C VAL B 323 18.41 20.64 31.14
N LYS B 324 19.28 21.55 31.59
CA LYS B 324 20.33 21.18 32.55
C LYS B 324 19.67 20.77 33.88
N GLN B 325 18.64 21.51 34.30
CA GLN B 325 17.93 21.26 35.54
C GLN B 325 17.23 19.90 35.50
N ALA B 326 16.52 19.61 34.41
CA ALA B 326 15.76 18.36 34.28
C ALA B 326 16.69 17.16 34.37
N THR B 327 17.88 17.27 33.76
CA THR B 327 18.89 16.22 33.84
C THR B 327 19.29 15.98 35.29
N GLU B 328 19.53 17.06 36.02
CA GLU B 328 19.95 16.98 37.41
C GLU B 328 18.87 16.29 38.25
N VAL B 329 17.60 16.72 38.13
CA VAL B 329 16.49 16.13 38.88
C VAL B 329 16.30 14.65 38.54
N PHE B 330 16.55 14.29 37.27
CA PHE B 330 16.30 12.93 36.81
C PHE B 330 17.33 11.97 37.41
N GLY B 331 18.62 12.38 37.38
CA GLY B 331 19.72 11.64 38.03
C GLY B 331 19.44 11.37 39.51
N GLU B 332 18.99 12.40 40.24
CA GLU B 332 18.59 12.25 41.62
C GLU B 332 17.46 11.23 41.75
N ARG B 333 16.32 11.48 41.06
CA ARG B 333 15.16 10.59 41.15
C ARG B 333 15.57 9.13 40.86
N PHE B 334 16.40 8.90 39.84
CA PHE B 334 16.76 7.56 39.45
C PHE B 334 17.47 6.86 40.60
N ALA B 335 18.41 7.58 41.22
CA ALA B 335 19.19 7.05 42.33
C ALA B 335 18.31 6.66 43.53
N ARG B 336 17.26 7.45 43.85
CA ARG B 336 16.32 7.12 44.92
C ARG B 336 15.39 5.97 44.49
N VAL B 337 14.81 6.04 43.28
CA VAL B 337 13.72 5.14 42.92
C VAL B 337 14.24 3.76 42.51
N PHE B 338 15.33 3.74 41.73
CA PHE B 338 15.88 2.49 41.27
C PHE B 338 17.30 2.36 41.83
N ASP B 339 17.40 2.07 43.13
CA ASP B 339 18.68 1.92 43.84
C ASP B 339 19.21 0.52 43.49
N LEU B 340 20.06 0.43 42.48
CA LEU B 340 20.43 -0.90 42.03
C LEU B 340 21.14 -1.64 43.17
N LYS B 341 20.88 -2.95 43.29
CA LYS B 341 21.48 -3.75 44.37
C LYS B 341 22.59 -4.61 43.77
N ALA B 342 23.50 -5.11 44.64
CA ALA B 342 24.54 -6.07 44.30
C ALA B 342 23.97 -7.23 43.50
N PRO B 343 24.66 -7.73 42.46
CA PRO B 343 25.96 -7.19 42.03
C PRO B 343 25.92 -6.16 40.89
N PHE B 344 24.86 -5.34 40.83
CA PHE B 344 24.73 -4.42 39.71
C PHE B 344 24.81 -2.98 40.16
N GLN B 345 25.78 -2.68 41.03
CA GLN B 345 25.90 -1.32 41.55
C GLN B 345 26.86 -0.50 40.67
N GLY B 346 27.49 -1.15 39.69
CA GLY B 346 28.45 -0.52 38.79
C GLY B 346 27.84 0.59 37.92
N ASP B 347 28.69 1.55 37.52
CA ASP B 347 28.32 2.64 36.63
C ASP B 347 27.71 2.10 35.34
N ASN B 348 28.25 0.98 34.83
CA ASN B 348 27.82 0.37 33.58
C ASN B 348 26.37 -0.13 33.70
N TYR B 349 26.01 -0.58 34.91
CA TYR B 349 24.65 -1.03 35.21
C TYR B 349 23.71 0.16 35.41
N LYS B 350 24.16 1.21 36.12
CA LYS B 350 23.36 2.42 36.23
C LYS B 350 22.98 2.94 34.84
N LYS B 351 23.95 2.95 33.90
CA LYS B 351 23.76 3.47 32.55
C LYS B 351 22.76 2.59 31.80
N PHE B 352 22.86 1.27 32.02
CA PHE B 352 21.96 0.32 31.37
C PHE B 352 20.52 0.52 31.86
N GLY B 353 20.36 0.78 33.16
CA GLY B 353 19.06 0.90 33.77
C GLY B 353 18.37 2.20 33.36
N LYS B 354 19.15 3.28 33.27
CA LYS B 354 18.61 4.55 32.84
C LYS B 354 18.09 4.44 31.40
N SER B 355 18.81 3.68 30.59
CA SER B 355 18.45 3.50 29.19
C SER B 355 17.16 2.71 29.12
N MET B 356 17.15 1.52 29.75
CA MET B 356 15.99 0.64 29.75
C MET B 356 14.73 1.39 30.19
N PHE B 357 14.87 2.12 31.30
CA PHE B 357 13.78 2.86 31.92
C PHE B 357 13.36 4.07 31.06
N SER B 358 14.35 4.85 30.61
CA SER B 358 14.00 6.06 29.86
C SER B 358 13.29 5.69 28.56
N ASN B 359 13.72 4.61 27.91
CA ASN B 359 13.00 4.10 26.74
C ASN B 359 11.57 3.68 27.12
N LEU B 360 11.37 3.06 28.31
CA LEU B 360 10.05 2.54 28.62
C LEU B 360 9.08 3.69 28.84
N ILE B 361 9.48 4.66 29.66
CA ILE B 361 8.60 5.75 30.01
C ILE B 361 8.53 6.75 28.86
N GLY B 362 9.55 6.75 27.99
CA GLY B 362 9.58 7.69 26.87
C GLY B 362 8.71 7.23 25.70
N GLY B 363 8.29 5.96 25.71
CA GLY B 363 7.37 5.42 24.73
C GLY B 363 5.92 5.94 24.92
N ILE B 364 5.64 6.68 26.01
CA ILE B 364 4.26 7.05 26.29
C ILE B 364 3.66 7.83 25.10
N GLY B 365 2.49 7.41 24.61
CA GLY B 365 1.83 8.16 23.56
C GLY B 365 0.43 8.59 23.96
N TYR B 366 -0.08 9.65 23.31
CA TYR B 366 -1.48 9.99 23.39
C TYR B 366 -2.11 9.67 22.04
N PHE B 367 -3.14 8.82 22.06
CA PHE B 367 -3.74 8.31 20.84
C PHE B 367 -5.21 8.73 20.82
N TYR B 368 -5.74 9.06 19.63
CA TYR B 368 -7.12 9.52 19.55
C TYR B 368 -7.71 9.13 18.21
N GLY B 369 -8.98 8.68 18.23
CA GLY B 369 -9.71 8.35 17.02
C GLY B 369 -10.73 7.25 17.25
N HIS B 370 -11.24 6.70 16.14
CA HIS B 370 -12.17 5.60 16.19
C HIS B 370 -11.44 4.26 16.21
N SER B 371 -12.11 3.24 16.73
CA SER B 371 -11.62 1.87 16.84
C SER B 371 -12.49 0.98 15.95
N LEU B 372 -11.98 -0.16 15.47
CA LEU B 372 -12.77 -1.07 14.65
C LEU B 372 -13.28 -2.27 15.48
N VAL B 373 -14.60 -2.38 15.65
CA VAL B 373 -15.18 -3.40 16.50
C VAL B 373 -16.34 -4.10 15.79
N ASP B 374 -16.34 -5.44 15.87
CA ASP B 374 -17.47 -6.27 15.48
C ASP B 374 -18.45 -6.32 16.65
N ARG B 375 -19.57 -5.60 16.54
CA ARG B 375 -20.57 -5.54 17.61
C ARG B 375 -21.78 -6.42 17.29
N SER B 376 -21.61 -7.47 16.48
CA SER B 376 -22.75 -8.31 16.09
C SER B 376 -23.17 -9.26 17.22
N TYR B 377 -22.19 -9.71 18.03
CA TYR B 377 -22.39 -10.70 19.06
C TYR B 377 -22.98 -11.98 18.44
N ALA B 378 -22.49 -12.32 17.24
CA ALA B 378 -22.83 -13.54 16.55
C ALA B 378 -22.80 -14.76 17.47
N PRO B 379 -23.81 -15.66 17.42
CA PRO B 379 -23.83 -16.89 18.22
C PRO B 379 -22.64 -17.78 17.92
N GLU B 380 -21.99 -17.59 16.76
CA GLU B 380 -20.76 -18.34 16.51
C GLU B 380 -19.72 -18.00 17.59
N TYR B 381 -19.80 -16.78 18.12
CA TYR B 381 -18.75 -16.27 18.99
C TYR B 381 -18.85 -16.90 20.38
N ASP B 382 -20.01 -17.51 20.68
CA ASP B 382 -20.25 -18.29 21.90
C ASP B 382 -19.33 -19.50 21.95
N GLU B 383 -18.83 -19.99 20.81
CA GLU B 383 -17.83 -21.06 20.80
C GLU B 383 -18.36 -22.34 21.47
N GLU B 384 -19.64 -22.67 21.22
CA GLU B 384 -20.28 -23.80 21.88
C GLU B 384 -19.93 -25.13 21.22
N ASN B 385 -19.63 -25.15 19.91
CA ASN B 385 -19.50 -26.42 19.21
C ASN B 385 -18.03 -26.76 18.95
N GLU B 386 -17.76 -28.05 18.74
CA GLU B 386 -16.51 -28.48 18.12
C GLU B 386 -16.33 -27.72 16.81
N GLY B 387 -15.06 -27.48 16.42
CA GLY B 387 -14.74 -26.63 15.29
C GLY B 387 -15.38 -25.24 15.37
N PHE B 388 -15.39 -24.64 16.57
CA PHE B 388 -15.92 -23.30 16.76
C PHE B 388 -15.11 -22.29 15.94
N TRP B 389 -13.84 -22.62 15.67
CA TRP B 389 -13.01 -21.69 14.93
C TRP B 389 -13.53 -21.51 13.50
N GLU B 390 -14.03 -22.59 12.88
CA GLU B 390 -14.68 -22.51 11.58
C GLU B 390 -15.91 -21.62 11.67
N ASP B 391 -16.73 -21.81 12.72
CA ASP B 391 -17.92 -20.99 12.90
C ASP B 391 -17.54 -19.51 13.02
N ALA B 392 -16.39 -19.25 13.68
CA ALA B 392 -15.91 -17.90 13.96
C ALA B 392 -15.54 -17.25 12.63
N ALA B 393 -14.81 -18.00 11.78
CA ALA B 393 -14.40 -17.56 10.45
C ALA B 393 -15.62 -17.24 9.57
N GLU B 394 -16.71 -18.01 9.74
CA GLU B 394 -17.94 -17.73 9.01
C GLU B 394 -18.53 -16.39 9.49
N ALA B 395 -18.52 -16.15 10.81
CA ALA B 395 -19.19 -14.95 11.30
C ALA B 395 -18.43 -13.70 10.86
N ARG B 396 -17.10 -13.79 10.82
CA ARG B 396 -16.26 -12.67 10.42
C ARG B 396 -16.48 -12.37 8.94
N ALA B 397 -16.65 -13.42 8.13
CA ALA B 397 -16.94 -13.29 6.71
C ALA B 397 -18.21 -12.48 6.51
N ARG B 398 -18.99 -12.24 7.58
CA ARG B 398 -20.18 -11.43 7.42
C ARG B 398 -19.89 -9.93 7.55
N HIS B 399 -18.66 -9.57 7.95
CA HIS B 399 -18.20 -8.17 7.94
C HIS B 399 -19.15 -7.18 8.59
N GLN B 400 -19.58 -7.49 9.82
CA GLN B 400 -20.44 -6.60 10.58
C GLN B 400 -19.64 -5.48 11.26
N GLU B 401 -18.31 -5.59 11.30
CA GLU B 401 -17.56 -4.63 12.11
C GLU B 401 -17.73 -3.23 11.54
N ALA B 402 -17.71 -2.23 12.42
CA ALA B 402 -17.77 -0.82 12.06
C ALA B 402 -16.83 -0.03 12.97
N LEU B 403 -16.47 1.18 12.51
CA LEU B 403 -15.70 2.12 13.29
C LEU B 403 -16.57 2.64 14.43
N GLU B 404 -15.99 2.78 15.61
CA GLU B 404 -16.75 3.36 16.71
C GLU B 404 -15.84 4.26 17.55
N GLY B 405 -16.45 5.16 18.34
CA GLY B 405 -15.70 6.15 19.08
C GLY B 405 -16.18 7.57 18.77
N PRO B 406 -15.30 8.61 18.73
CA PRO B 406 -13.85 8.42 18.84
C PRO B 406 -13.41 8.17 20.29
N TYR B 407 -12.24 7.53 20.49
CA TYR B 407 -11.73 7.26 21.83
C TYR B 407 -10.34 7.87 21.98
N GLU B 408 -9.90 8.03 23.23
CA GLU B 408 -8.55 8.45 23.50
C GLU B 408 -7.85 7.40 24.37
N LEU B 409 -6.53 7.35 24.28
CA LEU B 409 -5.75 6.48 25.15
C LEU B 409 -4.40 7.15 25.38
N PHE B 410 -4.07 7.34 26.67
CA PHE B 410 -2.74 7.74 27.11
C PHE B 410 -2.03 6.52 27.70
N THR B 411 -0.95 6.04 27.08
CA THR B 411 -0.44 4.73 27.45
C THR B 411 1.03 4.64 27.04
N SER B 412 1.81 3.79 27.72
CA SER B 412 3.09 3.42 27.11
C SER B 412 2.86 2.30 26.10
N ILE B 413 3.93 1.89 25.43
CA ILE B 413 3.78 1.02 24.28
C ILE B 413 4.92 0.02 24.31
N PRO B 414 4.78 -1.11 23.58
CA PRO B 414 5.86 -2.06 23.44
C PRO B 414 7.02 -1.70 22.53
N SER B 415 6.75 -1.03 21.38
CA SER B 415 7.71 -0.94 20.29
C SER B 415 7.44 0.28 19.41
N ARG B 416 8.34 1.29 19.42
CA ARG B 416 8.15 2.45 18.54
C ARG B 416 8.11 2.05 17.06
N PRO B 417 9.13 1.34 16.51
CA PRO B 417 9.15 1.02 15.10
C PRO B 417 8.09 0.01 14.68
N PHE B 418 7.69 -0.92 15.57
CA PHE B 418 6.93 -2.06 15.06
C PHE B 418 5.47 -2.07 15.52
N PHE B 419 5.19 -1.71 16.78
CA PHE B 419 3.80 -1.71 17.21
C PHE B 419 3.58 -0.60 18.24
N PRO B 420 3.54 0.67 17.77
CA PRO B 420 3.50 1.83 18.68
C PRO B 420 2.05 2.07 19.10
N ARG B 421 1.49 1.15 19.91
CA ARG B 421 0.11 1.34 20.36
C ARG B 421 -0.15 0.57 21.66
N GLY B 422 -1.34 0.77 22.25
CA GLY B 422 -1.68 0.11 23.51
C GLY B 422 -1.96 -1.39 23.36
N PHE B 423 -1.30 -2.21 24.18
CA PHE B 423 -1.63 -3.63 24.32
C PHE B 423 -1.96 -3.89 25.78
N LEU B 424 -3.09 -4.57 26.04
CA LEU B 424 -3.75 -4.62 27.34
C LEU B 424 -2.88 -5.26 28.42
N TRP B 425 -2.38 -6.50 28.20
CA TRP B 425 -1.55 -7.13 29.22
C TRP B 425 -0.12 -6.58 29.26
N ASP B 426 0.40 -6.08 28.10
CA ASP B 426 1.71 -5.42 28.12
C ASP B 426 1.70 -4.31 29.16
N GLU B 427 0.58 -3.58 29.23
CA GLU B 427 0.54 -2.34 30.00
C GLU B 427 0.71 -2.61 31.49
N GLY B 428 0.13 -3.74 31.97
CA GLY B 428 0.30 -4.13 33.34
C GLY B 428 1.78 -4.25 33.71
N PHE B 429 2.60 -4.76 32.80
CA PHE B 429 4.04 -4.87 33.02
C PHE B 429 4.74 -3.51 32.89
N HIS B 430 4.43 -2.74 31.83
CA HIS B 430 4.96 -1.39 31.62
C HIS B 430 4.85 -0.54 32.88
N LEU B 431 3.68 -0.59 33.54
CA LEU B 431 3.40 0.34 34.62
C LEU B 431 4.10 -0.04 35.94
N LEU B 432 4.66 -1.24 36.05
CA LEU B 432 5.33 -1.64 37.29
C LEU B 432 6.54 -0.75 37.53
N PRO B 433 7.52 -0.59 36.60
CA PRO B 433 8.58 0.41 36.78
C PRO B 433 8.05 1.85 36.70
N ILE B 434 7.05 2.09 35.86
CA ILE B 434 6.54 3.45 35.78
C ILE B 434 5.91 3.85 37.12
N ALA B 435 5.18 2.95 37.80
CA ALA B 435 4.50 3.31 39.04
C ALA B 435 5.49 3.63 40.16
N ASP B 436 6.64 2.92 40.21
CA ASP B 436 7.73 3.22 41.15
C ASP B 436 8.20 4.66 40.93
N TRP B 437 8.33 5.06 39.66
CA TRP B 437 8.82 6.39 39.36
C TRP B 437 7.81 7.47 39.68
N ASP B 438 6.52 7.23 39.37
CA ASP B 438 5.50 8.27 39.38
C ASP B 438 4.12 7.63 39.48
N ILE B 439 3.65 7.44 40.73
CA ILE B 439 2.46 6.64 40.96
C ILE B 439 1.29 7.34 40.30
N ASP B 440 1.26 8.68 40.37
CA ASP B 440 0.14 9.44 39.83
C ASP B 440 0.06 9.30 38.30
N LEU B 441 1.22 9.22 37.63
CA LEU B 441 1.26 9.02 36.18
C LEU B 441 0.63 7.67 35.85
N ALA B 442 1.07 6.64 36.56
CA ALA B 442 0.59 5.28 36.33
C ALA B 442 -0.93 5.21 36.56
N LEU B 443 -1.44 5.90 37.58
CA LEU B 443 -2.87 5.87 37.85
C LEU B 443 -3.63 6.55 36.70
N GLU B 444 -3.04 7.60 36.12
CA GLU B 444 -3.69 8.25 34.98
C GLU B 444 -3.74 7.33 33.75
N ILE B 445 -2.70 6.51 33.53
CA ILE B 445 -2.69 5.60 32.40
C ILE B 445 -3.75 4.52 32.68
N ILE B 446 -3.87 4.11 33.95
CA ILE B 446 -4.83 3.08 34.30
C ILE B 446 -6.24 3.65 34.08
N LYS B 447 -6.43 4.92 34.42
CA LYS B 447 -7.74 5.53 34.29
C LYS B 447 -8.06 5.66 32.80
N SER B 448 -7.04 5.95 31.99
CA SER B 448 -7.21 6.05 30.55
C SER B 448 -7.73 4.72 30.00
N TRP B 449 -7.03 3.64 30.27
CA TRP B 449 -7.44 2.32 29.82
C TRP B 449 -8.86 1.97 30.28
N TYR B 450 -9.16 2.11 31.58
CA TYR B 450 -10.43 1.65 32.11
C TYR B 450 -11.57 2.50 31.58
N ASN B 451 -11.24 3.72 31.17
CA ASN B 451 -12.18 4.55 30.42
C ASN B 451 -12.57 3.95 29.07
N LEU B 452 -11.81 2.96 28.56
CA LEU B 452 -12.18 2.36 27.28
C LEU B 452 -13.17 1.21 27.50
N MET B 453 -13.41 0.84 28.77
CA MET B 453 -14.25 -0.32 29.04
C MET B 453 -15.71 -0.03 28.60
N ASP B 454 -16.30 -0.98 27.89
CA ASP B 454 -17.69 -0.87 27.46
C ASP B 454 -18.60 -1.27 28.63
N GLU B 455 -19.93 -1.21 28.41
CA GLU B 455 -20.92 -1.41 29.46
C GLU B 455 -20.93 -2.87 29.92
N ASP B 456 -20.32 -3.78 29.17
CA ASP B 456 -20.28 -5.16 29.63
C ASP B 456 -19.03 -5.48 30.45
N GLY B 457 -18.01 -4.61 30.38
CA GLY B 457 -16.74 -4.88 31.06
C GLY B 457 -15.61 -5.36 30.14
N TRP B 458 -15.76 -5.18 28.81
CA TRP B 458 -14.74 -5.50 27.81
C TRP B 458 -13.92 -4.26 27.45
N ILE B 459 -12.61 -4.46 27.39
CA ILE B 459 -11.62 -3.53 26.85
C ILE B 459 -10.90 -4.33 25.77
N ALA B 460 -10.84 -3.77 24.53
CA ALA B 460 -10.16 -4.48 23.46
C ALA B 460 -8.70 -4.63 23.85
N ARG B 461 -8.12 -5.78 23.52
CA ARG B 461 -6.77 -6.09 23.95
C ARG B 461 -5.75 -5.28 23.14
N GLU B 462 -6.18 -4.68 22.02
CA GLU B 462 -5.25 -3.97 21.15
C GLU B 462 -5.95 -2.69 20.70
N GLN B 463 -5.38 -1.53 21.03
CA GLN B 463 -6.06 -0.26 20.87
C GLN B 463 -5.43 0.46 19.68
N ILE B 464 -6.12 0.35 18.54
CA ILE B 464 -5.74 1.05 17.30
C ILE B 464 -6.70 2.22 17.16
N LEU B 465 -6.29 3.42 17.62
CA LEU B 465 -7.19 4.56 17.67
C LEU B 465 -6.83 5.60 16.59
N GLY B 466 -7.71 5.74 15.58
CA GLY B 466 -7.53 6.74 14.52
C GLY B 466 -6.77 6.24 13.30
N ALA B 467 -6.85 7.03 12.21
CA ALA B 467 -6.33 6.61 10.92
C ALA B 467 -4.80 6.51 10.97
N GLU B 468 -4.18 7.42 11.73
CA GLU B 468 -2.72 7.38 11.84
C GLU B 468 -2.27 6.03 12.42
N ALA B 469 -2.94 5.54 13.48
CA ALA B 469 -2.55 4.27 14.10
C ALA B 469 -2.86 3.10 13.16
N ARG B 470 -4.03 3.16 12.50
CA ARG B 470 -4.46 2.15 11.55
C ARG B 470 -3.44 1.96 10.43
N SER B 471 -2.73 3.05 10.07
CA SER B 471 -1.84 2.98 8.93
C SER B 471 -0.76 1.94 9.18
N LYS B 472 -0.52 1.57 10.45
CA LYS B 472 0.57 0.65 10.75
C LYS B 472 0.07 -0.80 10.83
N VAL B 473 -1.24 -1.00 10.67
CA VAL B 473 -1.84 -2.29 10.99
C VAL B 473 -2.54 -2.87 9.77
N PRO B 474 -2.09 -4.03 9.27
CA PRO B 474 -2.78 -4.72 8.16
C PRO B 474 -4.23 -4.96 8.59
N LYS B 475 -5.15 -4.89 7.63
CA LYS B 475 -6.58 -4.89 7.90
C LYS B 475 -7.01 -6.13 8.70
N GLU B 476 -6.45 -7.30 8.38
CA GLU B 476 -6.68 -8.59 9.03
C GLU B 476 -6.67 -8.49 10.56
N PHE B 477 -5.88 -7.54 11.09
CA PHE B 477 -5.62 -7.44 12.51
C PHE B 477 -6.29 -6.23 13.16
N GLN B 478 -7.10 -5.48 12.39
CA GLN B 478 -7.65 -4.26 12.96
C GLN B 478 -8.88 -4.53 13.82
N THR B 479 -9.77 -5.44 13.38
CA THR B 479 -11.07 -5.55 14.04
C THR B 479 -10.89 -6.15 15.44
N GLN B 480 -11.57 -5.59 16.43
CA GLN B 480 -11.49 -6.12 17.80
C GLN B 480 -12.81 -6.82 18.13
N TYR B 481 -12.74 -7.88 18.96
CA TYR B 481 -13.90 -8.72 19.24
C TYR B 481 -14.23 -8.65 20.73
N PRO B 482 -15.48 -8.31 21.07
CA PRO B 482 -15.92 -8.16 22.45
C PRO B 482 -15.90 -9.43 23.30
N HIS B 483 -15.54 -10.58 22.71
CA HIS B 483 -15.44 -11.82 23.46
C HIS B 483 -13.98 -12.21 23.68
N TYR B 484 -13.07 -11.33 23.24
CA TYR B 484 -11.64 -11.63 23.28
C TYR B 484 -11.01 -10.96 24.48
N ALA B 485 -10.51 -11.77 25.41
CA ALA B 485 -9.92 -11.28 26.64
C ALA B 485 -8.41 -11.06 26.44
N ASN B 486 -7.73 -10.65 27.53
CA ASN B 486 -6.28 -10.58 27.62
C ASN B 486 -5.93 -10.62 29.11
N PRO B 487 -4.74 -11.10 29.56
CA PRO B 487 -4.41 -11.09 30.98
C PRO B 487 -4.64 -9.76 31.67
N PRO B 488 -5.35 -9.76 32.83
CA PRO B 488 -5.59 -8.53 33.61
C PRO B 488 -4.39 -8.09 34.45
N THR B 489 -3.25 -7.93 33.77
CA THR B 489 -2.04 -7.59 34.47
C THR B 489 -2.14 -6.20 35.08
N LEU B 490 -3.06 -5.37 34.60
CA LEU B 490 -3.15 -4.04 35.22
C LEU B 490 -3.49 -4.15 36.72
N PHE B 491 -4.10 -5.26 37.16
CA PHE B 491 -4.40 -5.44 38.57
C PHE B 491 -3.11 -5.57 39.39
N LEU B 492 -2.04 -6.13 38.81
CA LEU B 492 -0.74 -6.18 39.49
C LEU B 492 -0.29 -4.76 39.82
N VAL B 493 -0.58 -3.79 38.94
CA VAL B 493 -0.12 -2.45 39.25
C VAL B 493 -0.94 -1.92 40.41
N LEU B 494 -2.23 -2.29 40.42
CA LEU B 494 -3.10 -1.76 41.46
C LEU B 494 -2.71 -2.36 42.82
N ASP B 495 -2.26 -3.63 42.83
CA ASP B 495 -1.84 -4.29 44.06
C ASP B 495 -0.67 -3.52 44.68
N ASN B 496 0.31 -3.12 43.84
CA ASN B 496 1.44 -2.35 44.32
C ASN B 496 0.96 -1.00 44.87
N PHE B 497 -0.03 -0.41 44.22
CA PHE B 497 -0.57 0.87 44.66
C PHE B 497 -1.25 0.70 46.01
N VAL B 498 -2.05 -0.37 46.14
CA VAL B 498 -2.72 -0.64 47.41
C VAL B 498 -1.69 -0.76 48.52
N GLU B 499 -0.62 -1.56 48.29
CA GLU B 499 0.37 -1.78 49.33
C GLU B 499 0.94 -0.45 49.79
N ARG B 500 1.32 0.40 48.84
CA ARG B 500 1.76 1.76 49.07
C ARG B 500 0.73 2.56 49.89
N LEU B 501 -0.56 2.44 49.58
CA LEU B 501 -1.60 3.23 50.24
C LEU B 501 -1.70 2.84 51.71
N ARG B 502 -1.51 1.54 51.98
CA ARG B 502 -1.47 0.94 53.31
C ARG B 502 -0.22 1.42 54.06
N LYS B 503 0.96 1.24 53.46
CA LYS B 503 2.22 1.67 54.06
C LYS B 503 2.14 3.14 54.52
N ASN B 504 1.25 3.94 53.91
CA ASN B 504 0.99 5.31 54.34
C ASN B 504 -0.23 5.37 55.26
N ASN B 505 -0.35 4.38 56.16
CA ASN B 505 -1.43 4.25 57.14
C ASN B 505 -2.81 4.19 56.47
N ALA B 506 -3.86 4.59 57.18
CA ALA B 506 -5.20 4.28 56.72
C ALA B 506 -6.15 5.44 57.02
N ASP B 518 10.19 13.32 48.46
CA ASP B 518 9.98 14.56 47.66
C ASP B 518 8.50 14.94 47.65
N GLU B 519 8.21 16.26 47.58
CA GLU B 519 6.86 16.81 47.60
C GLU B 519 6.45 17.33 46.21
N THR B 520 5.61 16.54 45.50
CA THR B 520 5.53 16.61 44.04
C THR B 520 4.18 16.06 43.57
N LEU B 521 3.75 16.43 42.36
CA LEU B 521 2.52 15.88 41.81
C LEU B 521 2.59 14.35 41.61
N SER B 522 3.80 13.81 41.47
CA SER B 522 4.08 12.39 41.24
C SER B 522 3.47 11.48 42.29
N THR B 523 3.32 11.96 43.53
CA THR B 523 2.87 11.08 44.62
C THR B 523 1.70 11.71 45.39
N ALA B 524 1.04 12.71 44.81
CA ALA B 524 -0.06 13.38 45.50
C ALA B 524 -1.07 12.38 46.03
N SER B 525 -1.23 11.25 45.33
CA SER B 525 -2.29 10.29 45.62
C SER B 525 -1.90 9.32 46.74
N VAL B 526 -0.61 9.23 47.07
CA VAL B 526 -0.17 8.48 48.24
C VAL B 526 0.10 9.45 49.39
N ASP B 527 0.63 10.65 49.08
CA ASP B 527 0.98 11.61 50.13
C ASP B 527 -0.24 11.97 50.96
N ASN B 528 -1.37 12.23 50.31
CA ASN B 528 -2.64 12.28 51.01
C ASN B 528 -3.39 11.01 50.59
N PRO B 529 -3.43 9.97 51.45
CA PRO B 529 -4.02 8.68 51.07
C PRO B 529 -5.54 8.72 50.86
N GLU B 530 -6.20 9.75 51.36
CA GLU B 530 -7.63 9.91 51.10
C GLU B 530 -7.82 10.12 49.60
N VAL B 531 -6.85 10.76 48.95
CA VAL B 531 -6.91 11.01 47.52
C VAL B 531 -6.86 9.67 46.77
N GLY B 532 -5.89 8.82 47.12
CA GLY B 532 -5.73 7.49 46.55
C GLY B 532 -6.96 6.64 46.82
N LEU B 533 -7.50 6.74 48.04
CA LEU B 533 -8.70 5.97 48.38
C LEU B 533 -9.89 6.35 47.49
N GLU B 534 -10.09 7.66 47.25
CA GLU B 534 -11.22 8.04 46.41
C GLU B 534 -10.99 7.58 44.96
N TYR B 535 -9.75 7.69 44.49
CA TYR B 535 -9.40 7.13 43.19
C TYR B 535 -9.87 5.67 43.10
N LEU B 536 -9.47 4.85 44.08
CA LEU B 536 -9.84 3.44 44.11
C LEU B 536 -11.36 3.30 44.18
N ARG B 537 -12.00 4.14 45.01
CA ARG B 537 -13.45 4.13 45.17
C ARG B 537 -14.11 4.29 43.80
N ARG B 538 -13.57 5.19 42.99
CA ARG B 538 -14.12 5.48 41.67
C ARG B 538 -13.82 4.38 40.65
N LEU B 539 -12.68 3.66 40.77
CA LEU B 539 -12.30 2.68 39.76
C LEU B 539 -12.88 1.29 40.09
N TYR B 540 -13.18 1.06 41.38
CA TYR B 540 -13.59 -0.25 41.87
C TYR B 540 -14.75 -0.83 41.06
N PRO B 541 -15.86 -0.08 40.78
CA PRO B 541 -16.97 -0.61 39.99
C PRO B 541 -16.54 -1.16 38.62
N LEU B 542 -15.53 -0.53 37.98
CA LEU B 542 -15.05 -0.98 36.67
C LEU B 542 -14.23 -2.25 36.83
N LEU B 543 -13.44 -2.38 37.91
CA LEU B 543 -12.72 -3.61 38.21
C LEU B 543 -13.68 -4.78 38.40
N ARG B 544 -14.73 -4.58 39.21
CA ARG B 544 -15.76 -5.59 39.45
C ARG B 544 -16.45 -5.94 38.14
N ARG B 545 -16.75 -4.92 37.33
CA ARG B 545 -17.41 -5.17 36.05
C ARG B 545 -16.51 -6.08 35.20
N GLN B 546 -15.20 -5.81 35.19
CA GLN B 546 -14.31 -6.61 34.34
C GLN B 546 -14.22 -8.04 34.88
N PHE B 547 -14.23 -8.18 36.21
CA PHE B 547 -14.15 -9.48 36.86
C PHE B 547 -15.39 -10.29 36.48
N ASP B 548 -16.56 -9.64 36.62
CA ASP B 548 -17.84 -10.22 36.22
C ASP B 548 -17.76 -10.66 34.75
N TRP B 549 -17.30 -9.75 33.88
CA TRP B 549 -17.19 -10.02 32.45
C TRP B 549 -16.30 -11.23 32.22
N PHE B 550 -15.16 -11.35 32.93
CA PHE B 550 -14.35 -12.56 32.72
C PHE B 550 -15.17 -13.82 33.05
N ARG B 551 -15.86 -13.81 34.19
CA ARG B 551 -16.44 -15.06 34.67
C ARG B 551 -17.64 -15.49 33.81
N LYS B 552 -18.32 -14.50 33.20
CA LYS B 552 -19.41 -14.76 32.28
C LYS B 552 -18.91 -15.18 30.88
N THR B 553 -17.96 -14.43 30.27
CA THR B 553 -17.61 -14.61 28.86
C THR B 553 -16.50 -15.64 28.67
N GLN B 554 -15.67 -15.90 29.69
CA GLN B 554 -14.61 -16.89 29.52
C GLN B 554 -14.86 -18.13 30.40
N ALA B 555 -16.11 -18.31 30.84
CA ALA B 555 -16.51 -19.50 31.58
C ALA B 555 -16.05 -20.77 30.86
N GLY B 556 -15.40 -21.69 31.59
CA GLY B 556 -15.25 -23.06 31.13
C GLY B 556 -16.49 -23.91 31.46
N ASP B 557 -16.45 -25.16 31.02
CA ASP B 557 -17.59 -26.06 31.18
C ASP B 557 -17.15 -27.31 31.96
N ILE B 558 -17.79 -27.48 33.13
CA ILE B 558 -17.69 -28.65 33.98
C ILE B 558 -18.94 -29.55 33.82
N LYS B 559 -20.11 -28.95 34.04
CA LYS B 559 -21.46 -29.54 34.06
C LYS B 559 -21.67 -30.58 32.97
N SER B 560 -21.54 -30.19 31.69
CA SER B 560 -22.02 -31.12 30.67
C SER B 560 -21.00 -32.20 30.33
N TYR B 561 -20.00 -32.40 31.19
CA TYR B 561 -19.06 -33.51 30.99
C TYR B 561 -18.93 -34.38 32.24
N ASP B 562 -18.22 -35.50 32.09
CA ASP B 562 -17.92 -36.36 33.24
C ASP B 562 -16.74 -35.75 34.00
N ARG B 563 -17.04 -34.71 34.79
CA ARG B 563 -16.02 -33.85 35.39
C ARG B 563 -16.36 -33.65 36.87
N GLU B 564 -15.42 -34.07 37.72
CA GLU B 564 -15.56 -33.94 39.17
C GLU B 564 -14.54 -32.90 39.66
N ALA B 565 -15.04 -31.96 40.46
CA ALA B 565 -14.22 -30.87 40.96
C ALA B 565 -14.89 -30.37 42.23
N TYR B 566 -14.06 -29.88 43.15
CA TYR B 566 -14.48 -29.24 44.38
C TYR B 566 -15.61 -28.26 44.10
N SER B 567 -15.46 -27.45 43.03
CA SER B 567 -16.49 -26.49 42.65
C SER B 567 -16.96 -26.83 41.25
N THR B 568 -18.24 -26.57 40.98
CA THR B 568 -18.79 -26.80 39.65
C THR B 568 -18.75 -25.50 38.85
N LYS B 569 -18.45 -24.37 39.52
CA LYS B 569 -18.53 -23.04 38.93
C LYS B 569 -17.18 -22.58 38.37
N GLU B 570 -16.06 -22.93 39.03
CA GLU B 570 -14.78 -22.29 38.79
C GLU B 570 -13.99 -23.07 37.75
N ALA B 571 -14.06 -22.59 36.50
CA ALA B 571 -13.38 -23.20 35.36
C ALA B 571 -13.44 -22.21 34.21
N TYR B 572 -12.38 -22.19 33.39
CA TYR B 572 -12.16 -21.05 32.50
C TYR B 572 -11.55 -21.51 31.18
N ARG B 573 -12.07 -20.92 30.09
CA ARG B 573 -11.61 -21.25 28.75
C ARG B 573 -11.39 -19.97 27.94
N TRP B 574 -10.17 -19.76 27.46
CA TRP B 574 -9.86 -18.56 26.65
C TRP B 574 -10.66 -18.63 25.35
N ARG B 575 -11.49 -17.64 25.07
CA ARG B 575 -12.16 -17.54 23.76
C ARG B 575 -11.15 -17.03 22.71
N GLY B 576 -11.43 -17.21 21.43
CA GLY B 576 -10.60 -16.63 20.38
C GLY B 576 -9.48 -17.54 19.94
N ARG B 577 -9.60 -18.82 20.28
CA ARG B 577 -8.56 -19.79 19.91
C ARG B 577 -8.69 -20.23 18.45
N THR B 578 -7.56 -20.52 17.85
CA THR B 578 -7.47 -21.12 16.49
C THR B 578 -6.71 -22.45 16.59
N VAL B 579 -6.36 -23.06 15.49
CA VAL B 579 -5.84 -24.41 15.56
C VAL B 579 -4.43 -24.46 16.15
N SER B 580 -3.58 -23.47 15.88
CA SER B 580 -2.21 -23.54 16.38
C SER B 580 -1.86 -22.33 17.31
N HIS B 581 -2.90 -21.65 17.84
CA HIS B 581 -2.68 -20.38 18.51
C HIS B 581 -3.73 -20.13 19.60
N CYS B 582 -3.34 -19.29 20.57
CA CYS B 582 -4.27 -18.69 21.50
C CYS B 582 -3.77 -17.27 21.79
N LEU B 583 -4.16 -16.32 20.93
CA LEU B 583 -3.62 -14.96 20.97
C LEU B 583 -4.14 -14.19 22.18
N THR B 584 -5.39 -14.48 22.59
CA THR B 584 -5.98 -13.77 23.71
C THR B 584 -5.19 -14.00 25.01
N SER B 585 -4.51 -15.15 25.12
CA SER B 585 -3.82 -15.48 26.35
C SER B 585 -2.52 -14.69 26.47
N GLY B 586 -2.04 -14.18 25.32
CA GLY B 586 -0.77 -13.49 25.25
C GLY B 586 0.40 -14.41 24.91
N LEU B 587 0.26 -15.74 25.06
CA LEU B 587 1.37 -16.62 24.72
C LEU B 587 1.03 -17.28 23.38
N ASP B 588 1.15 -16.48 22.31
CA ASP B 588 0.56 -16.70 21.00
C ASP B 588 0.51 -18.18 20.62
N ASP B 589 1.67 -18.87 20.58
CA ASP B 589 1.74 -20.21 20.01
C ASP B 589 2.18 -21.26 21.04
N TYR B 590 1.99 -20.96 22.33
CA TYR B 590 2.27 -21.99 23.32
C TYR B 590 1.36 -23.18 23.05
N PRO B 591 1.90 -24.43 23.05
CA PRO B 591 1.10 -25.60 22.67
C PRO B 591 -0.06 -25.73 23.65
N ARG B 592 -1.27 -25.88 23.08
CA ARG B 592 -2.52 -26.04 23.79
C ARG B 592 -3.12 -27.38 23.37
N PRO B 593 -4.32 -27.80 23.86
CA PRO B 593 -4.88 -29.11 23.49
C PRO B 593 -5.21 -29.14 22.00
N GLN B 594 -4.85 -30.24 21.32
CA GLN B 594 -5.18 -30.42 19.90
C GLN B 594 -6.29 -31.46 19.74
N PRO B 595 -7.44 -31.13 19.13
CA PRO B 595 -7.67 -29.80 18.57
C PRO B 595 -8.16 -28.84 19.65
N PRO B 596 -8.35 -27.55 19.35
CA PRO B 596 -9.18 -26.69 20.19
C PRO B 596 -10.54 -27.36 20.29
N HIS B 597 -11.29 -27.06 21.36
CA HIS B 597 -12.49 -27.79 21.73
C HIS B 597 -13.19 -26.99 22.82
N PRO B 598 -14.54 -26.93 22.82
CA PRO B 598 -15.29 -26.16 23.82
C PRO B 598 -15.17 -26.71 25.24
N GLY B 599 -14.56 -27.90 25.36
CA GLY B 599 -14.33 -28.48 26.67
C GLY B 599 -12.92 -28.21 27.19
N GLU B 600 -12.13 -27.36 26.49
CA GLU B 600 -10.81 -26.98 27.01
C GLU B 600 -10.96 -26.20 28.30
N LEU B 601 -9.94 -26.32 29.15
CA LEU B 601 -9.79 -25.41 30.28
C LEU B 601 -8.34 -24.95 30.32
N HIS B 602 -8.15 -23.63 30.48
CA HIS B 602 -6.77 -23.15 30.48
C HIS B 602 -6.37 -22.76 31.91
N VAL B 603 -5.23 -23.27 32.37
CA VAL B 603 -4.86 -23.06 33.76
C VAL B 603 -4.33 -21.62 33.98
N ASP B 604 -3.74 -21.00 32.94
CA ASP B 604 -3.24 -19.65 33.08
C ASP B 604 -4.42 -18.72 33.30
N LEU B 605 -5.52 -19.03 32.61
CA LEU B 605 -6.64 -18.10 32.68
C LEU B 605 -7.32 -18.21 34.05
N MET B 606 -7.45 -19.45 34.56
CA MET B 606 -8.00 -19.57 35.89
C MET B 606 -7.08 -18.84 36.85
N SER B 607 -5.76 -19.04 36.72
CA SER B 607 -4.81 -18.30 37.54
C SER B 607 -5.08 -16.78 37.51
N TRP B 608 -5.32 -16.19 36.32
CA TRP B 608 -5.54 -14.74 36.22
C TRP B 608 -6.81 -14.36 36.97
N VAL B 609 -7.82 -15.24 36.94
CA VAL B 609 -9.03 -14.93 37.70
C VAL B 609 -8.71 -14.94 39.20
N GLY B 610 -7.78 -15.83 39.61
CA GLY B 610 -7.27 -15.82 40.97
C GLY B 610 -6.67 -14.46 41.33
N VAL B 611 -5.80 -13.93 40.45
CA VAL B 611 -5.17 -12.63 40.64
C VAL B 611 -6.26 -11.57 40.88
N MET B 612 -7.29 -11.58 40.03
CA MET B 612 -8.27 -10.53 40.07
C MET B 612 -9.02 -10.61 41.41
N VAL B 613 -9.43 -11.83 41.81
CA VAL B 613 -10.22 -11.96 43.02
C VAL B 613 -9.38 -11.54 44.23
N LYS B 614 -8.07 -11.85 44.23
CA LYS B 614 -7.22 -11.36 45.32
C LYS B 614 -7.16 -9.82 45.36
N SER B 615 -6.95 -9.17 44.20
CA SER B 615 -6.94 -7.70 44.18
C SER B 615 -8.24 -7.12 44.72
N LEU B 616 -9.37 -7.72 44.33
CA LEU B 616 -10.67 -7.18 44.69
C LEU B 616 -10.95 -7.39 46.18
N ILE B 617 -10.49 -8.51 46.75
CA ILE B 617 -10.53 -8.69 48.21
C ILE B 617 -9.84 -7.50 48.90
N SER B 618 -8.60 -7.17 48.49
CA SER B 618 -7.87 -6.07 49.11
C SER B 618 -8.61 -4.76 48.92
N ILE B 619 -8.99 -4.48 47.67
CA ILE B 619 -9.55 -3.17 47.37
C ILE B 619 -10.92 -3.08 48.05
N GLY B 620 -11.75 -4.12 47.86
CA GLY B 620 -13.05 -4.16 48.49
C GLY B 620 -12.90 -3.89 49.98
N SER B 621 -11.90 -4.53 50.59
CA SER B 621 -11.71 -4.40 52.01
C SER B 621 -11.29 -2.98 52.40
N LEU B 622 -10.50 -2.30 51.57
CA LEU B 622 -10.10 -0.91 51.83
C LEU B 622 -11.32 0.02 51.75
N LEU B 623 -12.31 -0.34 50.93
CA LEU B 623 -13.44 0.54 50.67
C LEU B 623 -14.63 0.19 51.56
N GLY B 624 -14.52 -0.89 52.34
CA GLY B 624 -15.58 -1.33 53.22
C GLY B 624 -16.72 -2.04 52.49
N ALA B 625 -16.41 -2.65 51.35
CA ALA B 625 -17.42 -3.39 50.61
C ALA B 625 -17.59 -4.80 51.20
N THR B 626 -18.09 -4.86 52.43
CA THR B 626 -18.13 -6.12 53.18
C THR B 626 -19.02 -7.13 52.44
N GLU B 627 -20.01 -6.60 51.72
CA GLU B 627 -20.96 -7.40 50.96
C GLU B 627 -20.23 -8.22 49.88
N ASP B 628 -19.29 -7.59 49.15
CA ASP B 628 -18.54 -8.22 48.08
C ASP B 628 -17.49 -9.19 48.61
N VAL B 629 -16.91 -8.85 49.77
CA VAL B 629 -15.78 -9.57 50.36
C VAL B 629 -16.16 -11.05 50.53
N GLU B 630 -17.38 -11.30 51.00
CA GLU B 630 -17.88 -12.65 51.21
C GLU B 630 -17.86 -13.44 49.90
N PHE B 631 -18.36 -12.83 48.81
CA PHE B 631 -18.46 -13.49 47.51
C PHE B 631 -17.06 -13.83 46.97
N TYR B 632 -16.14 -12.85 47.03
CA TYR B 632 -14.77 -12.99 46.55
C TYR B 632 -14.06 -14.13 47.28
N THR B 633 -14.32 -14.21 48.59
CA THR B 633 -13.73 -15.20 49.48
C THR B 633 -14.08 -16.61 49.00
N LYS B 634 -15.35 -16.80 48.63
CA LYS B 634 -15.85 -18.06 48.11
C LYS B 634 -15.23 -18.37 46.74
N VAL B 635 -15.05 -17.34 45.89
CA VAL B 635 -14.49 -17.61 44.58
C VAL B 635 -13.05 -18.08 44.75
N LEU B 636 -12.31 -17.40 45.64
CA LEU B 636 -10.88 -17.68 45.74
C LEU B 636 -10.70 -19.10 46.28
N ASP B 637 -11.46 -19.44 47.32
CA ASP B 637 -11.46 -20.81 47.84
C ASP B 637 -11.73 -21.83 46.72
N ALA B 638 -12.70 -21.53 45.84
CA ALA B 638 -13.12 -22.47 44.81
C ALA B 638 -12.03 -22.60 43.76
N ILE B 639 -11.34 -21.48 43.50
CA ILE B 639 -10.28 -21.53 42.50
C ILE B 639 -9.11 -22.35 43.02
N GLU B 640 -8.74 -22.15 44.30
CA GLU B 640 -7.59 -22.85 44.89
C GLU B 640 -7.79 -24.37 44.80
N HIS B 641 -9.02 -24.82 45.00
CA HIS B 641 -9.32 -26.25 44.91
C HIS B 641 -9.33 -26.73 43.46
N ASN B 642 -10.05 -25.99 42.61
CA ASN B 642 -10.25 -26.39 41.21
C ASN B 642 -8.92 -26.40 40.46
N LEU B 643 -7.98 -25.54 40.84
CA LEU B 643 -6.65 -25.56 40.24
C LEU B 643 -6.08 -26.97 40.39
N ASP B 644 -6.24 -27.55 41.60
CA ASP B 644 -5.74 -28.89 41.86
C ASP B 644 -6.58 -29.94 41.13
N ASP B 645 -7.90 -29.85 41.31
CA ASP B 645 -8.82 -30.85 40.81
C ASP B 645 -8.73 -30.95 39.29
N LEU B 646 -8.79 -29.79 38.60
CA LEU B 646 -8.91 -29.74 37.14
C LEU B 646 -7.55 -29.69 36.44
N HIS B 647 -6.48 -29.21 37.10
CA HIS B 647 -5.29 -28.81 36.34
C HIS B 647 -4.00 -29.49 36.81
N TRP B 648 -3.99 -30.09 38.01
CA TRP B 648 -2.75 -30.64 38.57
C TRP B 648 -2.52 -32.05 38.03
N SER B 649 -1.28 -32.34 37.60
CA SER B 649 -0.87 -33.66 37.15
C SER B 649 0.19 -34.23 38.08
N GLU B 650 -0.18 -35.29 38.82
CA GLU B 650 0.77 -35.97 39.69
C GLU B 650 1.90 -36.61 38.87
N LYS B 651 1.54 -37.27 37.76
CA LYS B 651 2.52 -37.91 36.88
C LYS B 651 3.59 -36.93 36.43
N GLU B 652 3.19 -35.66 36.13
CA GLU B 652 4.13 -34.74 35.50
C GLU B 652 4.81 -33.81 36.50
N GLY B 653 4.23 -33.69 37.70
CA GLY B 653 4.75 -32.76 38.69
C GLY B 653 4.55 -31.28 38.29
N CYS B 654 3.34 -30.94 37.78
CA CYS B 654 3.08 -29.59 37.28
C CYS B 654 1.60 -29.42 36.97
N TYR B 655 1.19 -28.17 36.71
CA TYR B 655 -0.15 -27.86 36.22
C TYR B 655 -0.16 -27.99 34.69
N CYS B 656 -1.37 -28.27 34.16
CA CYS B 656 -1.63 -28.61 32.77
C CYS B 656 -2.97 -28.00 32.38
N ASP B 657 -3.11 -27.58 31.11
CA ASP B 657 -4.44 -27.33 30.52
C ASP B 657 -5.21 -28.66 30.48
N ALA B 658 -6.53 -28.60 30.30
CA ALA B 658 -7.34 -29.82 30.23
C ALA B 658 -8.19 -29.76 28.97
N THR B 659 -8.62 -30.93 28.48
CA THR B 659 -9.67 -30.94 27.46
C THR B 659 -10.64 -32.08 27.71
N ILE B 660 -11.60 -32.21 26.79
CA ILE B 660 -12.31 -33.43 26.52
C ILE B 660 -11.69 -34.08 25.28
N ASP B 661 -11.35 -35.39 25.37
CA ASP B 661 -10.59 -36.02 24.30
C ASP B 661 -11.51 -36.74 23.31
N GLU B 662 -10.90 -37.50 22.37
CA GLU B 662 -11.55 -38.27 21.31
C GLU B 662 -12.68 -39.14 21.87
N PHE B 663 -12.48 -39.68 23.08
CA PHE B 663 -13.43 -40.62 23.67
C PHE B 663 -14.31 -39.91 24.70
N GLU B 664 -14.43 -38.57 24.60
CA GLU B 664 -15.22 -37.76 25.54
C GLU B 664 -14.69 -37.81 26.98
N GLU B 665 -13.37 -37.99 27.17
CA GLU B 665 -12.84 -38.06 28.52
C GLU B 665 -12.14 -36.75 28.92
N HIS B 666 -12.28 -36.35 30.19
CA HIS B 666 -11.41 -35.34 30.77
C HIS B 666 -9.95 -35.80 30.72
N LYS B 667 -9.12 -34.96 30.11
CA LYS B 667 -7.72 -35.28 29.84
C LYS B 667 -6.87 -34.03 30.07
N LEU B 668 -5.81 -34.20 30.85
CA LEU B 668 -4.84 -33.14 31.05
C LEU B 668 -3.92 -33.15 29.83
N VAL B 669 -3.53 -31.96 29.35
CA VAL B 669 -2.59 -31.91 28.25
C VAL B 669 -1.35 -31.15 28.72
N CYS B 670 -0.28 -31.89 29.01
CA CYS B 670 0.85 -31.27 29.68
C CYS B 670 1.93 -30.87 28.68
N HIS B 671 2.31 -29.60 28.74
CA HIS B 671 3.49 -29.18 28.02
C HIS B 671 4.31 -28.34 28.96
N LYS B 672 5.42 -28.89 29.43
CA LYS B 672 6.16 -28.26 30.51
C LYS B 672 6.82 -27.00 29.97
N GLY B 673 6.54 -25.89 30.66
CA GLY B 673 6.90 -24.55 30.22
C GLY B 673 6.13 -23.52 31.06
N TYR B 674 5.98 -22.29 30.52
CA TYR B 674 5.46 -21.19 31.32
C TYR B 674 4.08 -21.51 31.86
N ILE B 675 3.22 -22.11 31.03
CA ILE B 675 1.83 -22.34 31.42
C ILE B 675 1.77 -23.27 32.64
N SER B 676 2.71 -24.22 32.70
CA SER B 676 2.76 -25.27 33.70
C SER B 676 2.98 -24.66 35.08
N LEU B 677 3.45 -23.40 35.08
CA LEU B 677 3.93 -22.73 36.29
C LEU B 677 2.93 -21.72 36.79
N PHE B 678 1.82 -21.51 36.07
CA PHE B 678 0.97 -20.35 36.24
C PHE B 678 0.52 -20.06 37.67
N PRO B 679 -0.06 -21.05 38.41
CA PRO B 679 -0.48 -20.78 39.79
C PRO B 679 0.64 -20.22 40.66
N PHE B 680 1.87 -20.65 40.38
CA PHE B 680 3.02 -20.12 41.09
C PHE B 680 3.30 -18.66 40.64
N LEU B 681 3.39 -18.46 39.31
CA LEU B 681 3.74 -17.16 38.74
C LEU B 681 2.79 -16.05 39.19
N THR B 682 1.54 -16.40 39.50
CA THR B 682 0.51 -15.43 39.80
C THR B 682 0.36 -15.30 41.31
N GLY B 683 1.12 -16.12 42.05
CA GLY B 683 1.20 -15.97 43.49
C GLY B 683 0.04 -16.64 44.22
N LEU B 684 -0.52 -17.72 43.63
CA LEU B 684 -1.67 -18.39 44.22
C LEU B 684 -1.27 -19.50 45.20
N LEU B 685 0.02 -19.88 45.26
CA LEU B 685 0.43 -21.07 46.00
C LEU B 685 0.97 -20.66 47.36
N LYS B 686 0.55 -21.37 48.42
CA LYS B 686 1.06 -21.09 49.75
C LYS B 686 2.51 -21.59 49.84
N PRO B 687 3.41 -20.99 50.67
CA PRO B 687 4.78 -21.48 50.78
C PRO B 687 4.96 -22.90 51.34
N ASP B 688 3.92 -23.47 51.92
CA ASP B 688 4.02 -24.85 52.38
C ASP B 688 3.37 -25.82 51.40
N SER B 689 3.08 -25.39 50.15
CA SER B 689 2.37 -26.25 49.21
C SER B 689 3.31 -27.31 48.67
N PRO B 690 2.96 -28.61 48.78
CA PRO B 690 3.80 -29.64 48.17
C PRO B 690 3.89 -29.48 46.65
N LYS B 691 2.92 -28.77 46.07
CA LYS B 691 2.93 -28.53 44.64
C LYS B 691 4.00 -27.50 44.32
N LEU B 692 4.20 -26.55 45.23
CA LEU B 692 5.18 -25.51 45.02
C LEU B 692 6.58 -26.11 44.91
N GLY B 693 6.89 -27.07 45.80
CA GLY B 693 8.18 -27.76 45.75
C GLY B 693 8.46 -28.46 44.42
N LYS B 694 7.41 -29.08 43.83
CA LYS B 694 7.53 -29.78 42.56
C LYS B 694 7.74 -28.81 41.40
N LEU B 695 7.13 -27.62 41.49
CA LEU B 695 7.29 -26.60 40.47
C LEU B 695 8.68 -25.97 40.55
N LEU B 696 9.19 -25.77 41.79
CA LEU B 696 10.52 -25.24 41.98
C LEU B 696 11.55 -26.21 41.38
N ALA B 697 11.28 -27.52 41.47
CA ALA B 697 12.24 -28.49 40.96
C ALA B 697 12.31 -28.42 39.43
N LEU B 698 11.14 -28.25 38.79
CA LEU B 698 11.00 -28.11 37.35
C LEU B 698 11.74 -26.86 36.87
N ILE B 699 11.55 -25.76 37.62
CA ILE B 699 12.09 -24.46 37.27
C ILE B 699 13.61 -24.55 37.28
N GLY B 700 14.15 -25.26 38.30
CA GLY B 700 15.60 -25.31 38.46
C GLY B 700 16.27 -26.36 37.57
N ASP B 701 15.46 -27.11 36.80
CA ASP B 701 15.92 -28.28 36.06
C ASP B 701 16.54 -27.87 34.72
N GLU B 702 17.88 -28.03 34.61
CA GLU B 702 18.65 -27.57 33.46
C GLU B 702 18.22 -28.30 32.19
N SER B 703 17.65 -29.50 32.36
CA SER B 703 17.24 -30.32 31.23
C SER B 703 15.85 -29.93 30.75
N GLU B 704 15.17 -29.06 31.52
CA GLU B 704 13.78 -28.71 31.22
C GLU B 704 13.68 -27.21 30.93
N LEU B 705 13.68 -26.39 31.99
CA LEU B 705 13.31 -24.99 31.88
C LEU B 705 14.49 -24.05 32.11
N TRP B 706 15.51 -24.50 32.86
CA TRP B 706 16.60 -23.65 33.31
C TRP B 706 17.73 -23.57 32.30
N SER B 707 17.76 -22.46 31.53
CA SER B 707 18.82 -22.12 30.59
C SER B 707 19.82 -21.22 31.31
N PRO B 708 21.06 -21.07 30.78
CA PRO B 708 22.00 -20.11 31.35
C PRO B 708 21.50 -18.65 31.30
N TYR B 709 20.40 -18.42 30.57
CA TYR B 709 19.98 -17.06 30.22
C TYR B 709 18.61 -16.72 30.80
N GLY B 710 18.02 -17.68 31.53
CA GLY B 710 16.73 -17.46 32.15
C GLY B 710 15.83 -18.66 31.87
N LEU B 711 14.56 -18.61 32.31
CA LEU B 711 13.65 -19.72 32.11
C LEU B 711 13.17 -19.73 30.67
N ARG B 712 13.31 -20.92 30.04
CA ARG B 712 12.78 -21.25 28.72
C ARG B 712 11.25 -21.25 28.76
N SER B 713 10.61 -20.74 27.70
CA SER B 713 9.15 -20.63 27.67
C SER B 713 8.51 -22.02 27.56
N LEU B 714 9.26 -22.93 26.94
CA LEU B 714 8.88 -24.32 26.75
C LEU B 714 10.11 -25.18 27.00
N SER B 715 9.90 -26.36 27.61
CA SER B 715 10.95 -27.29 28.01
C SER B 715 11.66 -27.89 26.79
N LYS B 716 12.99 -28.04 26.89
CA LYS B 716 13.79 -28.75 25.89
C LYS B 716 13.15 -30.11 25.58
N LYS B 717 12.55 -30.74 26.61
CA LYS B 717 12.04 -32.09 26.50
C LYS B 717 10.66 -32.16 25.86
N ASP B 718 9.97 -31.02 25.71
CA ASP B 718 8.64 -31.10 25.13
C ASP B 718 8.78 -31.30 23.62
N GLU B 719 7.78 -32.01 23.05
CA GLU B 719 7.86 -32.42 21.67
C GLU B 719 7.74 -31.21 20.75
N PHE B 720 7.24 -30.08 21.29
CA PHE B 720 7.01 -28.89 20.48
C PHE B 720 8.14 -27.87 20.58
N TYR B 721 9.21 -28.24 21.28
CA TYR B 721 10.32 -27.34 21.50
C TYR B 721 10.98 -26.96 20.17
N GLY B 722 11.09 -25.66 19.90
CA GLY B 722 11.74 -25.14 18.70
C GLY B 722 10.88 -25.15 17.43
N THR B 723 9.64 -25.66 17.49
CA THR B 723 8.82 -25.90 16.32
C THR B 723 8.06 -24.65 15.84
N ALA B 724 7.67 -24.67 14.56
CA ALA B 724 6.83 -23.66 13.88
C ALA B 724 7.42 -22.24 14.03
N GLU B 725 6.59 -21.29 14.48
CA GLU B 725 7.06 -19.92 14.60
C GLU B 725 8.03 -19.82 15.77
N ASN B 726 7.97 -20.77 16.70
CA ASN B 726 8.90 -20.86 17.82
C ASN B 726 8.90 -19.55 18.62
N TYR B 727 7.70 -19.00 18.85
CA TYR B 727 7.54 -17.69 19.47
C TYR B 727 7.58 -17.86 21.00
N TRP B 728 6.75 -18.75 21.50
CA TRP B 728 6.67 -19.06 22.95
C TRP B 728 6.96 -20.55 23.13
N ARG B 729 7.73 -21.12 22.22
CA ARG B 729 8.02 -22.57 22.25
C ARG B 729 9.46 -22.92 22.63
N SER B 730 10.28 -21.96 23.09
CA SER B 730 11.66 -22.17 23.60
C SER B 730 12.23 -20.89 24.20
N PRO B 731 12.02 -19.73 23.58
CA PRO B 731 12.70 -18.51 23.97
C PRO B 731 12.45 -17.94 25.37
N VAL B 732 13.39 -17.15 25.85
CA VAL B 732 13.32 -16.53 27.16
C VAL B 732 12.56 -15.22 27.07
N TRP B 733 11.39 -15.14 27.73
CA TRP B 733 10.66 -13.88 27.77
C TRP B 733 10.82 -13.18 29.11
N ILE B 734 10.92 -11.85 29.08
CA ILE B 734 11.36 -11.15 30.28
C ILE B 734 10.18 -10.96 31.26
N ASN B 735 8.95 -10.85 30.74
CA ASN B 735 7.78 -10.59 31.58
C ASN B 735 7.47 -11.81 32.47
N ILE B 736 7.51 -13.01 31.90
CA ILE B 736 7.27 -14.20 32.68
C ILE B 736 8.45 -14.42 33.61
N ASN B 737 9.68 -14.19 33.11
CA ASN B 737 10.83 -14.33 34.01
C ASN B 737 10.71 -13.40 35.22
N TYR B 738 10.28 -12.16 34.97
CA TYR B 738 10.00 -11.21 36.03
C TYR B 738 9.04 -11.79 37.08
N LEU B 739 7.92 -12.35 36.62
CA LEU B 739 6.96 -12.93 37.55
C LEU B 739 7.62 -14.01 38.42
N ALA B 740 8.40 -14.91 37.79
CA ALA B 740 9.08 -16.00 38.48
C ALA B 740 9.98 -15.43 39.58
N ILE B 741 10.74 -14.39 39.19
CA ILE B 741 11.73 -13.80 40.05
C ILE B 741 11.03 -13.26 41.30
N VAL B 742 9.91 -12.56 41.07
CA VAL B 742 9.17 -11.91 42.13
C VAL B 742 8.63 -12.98 43.08
N GLN B 743 8.10 -14.10 42.52
CA GLN B 743 7.47 -15.11 43.36
C GLN B 743 8.54 -15.90 44.13
N LEU B 744 9.66 -16.24 43.47
CA LEU B 744 10.82 -16.84 44.13
C LEU B 744 11.24 -15.98 45.33
N TYR B 745 11.34 -14.67 45.14
CA TYR B 745 11.75 -13.75 46.20
C TYR B 745 10.82 -13.87 47.41
N ASN B 746 9.51 -13.97 47.13
CA ASN B 746 8.47 -14.02 48.13
C ASN B 746 8.62 -15.30 48.97
N ILE B 747 8.95 -16.43 48.34
CA ILE B 747 9.16 -17.66 49.09
C ILE B 747 10.49 -17.61 49.85
N ALA B 748 11.49 -16.92 49.31
CA ALA B 748 12.81 -16.88 49.92
C ALA B 748 12.81 -16.03 51.19
N THR B 749 11.71 -15.32 51.49
CA THR B 749 11.70 -14.33 52.56
C THR B 749 10.67 -14.66 53.63
N GLN B 750 10.25 -15.92 53.69
CA GLN B 750 9.37 -16.36 54.76
C GLN B 750 9.67 -17.83 55.09
N ASP B 751 9.21 -18.25 56.27
CA ASP B 751 9.52 -19.56 56.82
C ASP B 751 8.85 -20.63 55.97
N GLY B 752 9.59 -21.70 55.68
CA GLY B 752 8.99 -22.87 55.05
C GLY B 752 10.02 -23.81 54.43
N PRO B 753 9.62 -25.04 54.03
CA PRO B 753 10.60 -26.03 53.58
C PRO B 753 11.36 -25.60 52.33
N TYR B 754 10.78 -24.64 51.56
CA TYR B 754 11.41 -24.29 50.28
C TYR B 754 12.09 -22.92 50.31
N LYS B 755 12.17 -22.31 51.51
CA LYS B 755 12.78 -20.99 51.63
C LYS B 755 14.15 -20.98 50.93
N GLU B 756 14.99 -21.95 51.28
CA GLU B 756 16.35 -22.03 50.79
C GLU B 756 16.40 -22.35 49.29
N THR B 757 15.52 -23.23 48.82
CA THR B 757 15.48 -23.49 47.39
C THR B 757 15.13 -22.20 46.64
N ALA B 758 14.16 -21.45 47.15
CA ALA B 758 13.77 -20.21 46.51
C ALA B 758 14.89 -19.16 46.55
N ARG B 759 15.61 -18.99 47.69
CA ARG B 759 16.71 -18.04 47.79
C ARG B 759 17.69 -18.28 46.64
N ASP B 760 18.06 -19.56 46.46
CA ASP B 760 19.08 -19.96 45.50
C ASP B 760 18.60 -19.67 44.07
N LEU B 761 17.39 -20.11 43.74
CA LEU B 761 16.88 -19.90 42.39
C LEU B 761 16.68 -18.41 42.13
N TYR B 762 16.22 -17.67 43.15
CA TYR B 762 16.07 -16.25 43.02
C TYR B 762 17.40 -15.62 42.59
N THR B 763 18.47 -15.87 43.37
CA THR B 763 19.77 -15.24 43.17
C THR B 763 20.29 -15.58 41.78
N ARG B 764 20.12 -16.85 41.42
CA ARG B 764 20.68 -17.32 40.17
C ARG B 764 19.87 -16.74 38.99
N LEU B 765 18.52 -16.80 39.08
CA LEU B 765 17.71 -16.39 37.94
C LEU B 765 17.85 -14.87 37.71
N ARG B 766 17.83 -14.10 38.81
CA ARG B 766 17.99 -12.66 38.71
C ARG B 766 19.26 -12.35 37.92
N LYS B 767 20.39 -12.97 38.33
CA LYS B 767 21.70 -12.78 37.71
C LYS B 767 21.65 -13.21 36.24
N ASN B 768 21.03 -14.35 35.95
CA ASN B 768 20.95 -14.78 34.56
C ASN B 768 20.20 -13.76 33.70
N ILE B 769 19.02 -13.32 34.18
CA ILE B 769 18.14 -12.48 33.36
C ILE B 769 18.81 -11.14 33.14
N VAL B 770 19.26 -10.49 34.22
CA VAL B 770 19.85 -9.17 34.14
C VAL B 770 21.05 -9.21 33.19
N GLU B 771 21.89 -10.23 33.33
CA GLU B 771 23.10 -10.38 32.54
C GLU B 771 22.75 -10.57 31.07
N THR B 772 21.77 -11.42 30.76
CA THR B 772 21.50 -11.62 29.35
C THR B 772 20.94 -10.35 28.70
N VAL B 773 20.06 -9.62 29.39
CA VAL B 773 19.51 -8.39 28.81
C VAL B 773 20.61 -7.34 28.77
N TYR B 774 21.42 -7.27 29.84
CA TYR B 774 22.52 -6.32 29.86
C TYR B 774 23.50 -6.56 28.70
N ARG B 775 23.97 -7.80 28.53
CA ARG B 775 25.04 -8.10 27.61
C ARG B 775 24.60 -7.75 26.18
N ASN B 776 23.32 -8.01 25.88
CA ASN B 776 22.74 -7.74 24.58
C ASN B 776 22.62 -6.22 24.32
N TRP B 777 22.29 -5.45 25.35
CA TRP B 777 22.18 -4.02 25.22
C TRP B 777 23.55 -3.37 25.05
N GLU B 778 24.57 -3.94 25.70
CA GLU B 778 25.91 -3.40 25.51
C GLU B 778 26.39 -3.71 24.09
N GLU B 779 26.05 -4.90 23.59
CA GLU B 779 26.51 -5.29 22.28
C GLU B 779 25.73 -4.61 21.15
N THR B 780 24.41 -4.52 21.27
CA THR B 780 23.57 -4.06 20.13
C THR B 780 22.91 -2.71 20.38
N GLY B 781 22.83 -2.27 21.63
CA GLY B 781 22.16 -1.01 21.97
C GLY B 781 20.66 -1.15 22.07
N PHE B 782 20.14 -2.38 21.98
CA PHE B 782 18.69 -2.61 21.95
C PHE B 782 18.21 -3.54 23.07
N ALA B 783 16.98 -3.27 23.48
CA ALA B 783 16.22 -4.19 24.33
C ALA B 783 15.55 -5.13 23.32
N TRP B 784 15.55 -6.42 23.58
CA TRP B 784 14.96 -7.34 22.59
C TRP B 784 13.65 -7.89 23.10
N GLU B 785 12.79 -8.32 22.18
CA GLU B 785 11.48 -8.86 22.51
C GLU B 785 11.63 -10.18 23.27
N GLN B 786 12.65 -10.99 22.92
CA GLN B 786 12.91 -12.24 23.60
C GLN B 786 14.38 -12.62 23.44
N TYR B 787 14.81 -13.68 24.11
CA TYR B 787 16.22 -14.05 24.12
C TYR B 787 16.38 -15.53 23.79
N ASN B 788 17.43 -15.79 23.01
CA ASN B 788 17.75 -17.15 22.61
C ASN B 788 18.11 -17.94 23.87
N PRO B 789 17.51 -19.14 24.07
CA PRO B 789 17.88 -20.02 25.18
C PRO B 789 19.22 -20.76 25.05
N GLU B 790 19.66 -21.02 23.81
CA GLU B 790 20.95 -21.64 23.54
C GLU B 790 22.11 -20.65 23.69
N THR B 791 21.96 -19.43 23.12
CA THR B 791 23.11 -18.55 22.93
C THR B 791 23.00 -17.27 23.77
N GLY B 792 21.76 -16.91 24.12
CA GLY B 792 21.52 -15.70 24.88
C GLY B 792 21.21 -14.48 24.00
N LYS B 793 21.37 -14.59 22.67
CA LYS B 793 21.24 -13.45 21.77
C LYS B 793 19.81 -12.92 21.75
N GLY B 794 19.66 -11.59 21.83
CA GLY B 794 18.42 -10.89 21.50
C GLY B 794 17.87 -11.31 20.14
N GLN B 795 16.56 -11.51 20.09
CA GLN B 795 15.92 -12.24 18.99
C GLN B 795 14.54 -11.63 18.77
N ARG B 796 13.90 -11.91 17.62
CA ARG B 796 12.72 -11.17 17.21
C ARG B 796 13.02 -9.66 17.19
N THR B 797 12.03 -8.86 17.59
CA THR B 797 11.95 -7.41 17.46
C THR B 797 12.90 -6.66 18.40
N GLN B 798 13.57 -5.62 17.87
CA GLN B 798 14.37 -4.70 18.67
C GLN B 798 13.47 -3.58 19.17
N HIS B 799 14.03 -2.69 20.01
CA HIS B 799 13.32 -1.56 20.61
C HIS B 799 12.12 -1.99 21.46
N PHE B 800 12.19 -3.17 22.09
CA PHE B 800 11.06 -3.68 22.84
C PHE B 800 11.06 -3.12 24.27
N THR B 801 10.61 -1.87 24.44
CA THR B 801 10.56 -1.30 25.77
C THR B 801 9.16 -0.72 25.99
N GLY B 802 8.14 -1.56 26.18
CA GLY B 802 8.22 -3.02 26.14
C GLY B 802 8.57 -3.59 27.51
N TRP B 803 8.01 -4.75 27.84
CA TRP B 803 8.23 -5.28 29.18
C TRP B 803 9.67 -5.72 29.42
N THR B 804 10.54 -5.75 28.40
CA THR B 804 11.93 -6.09 28.66
C THR B 804 12.56 -5.13 29.68
N SER B 805 12.04 -3.91 29.72
CA SER B 805 12.48 -2.90 30.65
C SER B 805 12.16 -3.25 32.11
N LEU B 806 11.46 -4.37 32.36
CA LEU B 806 11.24 -4.82 33.74
C LEU B 806 12.59 -5.05 34.45
N VAL B 807 13.63 -5.31 33.66
CA VAL B 807 14.97 -5.55 34.16
C VAL B 807 15.39 -4.47 35.16
N VAL B 808 14.86 -3.25 35.02
CA VAL B 808 15.25 -2.19 35.94
C VAL B 808 14.79 -2.54 37.35
N LYS B 809 13.57 -3.10 37.48
CA LYS B 809 13.09 -3.47 38.80
C LYS B 809 13.82 -4.73 39.24
N ILE B 810 14.15 -5.63 38.30
CA ILE B 810 14.86 -6.83 38.73
C ILE B 810 16.17 -6.43 39.43
N MET B 811 16.83 -5.39 38.91
CA MET B 811 18.10 -4.94 39.49
C MET B 811 17.88 -4.28 40.85
N SER B 812 16.71 -3.68 41.05
CA SER B 812 16.40 -2.83 42.20
C SER B 812 16.06 -3.65 43.45
N GLY B 813 15.55 -4.87 43.28
CA GLY B 813 15.19 -5.77 44.37
C GLY B 813 13.76 -5.52 44.87
N HIS B 814 13.23 -6.42 45.73
CA HIS B 814 11.82 -6.33 46.07
C HIS B 814 11.63 -5.89 47.53
#